data_2EJW
#
_entry.id   2EJW
#
_cell.length_a   165.439
_cell.length_b   173.603
_cell.length_c   97.123
_cell.angle_alpha   90.00
_cell.angle_beta   90.00
_cell.angle_gamma   90.00
#
_symmetry.space_group_name_H-M   'C 2 2 2'
#
loop_
_entity.id
_entity.type
_entity.pdbx_description
1 polymer 'Homoserine dehydrogenase'
2 non-polymer 'MAGNESIUM ION'
3 non-polymer 'NITRATE ION'
4 non-polymer GLYCEROL
5 water water
#
_entity_poly.entity_id   1
_entity_poly.type   'polypeptide(L)'
_entity_poly.pdbx_seq_one_letter_code
;MEALKIALLGGGTVGSAFYNLVLERAEELSAFGVVPRFLGVLVRDPRKPRAIPQELLRAEPFDLLEADLVVEAMGGVEAP
LRLVLPALEAGIPLITANKALLAEAWESLRPFAEEGLIYHEASVMAGTPALSFLETLRGSELLELHGILNGTTLYILQEM
EKGRTYAEALLEAQRLGYAEADPTLDVEGIDAAHKLTLLARLLVDPGFPFAEVEAQGIARLTPEVLQKAEARGERVRLVA
SLFGEGGRWRAAVAPRRLPQDHPLARARGNALWVRARPLGEAFVTGPGAGGGATASGLFADLLRFLSGAPGHLPAPRARP
PLEEGSPWPGVE
;
_entity_poly.pdbx_strand_id   A,B,E,F
#
loop_
_chem_comp.id
_chem_comp.type
_chem_comp.name
_chem_comp.formula
GOL non-polymer GLYCEROL 'C3 H8 O3'
MG non-polymer 'MAGNESIUM ION' 'Mg 2'
NO3 non-polymer 'NITRATE ION' 'N O3 -1'
#
# COMPACT_ATOMS: atom_id res chain seq x y z
N MET A 1 13.60 24.79 38.95
CA MET A 1 14.74 24.36 38.09
C MET A 1 16.04 24.17 38.87
N GLU A 2 17.05 23.67 38.19
CA GLU A 2 18.35 23.44 38.82
C GLU A 2 19.44 24.06 37.99
N ALA A 3 20.67 24.03 38.51
CA ALA A 3 21.80 24.58 37.77
C ALA A 3 22.60 23.42 37.17
N LEU A 4 23.27 23.69 36.05
CA LEU A 4 24.13 22.68 35.42
C LEU A 4 25.52 23.29 35.52
N LYS A 5 26.21 22.96 36.61
CA LYS A 5 27.53 23.50 36.87
C LYS A 5 28.57 22.73 36.07
N ILE A 6 29.37 23.47 35.31
CA ILE A 6 30.39 22.86 34.48
C ILE A 6 31.79 23.31 34.82
N ALA A 7 32.70 22.35 34.99
CA ALA A 7 34.10 22.65 35.25
C ALA A 7 34.77 22.29 33.91
N LEU A 8 35.39 23.27 33.28
CA LEU A 8 36.05 23.06 31.99
C LEU A 8 37.55 22.99 32.13
N LEU A 9 38.13 21.91 31.64
CA LEU A 9 39.58 21.73 31.70
C LEU A 9 40.08 21.90 30.27
N GLY A 10 40.80 23.00 30.04
CA GLY A 10 41.32 23.29 28.71
C GLY A 10 40.63 24.53 28.18
N GLY A 11 41.41 25.58 27.96
CA GLY A 11 40.85 26.82 27.45
C GLY A 11 41.36 27.11 26.05
N GLY A 12 41.79 26.06 25.36
CA GLY A 12 42.31 26.19 24.01
C GLY A 12 41.26 26.34 22.93
N THR A 13 41.63 26.01 21.69
CA THR A 13 40.71 26.13 20.58
C THR A 13 39.39 25.39 20.83
N VAL A 14 39.47 24.17 21.35
CA VAL A 14 38.27 23.40 21.63
C VAL A 14 37.54 23.93 22.85
N GLY A 15 38.29 24.18 23.92
CA GLY A 15 37.70 24.69 25.14
C GLY A 15 36.93 25.98 24.92
N SER A 16 37.54 26.89 24.15
CA SER A 16 36.93 28.17 23.86
C SER A 16 35.67 28.00 23.02
N ALA A 17 35.73 27.11 22.03
CA ALA A 17 34.57 26.86 21.17
C ALA A 17 33.43 26.26 21.98
N PHE A 18 33.75 25.35 22.88
CA PHE A 18 32.72 24.71 23.69
C PHE A 18 32.08 25.72 24.66
N TYR A 19 32.92 26.56 25.26
CA TYR A 19 32.44 27.57 26.20
C TYR A 19 31.43 28.49 25.53
N ASN A 20 31.78 28.99 24.35
CA ASN A 20 30.89 29.89 23.64
C ASN A 20 29.67 29.21 23.04
N LEU A 21 29.80 27.94 22.69
CA LEU A 21 28.66 27.21 22.15
C LEU A 21 27.62 27.06 23.26
N VAL A 22 28.09 26.72 24.47
CA VAL A 22 27.18 26.56 25.61
C VAL A 22 26.45 27.86 25.90
N LEU A 23 27.16 28.99 25.84
CA LEU A 23 26.53 30.28 26.10
C LEU A 23 25.52 30.62 25.00
N GLU A 24 25.88 30.33 23.75
CA GLU A 24 25.01 30.61 22.61
C GLU A 24 23.71 29.81 22.67
N ARG A 25 23.79 28.58 23.16
CA ARG A 25 22.61 27.71 23.23
C ARG A 25 22.14 27.41 24.65
N ALA A 26 22.51 28.25 25.60
CA ALA A 26 22.14 28.05 27.01
C ALA A 26 20.64 27.97 27.29
N GLU A 27 19.88 28.85 26.67
CA GLU A 27 18.44 28.90 26.89
C GLU A 27 17.80 27.56 26.49
N GLU A 28 18.37 26.89 25.48
CA GLU A 28 17.89 25.60 25.03
C GLU A 28 17.88 24.57 26.14
N LEU A 29 18.86 24.67 27.03
CA LEU A 29 18.97 23.72 28.12
C LEU A 29 17.82 23.83 29.12
N SER A 30 17.08 24.94 29.05
CA SER A 30 15.92 25.12 29.95
C SER A 30 14.92 24.01 29.66
N ALA A 31 14.98 23.47 28.45
CA ALA A 31 14.09 22.38 28.05
C ALA A 31 14.36 21.15 28.91
N PHE A 32 15.52 21.12 29.57
CA PHE A 32 15.86 20.01 30.45
C PHE A 32 15.80 20.41 31.92
N GLY A 33 15.26 21.60 32.17
CA GLY A 33 15.11 22.09 33.54
C GLY A 33 16.39 22.56 34.20
N VAL A 34 17.37 22.96 33.41
CA VAL A 34 18.65 23.43 33.94
C VAL A 34 19.12 24.74 33.34
N VAL A 35 20.02 25.40 34.07
CA VAL A 35 20.60 26.68 33.65
C VAL A 35 22.10 26.48 33.77
N PRO A 36 22.82 26.53 32.64
CA PRO A 36 24.27 26.33 32.71
C PRO A 36 25.08 27.47 33.30
N ARG A 37 26.13 27.09 34.01
CA ARG A 37 27.05 28.04 34.62
C ARG A 37 28.41 27.39 34.70
N PHE A 38 29.45 28.10 34.28
CA PHE A 38 30.80 27.55 34.36
C PHE A 38 31.40 27.94 35.69
N LEU A 39 31.99 26.96 36.38
CA LEU A 39 32.60 27.20 37.67
C LEU A 39 34.00 27.77 37.47
N GLY A 40 34.63 27.39 36.37
CA GLY A 40 35.97 27.87 36.08
C GLY A 40 36.52 27.16 34.86
N VAL A 41 37.56 27.73 34.24
CA VAL A 41 38.18 27.13 33.07
C VAL A 41 39.68 27.03 33.32
N LEU A 42 40.19 25.80 33.40
CA LEU A 42 41.61 25.58 33.63
C LEU A 42 42.38 25.85 32.34
N VAL A 43 43.41 26.69 32.44
CA VAL A 43 44.21 27.05 31.29
C VAL A 43 45.70 27.06 31.65
N ARG A 44 46.55 27.03 30.64
CA ARG A 44 47.99 27.04 30.88
C ARG A 44 48.44 28.44 31.32
N ASP A 45 47.93 29.48 30.66
CA ASP A 45 48.27 30.86 31.02
C ASP A 45 47.14 31.86 30.73
N PRO A 46 46.46 32.34 31.78
CA PRO A 46 45.36 33.30 31.62
C PRO A 46 45.74 34.66 31.05
N ARG A 47 47.04 34.89 30.85
CA ARG A 47 47.49 36.17 30.33
C ARG A 47 47.28 36.26 28.82
N LYS A 48 47.20 35.11 28.15
CA LYS A 48 47.02 35.10 26.70
C LYS A 48 45.62 35.50 26.26
N PRO A 49 45.48 35.92 24.99
CA PRO A 49 44.17 36.32 24.47
C PRO A 49 43.28 35.10 24.35
N ARG A 50 42.08 35.16 24.91
CA ARG A 50 41.15 34.03 24.90
C ARG A 50 39.71 34.53 24.85
N ALA A 51 38.85 33.83 24.10
CA ALA A 51 37.44 34.23 24.01
C ALA A 51 36.63 33.74 25.20
N ILE A 52 37.25 33.74 26.37
CA ILE A 52 36.60 33.34 27.61
C ILE A 52 36.94 34.43 28.62
N PRO A 53 35.96 34.90 29.40
CA PRO A 53 36.19 35.95 30.39
C PRO A 53 37.36 35.64 31.33
N GLN A 54 38.25 36.61 31.46
CA GLN A 54 39.41 36.48 32.32
C GLN A 54 39.10 35.95 33.73
N GLU A 55 38.03 36.48 34.33
CA GLU A 55 37.65 36.09 35.69
C GLU A 55 37.34 34.61 35.88
N LEU A 56 36.97 33.92 34.79
CA LEU A 56 36.65 32.49 34.87
C LEU A 56 37.88 31.61 34.77
N LEU A 57 38.97 32.18 34.28
CA LEU A 57 40.19 31.42 34.09
C LEU A 57 40.92 31.05 35.38
N ARG A 58 41.46 29.84 35.38
CA ARG A 58 42.21 29.32 36.51
C ARG A 58 43.52 28.79 35.95
N ALA A 59 44.63 29.29 36.48
CA ALA A 59 45.95 28.86 36.02
C ALA A 59 46.40 27.63 36.80
N GLU A 60 45.79 27.39 37.95
CA GLU A 60 46.14 26.26 38.80
C GLU A 60 44.89 25.41 39.01
N PRO A 61 45.06 24.10 39.21
CA PRO A 61 43.92 23.20 39.43
C PRO A 61 42.98 23.75 40.50
N PHE A 62 41.68 23.57 40.32
CA PHE A 62 40.67 24.04 41.26
C PHE A 62 39.70 22.92 41.61
N ASP A 63 39.09 22.99 42.79
CA ASP A 63 38.13 21.95 43.22
C ASP A 63 37.05 21.75 42.16
N LEU A 64 36.81 20.49 41.81
CA LEU A 64 35.80 20.14 40.81
C LEU A 64 34.57 19.49 41.42
N LEU A 65 34.64 19.12 42.69
CA LEU A 65 33.54 18.41 43.34
C LEU A 65 32.15 19.02 43.41
N GLU A 66 31.99 20.30 43.11
CA GLU A 66 30.66 20.91 43.12
C GLU A 66 30.07 20.87 41.71
N ALA A 67 30.89 20.50 40.74
CA ALA A 67 30.45 20.42 39.36
C ALA A 67 29.46 19.30 39.08
N ASP A 68 28.58 19.54 38.12
CA ASP A 68 27.60 18.56 37.68
C ASP A 68 28.23 17.77 36.55
N LEU A 69 29.14 18.44 35.85
CA LEU A 69 29.87 17.84 34.73
C LEU A 69 31.26 18.44 34.63
N VAL A 70 32.22 17.59 34.26
CA VAL A 70 33.58 18.05 34.04
C VAL A 70 33.78 17.83 32.54
N VAL A 71 34.16 18.89 31.83
CA VAL A 71 34.41 18.78 30.39
C VAL A 71 35.89 19.01 30.21
N GLU A 72 36.55 18.07 29.55
CA GLU A 72 37.99 18.16 29.37
C GLU A 72 38.45 18.01 27.92
N ALA A 73 39.38 18.88 27.54
CA ALA A 73 39.97 18.90 26.20
C ALA A 73 41.35 19.55 26.33
N MET A 74 42.12 19.04 27.28
CA MET A 74 43.47 19.51 27.58
C MET A 74 44.56 18.90 26.73
N GLY A 75 44.31 17.68 26.25
CA GLY A 75 45.33 16.97 25.50
C GLY A 75 46.23 16.39 26.58
N GLY A 76 47.11 15.45 26.24
CA GLY A 76 47.97 14.88 27.24
C GLY A 76 47.31 13.74 28.00
N VAL A 77 48.05 13.10 28.90
CA VAL A 77 47.50 11.97 29.64
C VAL A 77 47.51 12.06 31.16
N GLU A 78 48.69 12.02 31.75
CA GLU A 78 48.81 12.02 33.21
C GLU A 78 48.21 13.23 33.93
N ALA A 79 48.44 14.44 33.43
CA ALA A 79 47.88 15.62 34.09
C ALA A 79 46.35 15.54 34.06
N PRO A 80 45.75 15.39 32.86
CA PRO A 80 44.29 15.30 32.82
C PRO A 80 43.78 14.17 33.71
N LEU A 81 44.45 13.02 33.66
CA LEU A 81 44.06 11.86 34.44
C LEU A 81 43.94 12.12 35.94
N ARG A 82 44.96 12.74 36.50
CA ARG A 82 44.96 13.02 37.94
C ARG A 82 43.95 14.08 38.32
N LEU A 83 43.55 14.90 37.36
CA LEU A 83 42.56 15.94 37.63
C LEU A 83 41.13 15.41 37.57
N VAL A 84 40.86 14.50 36.63
CA VAL A 84 39.49 13.98 36.50
C VAL A 84 39.11 12.83 37.43
N LEU A 85 40.08 12.04 37.86
CA LEU A 85 39.80 10.91 38.74
C LEU A 85 38.98 11.27 39.99
N PRO A 86 39.34 12.37 40.69
CA PRO A 86 38.55 12.72 41.88
C PRO A 86 37.08 12.99 41.58
N ALA A 87 36.81 13.59 40.43
CA ALA A 87 35.44 13.89 40.02
C ALA A 87 34.70 12.59 39.71
N LEU A 88 35.33 11.74 38.91
CA LEU A 88 34.74 10.45 38.55
C LEU A 88 34.47 9.59 39.77
N GLU A 89 35.40 9.58 40.71
CA GLU A 89 35.25 8.79 41.93
C GLU A 89 34.07 9.30 42.76
N ALA A 90 33.75 10.58 42.61
CA ALA A 90 32.64 11.18 43.34
C ALA A 90 31.33 11.07 42.55
N GLY A 91 31.38 10.34 41.43
CA GLY A 91 30.18 10.16 40.62
C GLY A 91 29.84 11.28 39.66
N ILE A 92 30.78 12.19 39.40
CA ILE A 92 30.54 13.29 38.47
C ILE A 92 30.98 12.83 37.07
N PRO A 93 30.09 12.93 36.08
CA PRO A 93 30.46 12.50 34.73
C PRO A 93 31.54 13.32 34.06
N LEU A 94 32.29 12.66 33.18
CA LEU A 94 33.35 13.31 32.43
C LEU A 94 32.95 13.31 30.95
N ILE A 95 32.99 14.49 30.34
CA ILE A 95 32.71 14.63 28.91
C ILE A 95 34.07 15.05 28.36
N THR A 96 34.68 14.17 27.57
CA THR A 96 36.01 14.48 27.06
C THR A 96 36.22 14.27 25.56
N ALA A 97 37.23 14.95 25.04
CA ALA A 97 37.60 14.84 23.63
C ALA A 97 39.02 14.29 23.57
N ASN A 98 39.57 13.98 24.74
CA ASN A 98 40.93 13.50 24.87
C ASN A 98 41.16 12.01 24.55
N LYS A 99 41.40 11.71 23.29
CA LYS A 99 41.64 10.34 22.86
C LYS A 99 42.92 9.77 23.45
N ALA A 100 43.90 10.63 23.71
CA ALA A 100 45.16 10.17 24.27
C ALA A 100 44.95 9.61 25.68
N LEU A 101 44.27 10.39 26.51
CA LEU A 101 43.99 9.99 27.89
C LEU A 101 43.24 8.66 27.95
N LEU A 102 42.18 8.54 27.16
CA LEU A 102 41.40 7.31 27.15
C LEU A 102 42.18 6.11 26.62
N ALA A 103 42.96 6.33 25.58
CA ALA A 103 43.74 5.26 24.98
C ALA A 103 44.84 4.75 25.89
N GLU A 104 45.56 5.67 26.52
CA GLU A 104 46.69 5.32 27.37
C GLU A 104 46.46 5.20 28.87
N ALA A 105 45.33 5.68 29.38
CA ALA A 105 45.07 5.59 30.81
C ALA A 105 43.80 4.78 31.07
N TRP A 106 43.51 3.85 30.16
CA TRP A 106 42.32 3.00 30.25
C TRP A 106 42.27 2.18 31.54
N GLU A 107 43.42 1.71 32.00
CA GLU A 107 43.47 0.92 33.22
C GLU A 107 42.80 1.63 34.38
N SER A 108 42.94 2.95 34.43
CA SER A 108 42.33 3.76 35.49
C SER A 108 40.92 4.24 35.14
N LEU A 109 40.68 4.50 33.86
CA LEU A 109 39.39 5.00 33.43
C LEU A 109 38.29 4.00 33.11
N ARG A 110 38.66 2.81 32.66
CA ARG A 110 37.67 1.81 32.30
C ARG A 110 36.55 1.59 33.32
N PRO A 111 36.90 1.44 34.60
CA PRO A 111 35.83 1.22 35.59
C PRO A 111 34.73 2.27 35.54
N PHE A 112 35.10 3.52 35.37
CA PHE A 112 34.12 4.60 35.32
C PHE A 112 33.35 4.58 34.00
N ALA A 113 34.04 4.22 32.92
CA ALA A 113 33.37 4.13 31.63
C ALA A 113 32.29 3.04 31.71
N GLU A 114 32.60 1.95 32.42
CA GLU A 114 31.66 0.84 32.58
C GLU A 114 30.40 1.29 33.34
N GLU A 115 30.57 2.26 34.23
CA GLU A 115 29.47 2.81 35.04
C GLU A 115 28.70 3.86 34.24
N GLY A 116 29.12 4.12 33.00
CA GLY A 116 28.46 5.09 32.16
C GLY A 116 28.74 6.54 32.52
N LEU A 117 29.89 6.79 33.12
CA LEU A 117 30.27 8.15 33.53
C LEU A 117 31.15 8.89 32.53
N ILE A 118 31.55 8.23 31.46
CA ILE A 118 32.42 8.89 30.49
C ILE A 118 31.74 9.03 29.13
N TYR A 119 31.61 10.27 28.69
CA TYR A 119 31.01 10.58 27.39
C TYR A 119 32.17 11.08 26.54
N HIS A 120 32.44 10.41 25.42
CA HIS A 120 33.56 10.86 24.60
C HIS A 120 33.35 10.80 23.09
N GLU A 121 32.17 11.20 22.64
CA GLU A 121 31.90 11.21 21.21
C GLU A 121 32.92 12.08 20.49
N ALA A 122 33.29 13.20 21.10
CA ALA A 122 34.23 14.13 20.48
C ALA A 122 35.68 13.61 20.39
N SER A 123 35.96 12.47 21.02
CA SER A 123 37.32 11.92 20.99
C SER A 123 37.67 11.20 19.69
N VAL A 124 36.67 10.95 18.86
CA VAL A 124 36.93 10.29 17.58
C VAL A 124 36.11 10.98 16.50
N MET A 125 36.80 11.56 15.52
CA MET A 125 36.13 12.27 14.44
C MET A 125 35.29 13.45 14.90
N ALA A 126 35.75 14.07 15.97
CA ALA A 126 35.11 15.25 16.50
C ALA A 126 33.62 15.07 16.68
N GLY A 127 32.84 16.06 16.25
CA GLY A 127 31.39 16.01 16.39
C GLY A 127 30.70 15.13 15.38
N THR A 128 31.47 14.54 14.47
CA THR A 128 30.88 13.65 13.48
C THR A 128 30.53 12.38 14.24
N PRO A 129 29.36 11.80 13.95
CA PRO A 129 28.99 10.57 14.68
C PRO A 129 29.94 9.43 14.37
N ALA A 130 30.60 8.92 15.39
CA ALA A 130 31.51 7.80 15.22
C ALA A 130 31.21 6.77 16.30
N LEU A 131 31.14 7.22 17.56
CA LEU A 131 30.84 6.28 18.63
C LEU A 131 29.38 5.87 18.56
N SER A 132 28.50 6.83 18.30
CA SER A 132 27.06 6.55 18.20
C SER A 132 26.80 5.65 17.01
N PHE A 133 27.58 5.85 15.95
CA PHE A 133 27.50 5.06 14.74
C PHE A 133 27.78 3.60 15.12
N LEU A 134 28.88 3.39 15.84
CA LEU A 134 29.23 2.03 16.24
C LEU A 134 28.29 1.46 17.28
N GLU A 135 27.70 2.30 18.12
CA GLU A 135 26.75 1.80 19.12
C GLU A 135 25.59 1.14 18.40
N THR A 136 25.20 1.72 17.26
CA THR A 136 24.10 1.16 16.48
C THR A 136 24.59 -0.06 15.71
N LEU A 137 25.87 -0.08 15.35
CA LEU A 137 26.41 -1.23 14.64
C LEU A 137 26.47 -2.46 15.53
N ARG A 138 26.28 -2.28 16.84
CA ARG A 138 26.30 -3.39 17.76
C ARG A 138 25.20 -4.39 17.41
N GLY A 139 24.22 -3.93 16.62
CA GLY A 139 23.13 -4.80 16.22
C GLY A 139 23.61 -5.95 15.38
N SER A 140 24.82 -5.80 14.82
CA SER A 140 25.41 -6.83 13.99
C SER A 140 26.76 -7.25 14.58
N GLU A 141 27.37 -8.26 13.96
CA GLU A 141 28.68 -8.72 14.41
C GLU A 141 29.65 -8.15 13.39
N LEU A 142 30.69 -7.48 13.87
CA LEU A 142 31.67 -6.85 13.01
C LEU A 142 32.49 -7.81 12.15
N LEU A 143 32.54 -7.52 10.85
CA LEU A 143 33.34 -8.33 9.94
C LEU A 143 34.67 -7.59 9.84
N GLU A 144 34.60 -6.32 9.46
CA GLU A 144 35.80 -5.49 9.35
C GLU A 144 35.48 -4.00 9.44
N LEU A 145 36.43 -3.25 10.01
CA LEU A 145 36.29 -1.80 10.19
C LEU A 145 37.55 -1.10 9.68
N HIS A 146 37.37 -0.01 8.93
CA HIS A 146 38.48 0.76 8.40
C HIS A 146 38.11 2.23 8.39
N GLY A 147 38.95 3.07 8.98
CA GLY A 147 38.64 4.48 8.98
C GLY A 147 39.84 5.33 8.68
N ILE A 148 39.57 6.58 8.34
CA ILE A 148 40.59 7.59 8.07
C ILE A 148 40.20 8.51 9.22
N LEU A 149 40.91 8.36 10.34
CA LEU A 149 40.60 9.10 11.55
C LEU A 149 41.34 10.38 11.86
N ASN A 150 42.51 10.59 11.27
CA ASN A 150 43.26 11.79 11.57
C ASN A 150 43.05 12.88 10.52
N GLY A 151 42.67 14.07 10.96
CA GLY A 151 42.43 15.16 10.03
C GLY A 151 43.69 15.69 9.38
N THR A 152 44.76 15.77 10.15
CA THR A 152 46.03 16.28 9.64
C THR A 152 46.60 15.46 8.48
N THR A 153 46.72 14.16 8.65
CA THR A 153 47.27 13.32 7.59
C THR A 153 46.32 13.19 6.40
N LEU A 154 45.03 13.44 6.61
CA LEU A 154 44.10 13.39 5.49
C LEU A 154 44.37 14.64 4.65
N TYR A 155 44.48 15.79 5.32
CA TYR A 155 44.74 17.03 4.61
C TYR A 155 46.05 16.90 3.84
N ILE A 156 47.08 16.40 4.51
CA ILE A 156 48.40 16.26 3.90
C ILE A 156 48.39 15.41 2.63
N LEU A 157 47.75 14.25 2.70
CA LEU A 157 47.68 13.39 1.53
C LEU A 157 46.85 14.01 0.41
N GLN A 158 45.77 14.71 0.76
CA GLN A 158 44.93 15.37 -0.25
C GLN A 158 45.77 16.39 -1.03
N GLU A 159 46.71 17.04 -0.34
CA GLU A 159 47.56 18.06 -0.95
C GLU A 159 48.73 17.51 -1.75
N MET A 160 49.37 16.48 -1.23
CA MET A 160 50.51 15.86 -1.91
C MET A 160 49.96 15.20 -3.16
N GLU A 161 48.68 14.88 -3.08
CA GLU A 161 47.92 14.25 -4.14
C GLU A 161 47.91 15.20 -5.33
N LYS A 162 47.76 16.48 -5.02
CA LYS A 162 47.70 17.57 -5.99
C LYS A 162 49.08 17.96 -6.50
N GLY A 163 50.12 17.37 -5.92
CA GLY A 163 51.48 17.67 -6.34
C GLY A 163 52.33 18.40 -5.31
N ARG A 164 51.74 18.75 -4.17
CA ARG A 164 52.51 19.43 -3.12
C ARG A 164 53.46 18.43 -2.45
N THR A 165 54.66 18.88 -2.09
CA THR A 165 55.59 17.97 -1.44
C THR A 165 55.09 17.76 -0.01
N TYR A 166 55.64 16.77 0.68
CA TYR A 166 55.25 16.51 2.05
C TYR A 166 55.47 17.75 2.93
N ALA A 167 56.67 18.32 2.87
CA ALA A 167 56.98 19.49 3.67
C ALA A 167 56.07 20.66 3.33
N GLU A 168 55.78 20.85 2.04
CA GLU A 168 54.91 21.94 1.63
C GLU A 168 53.54 21.73 2.24
N ALA A 169 53.03 20.51 2.13
CA ALA A 169 51.71 20.17 2.66
C ALA A 169 51.66 20.35 4.17
N LEU A 170 52.64 19.78 4.87
CA LEU A 170 52.71 19.87 6.33
C LEU A 170 52.77 21.32 6.79
N LEU A 171 53.62 22.13 6.16
CA LEU A 171 53.73 23.54 6.54
C LEU A 171 52.39 24.23 6.48
N GLU A 172 51.65 24.00 5.41
CA GLU A 172 50.36 24.65 5.32
C GLU A 172 49.41 24.12 6.38
N ALA A 173 49.45 22.82 6.62
CA ALA A 173 48.57 22.24 7.64
C ALA A 173 48.86 22.96 8.96
N GLN A 174 50.15 23.21 9.23
CA GLN A 174 50.55 23.88 10.46
C GLN A 174 50.17 25.37 10.42
N ARG A 175 50.55 26.05 9.34
CA ARG A 175 50.26 27.47 9.17
C ARG A 175 48.78 27.78 9.31
N LEU A 176 47.95 26.77 9.04
CA LEU A 176 46.50 26.92 9.13
C LEU A 176 45.99 26.40 10.47
N GLY A 177 46.91 25.93 11.31
CA GLY A 177 46.53 25.44 12.64
C GLY A 177 46.04 24.00 12.77
N TYR A 178 46.07 23.22 11.69
CA TYR A 178 45.62 21.84 11.72
C TYR A 178 46.64 20.97 12.44
N ALA A 179 47.91 21.29 12.22
CA ALA A 179 49.01 20.55 12.82
C ALA A 179 49.78 21.45 13.77
N GLU A 180 50.35 20.84 14.81
CA GLU A 180 51.12 21.57 15.81
C GLU A 180 52.54 21.82 15.30
N ALA A 181 53.24 22.71 16.00
CA ALA A 181 54.62 23.07 15.67
C ALA A 181 55.41 21.80 15.47
N ASP A 182 55.13 20.81 16.32
CA ASP A 182 55.75 19.50 16.22
C ASP A 182 54.56 18.59 15.95
N PRO A 183 54.41 18.16 14.70
CA PRO A 183 53.30 17.29 14.29
C PRO A 183 53.46 15.79 14.50
N THR A 184 54.50 15.38 15.22
CA THR A 184 54.76 13.95 15.43
C THR A 184 53.55 13.07 15.73
N LEU A 185 52.78 13.38 16.76
CA LEU A 185 51.61 12.56 17.09
C LEU A 185 50.73 12.28 15.87
N ASP A 186 50.47 13.32 15.10
CA ASP A 186 49.63 13.17 13.92
C ASP A 186 50.30 12.38 12.79
N VAL A 187 51.46 12.85 12.33
CA VAL A 187 52.14 12.19 11.21
C VAL A 187 52.75 10.80 11.40
N GLU A 188 52.88 10.34 12.64
CA GLU A 188 53.42 9.00 12.85
C GLU A 188 52.26 8.04 13.03
N GLY A 189 51.04 8.56 12.87
CA GLY A 189 49.86 7.73 12.99
C GLY A 189 49.44 7.36 14.41
N ILE A 190 50.01 8.04 15.39
CA ILE A 190 49.68 7.76 16.78
C ILE A 190 48.28 8.25 17.15
N ASP A 191 47.89 9.42 16.66
CA ASP A 191 46.56 9.94 16.95
C ASP A 191 45.52 8.97 16.40
N ALA A 192 45.76 8.45 15.19
CA ALA A 192 44.83 7.50 14.59
C ALA A 192 44.79 6.25 15.46
N ALA A 193 45.96 5.81 15.93
CA ALA A 193 46.04 4.63 16.77
C ALA A 193 45.24 4.81 18.05
N HIS A 194 45.28 6.01 18.62
CA HIS A 194 44.54 6.30 19.85
C HIS A 194 43.06 6.06 19.56
N LYS A 195 42.57 6.73 18.52
CA LYS A 195 41.16 6.64 18.14
C LYS A 195 40.72 5.23 17.76
N LEU A 196 41.57 4.51 17.02
CA LEU A 196 41.22 3.15 16.64
C LEU A 196 41.02 2.31 17.89
N THR A 197 41.92 2.50 18.87
CA THR A 197 41.84 1.77 20.12
C THR A 197 40.48 1.97 20.79
N LEU A 198 39.99 3.21 20.76
CA LEU A 198 38.70 3.53 21.36
C LEU A 198 37.57 2.81 20.65
N LEU A 199 37.60 2.81 19.32
CA LEU A 199 36.56 2.16 18.54
C LEU A 199 36.51 0.66 18.82
N ALA A 200 37.68 0.05 18.98
CA ALA A 200 37.77 -1.38 19.26
C ALA A 200 37.15 -1.74 20.60
N ARG A 201 37.44 -0.92 21.61
CA ARG A 201 36.92 -1.17 22.94
C ARG A 201 35.40 -1.04 23.00
N LEU A 202 34.87 -0.07 22.28
CA LEU A 202 33.42 0.13 22.29
C LEU A 202 32.71 -1.03 21.62
N LEU A 203 33.26 -1.50 20.51
CA LEU A 203 32.59 -2.54 19.75
C LEU A 203 32.94 -4.01 20.00
N VAL A 204 34.22 -4.36 20.08
CA VAL A 204 34.58 -5.76 20.24
C VAL A 204 35.37 -6.27 21.46
N ASP A 205 36.15 -5.41 22.10
CA ASP A 205 36.92 -5.88 23.25
C ASP A 205 37.15 -4.72 24.21
N PRO A 206 36.39 -4.70 25.33
CA PRO A 206 36.52 -3.63 26.32
C PRO A 206 37.91 -3.43 26.88
N GLY A 207 38.77 -4.43 26.73
CA GLY A 207 40.13 -4.30 27.25
C GLY A 207 41.19 -4.11 26.20
N PHE A 208 40.80 -3.94 24.93
CA PHE A 208 41.79 -3.79 23.86
C PHE A 208 42.90 -2.81 24.23
N PRO A 209 44.14 -3.31 24.33
CA PRO A 209 45.35 -2.55 24.67
C PRO A 209 45.85 -1.62 23.56
N PHE A 210 46.04 -0.34 23.88
CA PHE A 210 46.53 0.61 22.90
C PHE A 210 47.86 0.10 22.35
N ALA A 211 48.65 -0.50 23.23
CA ALA A 211 49.97 -1.03 22.89
C ALA A 211 49.98 -2.08 21.79
N GLU A 212 48.82 -2.66 21.50
CA GLU A 212 48.77 -3.69 20.46
C GLU A 212 48.43 -3.16 19.07
N VAL A 213 48.19 -1.85 18.98
CA VAL A 213 47.89 -1.24 17.69
C VAL A 213 49.22 -0.97 16.99
N GLU A 214 49.37 -1.54 15.81
CA GLU A 214 50.60 -1.36 15.04
C GLU A 214 50.43 -0.16 14.11
N ALA A 215 51.23 0.87 14.37
CA ALA A 215 51.11 2.10 13.58
C ALA A 215 52.34 2.48 12.76
N GLN A 216 52.06 2.93 11.54
CA GLN A 216 53.05 3.39 10.58
C GLN A 216 52.47 4.74 10.10
N GLY A 217 53.34 5.74 9.96
CA GLY A 217 52.90 7.05 9.52
C GLY A 217 53.13 7.36 8.06
N ILE A 218 53.33 8.65 7.75
CA ILE A 218 53.55 9.11 6.38
C ILE A 218 55.01 9.08 5.94
N ALA A 219 55.92 8.77 6.85
CA ALA A 219 57.36 8.76 6.56
C ALA A 219 57.83 8.21 5.21
N ARG A 220 57.13 7.22 4.67
CA ARG A 220 57.52 6.63 3.39
C ARG A 220 56.74 7.16 2.18
N LEU A 221 55.99 8.24 2.37
CA LEU A 221 55.19 8.81 1.27
C LEU A 221 55.79 10.04 0.59
N THR A 222 55.67 10.08 -0.74
CA THR A 222 56.14 11.18 -1.57
C THR A 222 55.07 11.47 -2.63
N PRO A 223 55.19 12.60 -3.35
CA PRO A 223 54.18 12.91 -4.38
C PRO A 223 54.19 11.86 -5.50
N GLU A 224 55.39 11.35 -5.81
CA GLU A 224 55.55 10.34 -6.86
C GLU A 224 54.79 9.07 -6.53
N VAL A 225 54.96 8.59 -5.30
CA VAL A 225 54.28 7.37 -4.87
C VAL A 225 52.78 7.54 -5.11
N LEU A 226 52.30 8.77 -4.93
CA LEU A 226 50.88 9.05 -5.13
C LEU A 226 50.50 9.11 -6.62
N GLN A 227 51.47 9.43 -7.48
CA GLN A 227 51.20 9.49 -8.92
C GLN A 227 51.07 8.05 -9.39
N LYS A 228 51.98 7.20 -8.91
CA LYS A 228 51.95 5.78 -9.25
C LYS A 228 50.58 5.24 -8.90
N ALA A 229 50.08 5.69 -7.74
CA ALA A 229 48.77 5.28 -7.27
C ALA A 229 47.68 5.81 -8.19
N GLU A 230 47.75 7.10 -8.52
CA GLU A 230 46.75 7.72 -9.38
C GLU A 230 46.70 7.01 -10.72
N ALA A 231 47.87 6.67 -11.24
CA ALA A 231 47.97 5.99 -12.54
C ALA A 231 47.24 4.64 -12.54
N ARG A 232 47.27 3.94 -11.41
CA ARG A 232 46.63 2.63 -11.30
C ARG A 232 45.20 2.74 -10.76
N GLY A 233 44.66 3.95 -10.78
CA GLY A 233 43.30 4.18 -10.31
C GLY A 233 43.08 4.05 -8.81
N GLU A 234 44.13 4.30 -8.03
CA GLU A 234 44.02 4.21 -6.57
C GLU A 234 44.33 5.55 -5.93
N ARG A 235 44.05 5.65 -4.64
CA ARG A 235 44.34 6.83 -3.84
C ARG A 235 45.01 6.28 -2.59
N VAL A 236 45.95 7.03 -2.01
CA VAL A 236 46.63 6.56 -0.81
C VAL A 236 46.12 7.36 0.38
N ARG A 237 45.76 6.65 1.45
CA ARG A 237 45.26 7.28 2.66
C ARG A 237 45.77 6.54 3.88
N LEU A 238 45.95 7.26 4.98
CA LEU A 238 46.38 6.61 6.21
C LEU A 238 45.10 6.01 6.77
N VAL A 239 45.05 4.69 6.85
CA VAL A 239 43.86 4.00 7.33
C VAL A 239 44.05 3.23 8.62
N ALA A 240 43.08 3.36 9.52
CA ALA A 240 43.10 2.65 10.78
C ALA A 240 42.18 1.46 10.52
N SER A 241 42.71 0.25 10.65
CA SER A 241 41.95 -0.97 10.40
C SER A 241 41.79 -1.89 11.61
N LEU A 242 40.61 -2.49 11.69
CA LEU A 242 40.30 -3.45 12.74
C LEU A 242 39.68 -4.63 11.98
N PHE A 243 40.39 -5.74 11.97
CA PHE A 243 39.94 -6.92 11.24
C PHE A 243 40.43 -8.21 11.88
N GLY A 244 39.85 -9.32 11.45
CA GLY A 244 40.23 -10.60 12.00
C GLY A 244 41.43 -11.18 11.28
N GLU A 245 42.35 -11.72 12.07
CA GLU A 245 43.56 -12.33 11.53
C GLU A 245 43.97 -13.45 12.49
N GLY A 246 43.79 -14.69 12.07
CA GLY A 246 44.15 -15.81 12.92
C GLY A 246 43.13 -16.06 14.01
N GLY A 247 41.91 -15.56 13.81
CA GLY A 247 40.88 -15.76 14.80
C GLY A 247 40.95 -14.76 15.94
N ARG A 248 41.81 -13.76 15.79
CA ARG A 248 41.95 -12.72 16.80
C ARG A 248 41.88 -11.35 16.13
N TRP A 249 41.59 -10.31 16.91
CA TRP A 249 41.50 -8.98 16.32
C TRP A 249 42.86 -8.33 16.13
N ARG A 250 43.08 -7.77 14.95
CA ARG A 250 44.31 -7.08 14.65
C ARG A 250 43.95 -5.61 14.41
N ALA A 251 44.72 -4.72 15.01
CA ALA A 251 44.49 -3.29 14.82
C ALA A 251 45.76 -2.70 14.28
N ALA A 252 45.65 -1.93 13.20
CA ALA A 252 46.80 -1.32 12.59
C ALA A 252 46.45 -0.03 11.89
N VAL A 253 47.42 0.87 11.84
CA VAL A 253 47.29 2.16 11.16
C VAL A 253 48.45 2.21 10.17
N ALA A 254 48.14 2.52 8.90
CA ALA A 254 49.18 2.59 7.89
C ALA A 254 48.65 3.13 6.56
N PRO A 255 49.54 3.68 5.72
CA PRO A 255 49.09 4.19 4.43
C PRO A 255 48.57 3.01 3.60
N ARG A 256 47.44 3.19 2.93
CA ARG A 256 46.85 2.11 2.14
C ARG A 256 46.49 2.58 0.75
N ARG A 257 46.55 1.66 -0.20
CA ARG A 257 46.18 1.93 -1.58
C ARG A 257 44.71 1.52 -1.69
N LEU A 258 43.84 2.51 -1.81
CA LEU A 258 42.41 2.25 -1.89
C LEU A 258 41.89 2.47 -3.31
N PRO A 259 40.92 1.66 -3.75
CA PRO A 259 40.42 1.88 -5.10
C PRO A 259 39.83 3.29 -5.04
N GLN A 260 40.14 4.13 -6.02
CA GLN A 260 39.62 5.50 -5.99
C GLN A 260 38.09 5.64 -5.86
N ASP A 261 37.35 4.60 -6.23
CA ASP A 261 35.89 4.67 -6.14
C ASP A 261 35.37 4.45 -4.73
N HIS A 262 36.17 3.78 -3.91
CA HIS A 262 35.79 3.44 -2.54
C HIS A 262 35.37 4.66 -1.72
N PRO A 263 34.32 4.51 -0.90
CA PRO A 263 33.83 5.61 -0.06
C PRO A 263 34.96 6.29 0.72
N LEU A 264 35.89 5.50 1.23
CA LEU A 264 37.02 6.03 1.98
C LEU A 264 37.93 6.90 1.13
N ALA A 265 38.11 6.52 -0.13
CA ALA A 265 38.98 7.29 -1.03
C ALA A 265 38.31 8.57 -1.50
N ARG A 266 36.98 8.56 -1.53
CA ARG A 266 36.21 9.71 -1.97
C ARG A 266 35.92 10.72 -0.86
N ALA A 267 35.94 10.27 0.38
CA ALA A 267 35.65 11.15 1.51
C ALA A 267 36.52 12.42 1.61
N ARG A 268 35.86 13.58 1.71
CA ARG A 268 36.56 14.86 1.83
C ARG A 268 36.93 15.11 3.30
N GLY A 269 36.07 14.66 4.21
CA GLY A 269 36.32 14.80 5.62
C GLY A 269 36.78 13.45 6.14
N ASN A 270 36.92 13.30 7.45
CA ASN A 270 37.33 12.02 7.99
C ASN A 270 36.19 11.02 7.80
N ALA A 271 36.50 9.72 7.86
CA ALA A 271 35.48 8.72 7.62
C ALA A 271 35.68 7.37 8.30
N LEU A 272 34.57 6.67 8.51
CA LEU A 272 34.59 5.36 9.14
C LEU A 272 33.73 4.42 8.30
N TRP A 273 34.33 3.33 7.83
CA TRP A 273 33.66 2.35 6.97
C TRP A 273 33.56 1.01 7.70
N VAL A 274 32.41 0.35 7.61
CA VAL A 274 32.24 -0.92 8.30
C VAL A 274 31.40 -1.93 7.53
N ARG A 275 31.75 -3.21 7.69
CA ARG A 275 30.99 -4.30 7.10
C ARG A 275 30.71 -5.19 8.31
N ALA A 276 29.43 -5.55 8.49
CA ALA A 276 29.04 -6.37 9.63
C ALA A 276 27.89 -7.26 9.22
N ARG A 277 27.67 -8.33 9.98
CA ARG A 277 26.60 -9.27 9.68
C ARG A 277 25.51 -9.18 10.74
N PRO A 278 24.23 -9.11 10.34
CA PRO A 278 23.67 -9.10 8.97
C PRO A 278 23.44 -7.74 8.32
N LEU A 279 23.82 -6.65 8.98
CA LEU A 279 23.58 -5.34 8.39
C LEU A 279 24.10 -5.15 6.97
N GLY A 280 25.38 -5.43 6.80
CA GLY A 280 26.01 -5.27 5.50
C GLY A 280 27.09 -4.21 5.60
N GLU A 281 27.10 -3.28 4.66
CA GLU A 281 28.11 -2.22 4.61
C GLU A 281 27.57 -0.84 4.97
N ALA A 282 28.15 -0.23 6.01
CA ALA A 282 27.73 1.10 6.45
C ALA A 282 28.91 2.08 6.48
N PHE A 283 28.63 3.36 6.30
CA PHE A 283 29.67 4.37 6.21
C PHE A 283 29.25 5.72 6.79
N VAL A 284 30.16 6.39 7.51
CA VAL A 284 29.85 7.71 8.05
C VAL A 284 31.07 8.60 7.88
N THR A 285 30.84 9.84 7.49
CA THR A 285 31.93 10.77 7.28
C THR A 285 31.59 12.21 7.69
N GLY A 286 32.61 12.98 8.02
CA GLY A 286 32.40 14.36 8.42
C GLY A 286 33.70 14.96 8.94
N PRO A 287 33.68 16.22 9.41
CA PRO A 287 34.91 16.84 9.92
C PRO A 287 35.46 16.00 11.07
N GLY A 288 36.79 15.85 11.11
CA GLY A 288 37.41 15.06 12.17
C GLY A 288 38.22 15.86 13.17
N ALA A 289 38.24 17.18 13.00
CA ALA A 289 39.00 18.06 13.88
C ALA A 289 38.50 19.50 13.74
N GLY A 290 39.01 20.39 14.60
CA GLY A 290 38.58 21.77 14.51
C GLY A 290 37.84 22.17 15.78
N GLY A 291 37.86 23.46 16.09
CA GLY A 291 37.22 23.94 17.29
C GLY A 291 35.73 23.69 17.29
N GLY A 292 35.05 24.24 16.30
CA GLY A 292 33.61 24.10 16.21
C GLY A 292 33.15 22.66 16.08
N ALA A 293 33.84 21.90 15.26
CA ALA A 293 33.46 20.49 15.06
C ALA A 293 33.59 19.70 16.36
N THR A 294 34.67 19.93 17.11
CA THR A 294 34.87 19.20 18.36
C THR A 294 33.88 19.65 19.42
N ALA A 295 33.63 20.96 19.48
CA ALA A 295 32.70 21.51 20.46
C ALA A 295 31.33 20.87 20.23
N SER A 296 30.95 20.74 18.95
CA SER A 296 29.67 20.13 18.62
C SER A 296 29.56 18.75 19.24
N GLY A 297 30.65 18.00 19.21
CA GLY A 297 30.64 16.66 19.78
C GLY A 297 30.51 16.70 21.29
N LEU A 298 31.20 17.65 21.91
CA LEU A 298 31.16 17.77 23.35
C LEU A 298 29.76 18.19 23.79
N PHE A 299 29.17 19.11 23.05
CA PHE A 299 27.83 19.59 23.36
C PHE A 299 26.81 18.48 23.14
N ALA A 300 27.03 17.68 22.10
CA ALA A 300 26.11 16.57 21.82
C ALA A 300 26.08 15.62 23.02
N ASP A 301 27.24 15.41 23.64
CA ASP A 301 27.31 14.53 24.80
C ASP A 301 26.66 15.15 26.04
N LEU A 302 26.72 16.48 26.13
CA LEU A 302 26.10 17.18 27.24
C LEU A 302 24.59 16.99 27.11
N LEU A 303 24.07 17.03 25.88
CA LEU A 303 22.64 16.84 25.66
C LEU A 303 22.25 15.39 25.94
N ARG A 304 23.14 14.47 25.58
CA ARG A 304 22.90 13.06 25.82
C ARG A 304 22.78 12.85 27.33
N PHE A 305 23.68 13.46 28.09
CA PHE A 305 23.63 13.35 29.54
C PHE A 305 22.34 13.94 30.09
N LEU A 306 21.99 15.14 29.65
CA LEU A 306 20.77 15.79 30.14
C LEU A 306 19.52 14.97 29.86
N SER A 307 19.57 14.13 28.83
CA SER A 307 18.43 13.30 28.46
C SER A 307 18.26 12.06 29.35
N GLY A 308 19.22 11.83 30.25
CA GLY A 308 19.14 10.67 31.13
C GLY A 308 19.84 9.43 30.58
N ALA A 309 20.53 9.61 29.45
CA ALA A 309 21.23 8.52 28.83
C ALA A 309 22.66 8.40 29.36
N PRO A 310 23.12 7.16 29.62
CA PRO A 310 24.48 7.00 30.13
C PRO A 310 25.54 7.36 29.07
N GLY A 311 26.80 7.41 29.48
CA GLY A 311 27.87 7.72 28.56
C GLY A 311 28.15 6.53 27.66
N HIS A 312 29.28 6.58 26.95
CA HIS A 312 29.63 5.50 26.06
C HIS A 312 30.24 4.34 26.83
N LEU A 313 29.57 3.20 26.77
CA LEU A 313 30.00 2.00 27.47
C LEU A 313 30.92 1.13 26.64
N PRO A 314 31.87 0.46 27.30
CA PRO A 314 32.80 -0.42 26.59
C PRO A 314 32.00 -1.65 26.18
N ALA A 315 32.48 -2.42 25.21
CA ALA A 315 31.77 -3.62 24.79
C ALA A 315 31.47 -4.45 26.05
N PRO A 316 30.27 -5.04 26.13
CA PRO A 316 29.86 -5.85 27.30
C PRO A 316 30.75 -7.05 27.57
N ARG A 317 31.54 -7.43 26.58
CA ARG A 317 32.44 -8.57 26.71
C ARG A 317 33.28 -8.62 25.46
N ALA A 318 34.38 -9.36 25.50
CA ALA A 318 35.23 -9.48 24.33
C ALA A 318 34.75 -10.69 23.54
N ARG A 319 34.86 -10.61 22.22
CA ARG A 319 34.46 -11.73 21.36
C ARG A 319 35.34 -11.74 20.13
N PRO A 320 35.75 -12.92 19.68
CA PRO A 320 36.62 -13.07 18.50
C PRO A 320 35.97 -12.75 17.16
N PRO A 321 36.79 -12.41 16.15
CA PRO A 321 36.34 -12.08 14.80
C PRO A 321 35.59 -13.23 14.16
N LEU A 322 34.49 -12.91 13.51
CA LEU A 322 33.67 -13.90 12.84
C LEU A 322 34.34 -14.36 11.55
N GLU A 323 35.08 -13.46 10.92
CA GLU A 323 35.76 -13.77 9.66
C GLU A 323 37.17 -13.20 9.58
N GLU A 324 37.98 -13.82 8.73
CA GLU A 324 39.35 -13.39 8.50
C GLU A 324 39.30 -12.22 7.54
N GLY A 325 40.04 -11.17 7.86
CA GLY A 325 40.06 -10.00 6.99
C GLY A 325 41.46 -9.75 6.47
N SER A 326 41.68 -8.57 5.91
CA SER A 326 42.97 -8.18 5.35
C SER A 326 42.85 -6.78 4.77
N PRO A 327 43.60 -5.82 5.31
CA PRO A 327 43.50 -4.47 4.75
C PRO A 327 43.98 -4.41 3.31
N TRP A 328 43.78 -3.27 2.66
CA TRP A 328 44.23 -3.08 1.29
C TRP A 328 45.75 -3.16 1.33
N PRO A 329 46.40 -3.19 0.16
CA PRO A 329 47.87 -3.27 0.24
C PRO A 329 48.41 -1.94 0.77
N GLY A 330 49.60 -1.97 1.36
CA GLY A 330 50.18 -0.75 1.86
C GLY A 330 51.07 -0.12 0.81
N VAL A 331 52.09 0.60 1.26
CA VAL A 331 53.05 1.23 0.37
C VAL A 331 54.42 0.65 0.77
N MET B 1 20.64 -15.03 36.16
CA MET B 1 20.27 -14.95 34.71
C MET B 1 18.77 -14.89 34.57
N GLU B 2 18.21 -13.68 34.66
CA GLU B 2 16.78 -13.49 34.53
C GLU B 2 16.42 -13.52 33.06
N ALA B 3 15.14 -13.80 32.78
CA ALA B 3 14.69 -13.85 31.41
C ALA B 3 14.38 -12.47 30.87
N LEU B 4 14.59 -12.29 29.56
CA LEU B 4 14.25 -11.05 28.90
C LEU B 4 13.04 -11.47 28.07
N LYS B 5 11.86 -11.25 28.62
CA LYS B 5 10.61 -11.63 27.95
C LYS B 5 10.29 -10.69 26.80
N ILE B 6 10.21 -11.28 25.60
CA ILE B 6 9.93 -10.50 24.41
C ILE B 6 8.64 -10.92 23.72
N ALA B 7 7.80 -9.95 23.42
CA ALA B 7 6.57 -10.20 22.71
C ALA B 7 6.86 -9.65 21.31
N LEU B 8 6.87 -10.54 20.32
CA LEU B 8 7.14 -10.14 18.95
C LEU B 8 5.86 -10.04 18.12
N LEU B 9 5.64 -8.86 17.53
CA LEU B 9 4.47 -8.63 16.70
C LEU B 9 4.92 -8.56 15.26
N GLY B 10 4.71 -9.63 14.51
CA GLY B 10 5.10 -9.67 13.13
C GLY B 10 6.03 -10.85 12.87
N GLY B 11 5.59 -11.75 12.00
CA GLY B 11 6.41 -12.93 11.69
C GLY B 11 6.87 -12.92 10.25
N GLY B 12 6.89 -11.75 9.64
CA GLY B 12 7.31 -11.63 8.25
C GLY B 12 8.82 -11.77 8.09
N THR B 13 9.34 -11.18 7.02
CA THR B 13 10.78 -11.25 6.76
C THR B 13 11.55 -10.63 7.91
N VAL B 14 11.20 -9.39 8.27
CA VAL B 14 11.88 -8.69 9.36
C VAL B 14 11.72 -9.41 10.70
N GLY B 15 10.48 -9.74 11.06
CA GLY B 15 10.25 -10.42 12.32
C GLY B 15 10.99 -11.72 12.44
N SER B 16 11.03 -12.50 11.35
CA SER B 16 11.73 -13.77 11.37
C SER B 16 13.22 -13.53 11.54
N ALA B 17 13.76 -12.59 10.79
CA ALA B 17 15.18 -12.27 10.87
C ALA B 17 15.53 -11.86 12.30
N PHE B 18 14.67 -11.04 12.92
CA PHE B 18 14.91 -10.57 14.28
C PHE B 18 14.90 -11.72 15.27
N TYR B 19 13.87 -12.56 15.20
CA TYR B 19 13.76 -13.69 16.10
C TYR B 19 15.03 -14.54 16.06
N ASN B 20 15.46 -14.87 14.86
CA ASN B 20 16.64 -15.70 14.72
C ASN B 20 17.91 -14.99 15.14
N LEU B 21 17.99 -13.69 14.94
CA LEU B 21 19.17 -12.93 15.34
C LEU B 21 19.32 -12.95 16.86
N VAL B 22 18.22 -12.72 17.57
CA VAL B 22 18.23 -12.71 19.02
C VAL B 22 18.73 -14.03 19.59
N LEU B 23 18.26 -15.15 19.03
CA LEU B 23 18.69 -16.45 19.50
C LEU B 23 20.15 -16.72 19.10
N GLU B 24 20.52 -16.29 17.89
CA GLU B 24 21.89 -16.47 17.41
C GLU B 24 22.88 -15.69 18.30
N ARG B 25 22.48 -14.51 18.74
CA ARG B 25 23.32 -13.64 19.57
C ARG B 25 23.03 -13.77 21.08
N ALA B 26 22.48 -14.89 21.51
CA ALA B 26 22.14 -15.07 22.92
C ALA B 26 23.30 -14.81 23.89
N GLU B 27 24.53 -15.13 23.48
CA GLU B 27 25.67 -14.93 24.37
C GLU B 27 25.97 -13.45 24.63
N GLU B 28 25.54 -12.56 23.74
CA GLU B 28 25.75 -11.13 23.91
C GLU B 28 24.78 -10.64 25.01
N LEU B 29 23.61 -11.27 25.06
CA LEU B 29 22.60 -10.93 26.05
C LEU B 29 23.04 -11.43 27.42
N SER B 30 23.76 -12.55 27.43
CA SER B 30 24.26 -13.15 28.67
C SER B 30 25.18 -12.18 29.38
N ALA B 31 25.89 -11.36 28.62
CA ALA B 31 26.81 -10.39 29.18
C ALA B 31 26.01 -9.39 30.01
N PHE B 32 24.71 -9.28 29.76
CA PHE B 32 23.83 -8.37 30.49
C PHE B 32 23.03 -9.08 31.60
N GLY B 33 23.29 -10.37 31.79
CA GLY B 33 22.60 -11.14 32.81
C GLY B 33 21.22 -11.64 32.42
N VAL B 34 20.98 -11.71 31.12
CA VAL B 34 19.67 -12.17 30.66
C VAL B 34 19.72 -13.20 29.55
N VAL B 35 18.63 -13.95 29.44
CA VAL B 35 18.47 -14.98 28.43
C VAL B 35 17.16 -14.58 27.77
N PRO B 36 17.12 -14.57 26.43
CA PRO B 36 15.88 -14.18 25.76
C PRO B 36 14.83 -15.29 25.76
N ARG B 37 13.58 -14.90 25.96
CA ARG B 37 12.47 -15.84 25.97
C ARG B 37 11.29 -15.11 25.33
N PHE B 38 10.80 -15.65 24.22
CA PHE B 38 9.69 -15.03 23.51
C PHE B 38 8.35 -15.54 24.05
N LEU B 39 7.48 -14.60 24.41
CA LEU B 39 6.16 -14.95 24.94
C LEU B 39 5.27 -15.45 23.82
N GLY B 40 5.54 -14.97 22.61
CA GLY B 40 4.78 -15.37 21.45
C GLY B 40 5.15 -14.51 20.26
N VAL B 41 4.79 -14.97 19.07
CA VAL B 41 5.07 -14.25 17.84
C VAL B 41 3.77 -14.13 17.06
N LEU B 42 3.24 -12.91 16.98
CA LEU B 42 1.99 -12.70 16.26
C LEU B 42 2.29 -12.75 14.76
N VAL B 43 1.54 -13.56 14.02
CA VAL B 43 1.76 -13.67 12.59
C VAL B 43 0.47 -13.48 11.80
N ARG B 44 0.59 -12.79 10.68
CA ARG B 44 -0.56 -12.52 9.82
C ARG B 44 -0.93 -13.81 9.08
N ASP B 45 0.09 -14.52 8.61
CA ASP B 45 -0.12 -15.78 7.90
C ASP B 45 0.57 -16.90 8.68
N PRO B 46 -0.21 -17.66 9.47
CA PRO B 46 0.34 -18.75 10.27
C PRO B 46 0.80 -19.97 9.47
N ARG B 47 0.47 -20.00 8.19
CA ARG B 47 0.86 -21.13 7.34
C ARG B 47 2.10 -20.89 6.49
N LYS B 48 2.52 -19.64 6.39
CA LYS B 48 3.72 -19.32 5.61
C LYS B 48 4.90 -19.99 6.32
N PRO B 49 5.68 -20.80 5.58
CA PRO B 49 6.85 -21.51 6.15
C PRO B 49 7.76 -20.56 6.93
N ARG B 50 8.03 -20.91 8.19
CA ARG B 50 8.87 -20.06 9.03
C ARG B 50 9.95 -20.73 9.86
N ALA B 51 10.92 -19.92 10.27
CA ALA B 51 12.04 -20.37 11.09
C ALA B 51 11.75 -20.03 12.54
N ILE B 52 10.47 -20.03 12.89
CA ILE B 52 10.06 -19.73 14.25
C ILE B 52 9.35 -20.98 14.76
N PRO B 53 9.64 -21.39 16.01
CA PRO B 53 9.04 -22.56 16.63
C PRO B 53 7.51 -22.53 16.52
N GLN B 54 6.93 -23.66 16.16
CA GLN B 54 5.48 -23.77 16.01
C GLN B 54 4.74 -23.38 17.27
N GLU B 55 5.31 -23.71 18.44
CA GLU B 55 4.68 -23.42 19.72
C GLU B 55 4.66 -21.93 20.10
N LEU B 56 5.32 -21.09 19.31
CA LEU B 56 5.36 -19.65 19.56
C LEU B 56 4.47 -18.88 18.61
N LEU B 57 4.03 -19.52 17.53
CA LEU B 57 3.18 -18.85 16.56
C LEU B 57 1.83 -18.49 17.18
N ARG B 58 1.38 -17.26 16.94
CA ARG B 58 0.10 -16.78 17.44
C ARG B 58 -0.65 -16.15 16.27
N ALA B 59 -1.79 -16.73 15.91
CA ALA B 59 -2.59 -16.19 14.80
C ALA B 59 -3.54 -15.10 15.32
N GLU B 60 -3.71 -15.05 16.63
CA GLU B 60 -4.58 -14.07 17.27
C GLU B 60 -3.86 -13.27 18.35
N PRO B 61 -4.24 -11.99 18.52
CA PRO B 61 -3.63 -11.10 19.52
C PRO B 61 -3.57 -11.78 20.90
N PHE B 62 -2.45 -11.58 21.60
CA PHE B 62 -2.26 -12.18 22.91
C PHE B 62 -1.80 -11.14 23.95
N ASP B 63 -2.01 -11.46 25.23
CA ASP B 63 -1.66 -10.57 26.33
C ASP B 63 -0.18 -10.22 26.27
N LEU B 64 0.13 -8.93 26.27
CA LEU B 64 1.51 -8.46 26.18
C LEU B 64 2.01 -7.86 27.48
N LEU B 65 1.12 -7.69 28.44
CA LEU B 65 1.45 -7.06 29.71
C LEU B 65 2.52 -7.70 30.59
N GLU B 66 2.96 -8.91 30.25
CA GLU B 66 3.99 -9.55 31.06
C GLU B 66 5.34 -9.50 30.36
N ALA B 67 5.38 -8.86 29.20
CA ALA B 67 6.61 -8.73 28.44
C ALA B 67 7.51 -7.63 29.01
N ASP B 68 8.82 -7.80 28.82
CA ASP B 68 9.78 -6.80 29.26
C ASP B 68 9.97 -5.84 28.09
N LEU B 69 9.70 -6.36 26.89
CA LEU B 69 9.83 -5.59 25.65
C LEU B 69 8.85 -6.08 24.61
N VAL B 70 8.29 -5.14 23.84
CA VAL B 70 7.41 -5.48 22.74
C VAL B 70 8.18 -5.03 21.51
N VAL B 71 8.40 -5.97 20.58
CA VAL B 71 9.11 -5.67 19.34
C VAL B 71 8.07 -5.78 18.24
N GLU B 72 7.93 -4.73 17.45
CA GLU B 72 6.91 -4.74 16.39
C GLU B 72 7.47 -4.43 15.01
N ALA B 73 7.01 -5.20 14.03
CA ALA B 73 7.43 -5.04 12.65
C ALA B 73 6.40 -5.68 11.73
N MET B 74 5.13 -5.33 11.93
CA MET B 74 4.09 -5.92 11.12
C MET B 74 3.57 -5.01 10.01
N GLY B 75 4.07 -3.78 9.95
CA GLY B 75 3.61 -2.86 8.93
C GLY B 75 2.17 -2.43 9.19
N GLY B 76 1.67 -1.46 8.43
CA GLY B 76 0.31 -1.01 8.64
C GLY B 76 0.27 -0.06 9.81
N VAL B 77 -0.86 0.63 10.02
CA VAL B 77 -0.95 1.57 11.13
C VAL B 77 -1.92 1.25 12.27
N GLU B 78 -3.21 1.22 11.96
CA GLU B 78 -4.21 1.01 13.02
C GLU B 78 -4.11 -0.26 13.86
N ALA B 79 -3.98 -1.43 13.25
CA ALA B 79 -3.91 -2.65 14.04
C ALA B 79 -2.71 -2.63 14.98
N PRO B 80 -1.50 -2.33 14.47
CA PRO B 80 -0.36 -2.30 15.37
C PRO B 80 -0.54 -1.30 16.50
N LEU B 81 -1.12 -0.15 16.17
CA LEU B 81 -1.37 0.88 17.17
C LEU B 81 -2.21 0.34 18.32
N ARG B 82 -3.37 -0.23 18.01
CA ARG B 82 -4.25 -0.75 19.04
C ARG B 82 -3.61 -1.86 19.85
N LEU B 83 -2.66 -2.57 19.24
CA LEU B 83 -1.97 -3.65 19.92
C LEU B 83 -0.85 -3.17 20.84
N VAL B 84 -0.10 -2.15 20.42
CA VAL B 84 1.01 -1.69 21.25
C VAL B 84 0.63 -0.74 22.39
N LEU B 85 -0.45 0.00 22.21
CA LEU B 85 -0.87 0.96 23.23
C LEU B 85 -1.01 0.42 24.64
N PRO B 86 -1.65 -0.75 24.81
CA PRO B 86 -1.79 -1.30 26.17
C PRO B 86 -0.45 -1.53 26.87
N ALA B 87 0.54 -1.98 26.10
CA ALA B 87 1.85 -2.24 26.66
C ALA B 87 2.53 -0.92 27.02
N LEU B 88 2.49 0.04 26.11
CA LEU B 88 3.12 1.34 26.38
C LEU B 88 2.49 1.98 27.60
N GLU B 89 1.18 1.81 27.74
CA GLU B 89 0.46 2.37 28.89
C GLU B 89 0.91 1.70 30.18
N ALA B 90 1.36 0.44 30.08
CA ALA B 90 1.82 -0.30 31.24
C ALA B 90 3.29 0.02 31.53
N GLY B 91 3.90 0.87 30.70
CA GLY B 91 5.29 1.23 30.90
C GLY B 91 6.28 0.26 30.29
N ILE B 92 5.79 -0.55 29.35
CA ILE B 92 6.63 -1.52 28.65
C ILE B 92 7.13 -0.84 27.38
N PRO B 93 8.46 -0.84 27.16
CA PRO B 93 9.02 -0.20 25.96
C PRO B 93 8.62 -0.91 24.66
N LEU B 94 8.61 -0.13 23.59
CA LEU B 94 8.30 -0.64 22.26
C LEU B 94 9.50 -0.40 21.34
N ILE B 95 10.00 -1.47 20.73
CA ILE B 95 11.09 -1.37 19.76
C ILE B 95 10.38 -1.67 18.45
N THR B 96 10.39 -0.70 17.54
CA THR B 96 9.70 -0.90 16.27
C THR B 96 10.44 -0.40 15.03
N ALA B 97 10.06 -0.98 13.89
CA ALA B 97 10.62 -0.62 12.60
C ALA B 97 9.50 -0.01 11.75
N ASN B 98 8.33 0.16 12.36
CA ASN B 98 7.17 0.66 11.66
C ASN B 98 7.10 2.18 11.48
N LYS B 99 7.72 2.67 10.41
CA LYS B 99 7.72 4.10 10.12
C LYS B 99 6.32 4.65 9.80
N ALA B 100 5.45 3.81 9.26
CA ALA B 100 4.10 4.27 8.94
C ALA B 100 3.34 4.54 10.22
N LEU B 101 3.42 3.60 11.15
CA LEU B 101 2.76 3.71 12.44
C LEU B 101 3.17 4.97 13.19
N LEU B 102 4.49 5.20 13.29
CA LEU B 102 4.98 6.37 14.00
C LEU B 102 4.66 7.68 13.32
N ALA B 103 4.73 7.71 11.99
CA ALA B 103 4.46 8.93 11.24
C ALA B 103 2.98 9.33 11.25
N GLU B 104 2.09 8.34 11.13
CA GLU B 104 0.67 8.64 11.05
C GLU B 104 -0.14 8.54 12.34
N ALA B 105 0.42 7.92 13.38
CA ALA B 105 -0.31 7.79 14.64
C ALA B 105 0.47 8.48 15.77
N TRP B 106 1.16 9.55 15.42
CA TRP B 106 1.96 10.31 16.38
C TRP B 106 1.10 10.92 17.49
N GLU B 107 -0.14 11.27 17.15
CA GLU B 107 -1.05 11.83 18.13
C GLU B 107 -1.20 10.87 19.31
N SER B 108 -1.22 9.57 19.02
CA SER B 108 -1.37 8.57 20.07
C SER B 108 -0.04 8.08 20.67
N LEU B 109 1.02 8.07 19.88
CA LEU B 109 2.31 7.57 20.32
C LEU B 109 3.29 8.57 20.91
N ARG B 110 3.21 9.83 20.50
CA ARG B 110 4.13 10.83 21.01
C ARG B 110 4.31 10.84 22.53
N PRO B 111 3.20 10.83 23.29
CA PRO B 111 3.36 10.85 24.74
C PRO B 111 4.35 9.82 25.29
N PHE B 112 4.33 8.62 24.72
CA PHE B 112 5.22 7.56 25.19
C PHE B 112 6.64 7.74 24.67
N ALA B 113 6.75 8.30 23.47
CA ALA B 113 8.06 8.56 22.88
C ALA B 113 8.71 9.65 23.71
N GLU B 114 7.89 10.59 24.19
CA GLU B 114 8.36 11.71 24.99
C GLU B 114 8.94 11.25 26.33
N GLU B 115 8.53 10.08 26.80
CA GLU B 115 9.07 9.57 28.05
C GLU B 115 10.08 8.44 27.83
N GLY B 116 10.63 8.42 26.61
CA GLY B 116 11.65 7.45 26.25
C GLY B 116 11.29 5.98 26.16
N LEU B 117 10.02 5.68 25.85
CA LEU B 117 9.59 4.29 25.75
C LEU B 117 9.62 3.67 24.36
N ILE B 118 9.86 4.49 23.33
CA ILE B 118 9.89 3.97 21.96
C ILE B 118 11.27 4.03 21.32
N TYR B 119 11.77 2.87 20.92
CA TYR B 119 13.06 2.76 20.25
C TYR B 119 12.71 2.42 18.80
N HIS B 120 13.20 3.21 17.86
CA HIS B 120 12.88 2.94 16.45
C HIS B 120 13.99 3.22 15.45
N GLU B 121 15.20 2.81 15.78
CA GLU B 121 16.31 3.02 14.85
C GLU B 121 15.99 2.32 13.53
N ALA B 122 15.38 1.14 13.62
CA ALA B 122 15.05 0.38 12.42
C ALA B 122 14.00 1.01 11.51
N SER B 123 13.32 2.05 12.00
CA SER B 123 12.27 2.72 11.22
C SER B 123 12.79 3.63 10.11
N VAL B 124 14.08 3.93 10.11
CA VAL B 124 14.67 4.77 9.08
C VAL B 124 16.00 4.18 8.64
N MET B 125 16.10 3.82 7.37
CA MET B 125 17.33 3.23 6.83
C MET B 125 17.75 1.97 7.58
N ALA B 126 16.76 1.17 7.96
CA ALA B 126 16.99 -0.09 8.65
C ALA B 126 18.02 0.02 9.76
N GLY B 127 18.97 -0.91 9.78
CA GLY B 127 19.99 -0.93 10.81
C GLY B 127 21.09 0.10 10.63
N THR B 128 21.03 0.87 9.56
CA THR B 128 22.04 1.91 9.33
C THR B 128 21.78 3.00 10.38
N PRO B 129 22.84 3.53 11.01
CA PRO B 129 22.68 4.57 12.03
C PRO B 129 22.14 5.90 11.53
N ALA B 130 20.82 6.02 11.43
CA ALA B 130 20.21 7.26 10.98
C ALA B 130 19.74 8.10 12.17
N LEU B 131 19.02 7.48 13.10
CA LEU B 131 18.53 8.23 14.26
C LEU B 131 19.68 8.59 15.21
N SER B 132 20.58 7.65 15.46
CA SER B 132 21.71 7.92 16.35
C SER B 132 22.61 8.98 15.72
N PHE B 133 22.63 9.02 14.40
CA PHE B 133 23.42 9.99 13.65
C PHE B 133 22.87 11.39 13.97
N LEU B 134 21.55 11.55 13.93
CA LEU B 134 20.97 12.84 14.24
C LEU B 134 21.07 13.17 15.72
N GLU B 135 21.03 12.15 16.58
CA GLU B 135 21.15 12.41 18.01
C GLU B 135 22.48 13.11 18.27
N THR B 136 23.54 12.66 17.60
CA THR B 136 24.84 13.28 17.78
C THR B 136 24.88 14.66 17.11
N LEU B 137 24.11 14.80 16.02
CA LEU B 137 24.07 16.06 15.30
C LEU B 137 23.40 17.15 16.12
N ARG B 138 22.73 16.75 17.19
CA ARG B 138 22.06 17.71 18.06
C ARG B 138 23.08 18.68 18.66
N GLY B 139 24.34 18.30 18.61
CA GLY B 139 25.38 19.18 19.15
C GLY B 139 25.44 20.46 18.36
N SER B 140 24.89 20.41 17.14
CA SER B 140 24.87 21.58 16.27
C SER B 140 23.43 21.97 15.98
N GLU B 141 23.26 23.07 15.25
CA GLU B 141 21.93 23.54 14.88
C GLU B 141 21.79 23.24 13.39
N LEU B 142 20.76 22.50 13.02
CA LEU B 142 20.54 22.13 11.62
C LEU B 142 20.40 23.30 10.66
N LEU B 143 21.09 23.21 9.52
CA LEU B 143 21.01 24.22 8.48
C LEU B 143 20.16 23.62 7.35
N GLU B 144 20.45 22.38 6.99
CA GLU B 144 19.70 21.68 5.96
C GLU B 144 19.91 20.18 6.04
N LEU B 145 18.88 19.43 5.67
CA LEU B 145 18.95 17.97 5.68
C LEU B 145 18.39 17.43 4.37
N HIS B 146 19.09 16.44 3.81
CA HIS B 146 18.66 15.83 2.56
C HIS B 146 19.02 14.38 2.61
N GLY B 147 18.12 13.52 2.18
CA GLY B 147 18.41 12.10 2.21
C GLY B 147 17.72 11.32 1.11
N ILE B 148 18.33 10.19 0.74
CA ILE B 148 17.74 9.30 -0.24
C ILE B 148 17.44 8.13 0.70
N LEU B 149 16.22 8.14 1.22
CA LEU B 149 15.77 7.19 2.22
C LEU B 149 15.08 5.89 1.87
N ASN B 150 14.60 5.72 0.64
CA ASN B 150 13.90 4.49 0.29
C ASN B 150 14.76 3.54 -0.52
N GLY B 151 14.90 2.31 -0.05
CA GLY B 151 15.71 1.31 -0.73
C GLY B 151 15.19 0.88 -2.08
N THR B 152 13.88 0.74 -2.21
CA THR B 152 13.27 0.33 -3.46
C THR B 152 13.45 1.34 -4.59
N THR B 153 13.10 2.59 -4.35
CA THR B 153 13.23 3.62 -5.36
C THR B 153 14.69 3.87 -5.74
N LEU B 154 15.61 3.73 -4.78
CA LEU B 154 17.02 3.92 -5.08
C LEU B 154 17.48 2.84 -6.04
N TYR B 155 17.17 1.59 -5.71
CA TYR B 155 17.53 0.46 -6.55
C TYR B 155 16.96 0.65 -7.96
N ILE B 156 15.66 0.95 -8.06
CA ILE B 156 15.04 1.15 -9.36
C ILE B 156 15.72 2.24 -10.20
N LEU B 157 16.05 3.37 -9.58
CA LEU B 157 16.70 4.44 -10.32
C LEU B 157 18.11 4.03 -10.77
N GLN B 158 18.82 3.29 -9.92
CA GLN B 158 20.17 2.82 -10.23
C GLN B 158 20.14 1.86 -11.41
N GLU B 159 19.16 0.96 -11.41
CA GLU B 159 19.02 -0.02 -12.49
C GLU B 159 18.59 0.64 -13.80
N MET B 160 17.70 1.63 -13.73
CA MET B 160 17.27 2.30 -14.95
C MET B 160 18.44 3.07 -15.58
N GLU B 161 19.39 3.51 -14.77
CA GLU B 161 20.56 4.22 -15.28
C GLU B 161 21.40 3.26 -16.12
N LYS B 162 21.31 1.97 -15.81
CA LYS B 162 22.06 0.92 -16.50
C LYS B 162 21.31 0.40 -17.73
N GLY B 163 20.14 0.97 -18.03
CA GLY B 163 19.36 0.52 -19.16
C GLY B 163 18.17 -0.37 -18.84
N ARG B 164 18.07 -0.85 -17.61
CA ARG B 164 16.96 -1.70 -17.20
C ARG B 164 15.65 -0.91 -17.16
N THR B 165 14.54 -1.56 -17.47
CA THR B 165 13.26 -0.88 -17.45
C THR B 165 12.74 -0.78 -16.02
N TYR B 166 11.80 0.14 -15.81
CA TYR B 166 11.18 0.33 -14.50
C TYR B 166 10.66 -1.01 -13.98
N ALA B 167 9.90 -1.71 -14.82
CA ALA B 167 9.33 -3.00 -14.46
C ALA B 167 10.36 -4.06 -14.11
N GLU B 168 11.39 -4.22 -14.94
CA GLU B 168 12.41 -5.24 -14.67
C GLU B 168 13.08 -4.93 -13.33
N ALA B 169 13.37 -3.65 -13.11
CA ALA B 169 14.01 -3.21 -11.88
C ALA B 169 13.14 -3.45 -10.65
N LEU B 170 11.88 -3.04 -10.72
CA LEU B 170 10.98 -3.24 -9.60
C LEU B 170 10.82 -4.71 -9.21
N LEU B 171 10.55 -5.58 -10.19
CA LEU B 171 10.40 -6.99 -9.90
C LEU B 171 11.66 -7.56 -9.26
N GLU B 172 12.82 -7.12 -9.73
CA GLU B 172 14.08 -7.61 -9.16
C GLU B 172 14.23 -7.10 -7.72
N ALA B 173 13.82 -5.86 -7.49
CA ALA B 173 13.91 -5.28 -6.15
C ALA B 173 13.04 -6.14 -5.23
N GLN B 174 11.91 -6.61 -5.76
CA GLN B 174 11.04 -7.45 -4.94
C GLN B 174 11.71 -8.81 -4.72
N ARG B 175 12.34 -9.36 -5.77
CA ARG B 175 13.03 -10.64 -5.62
C ARG B 175 14.17 -10.51 -4.62
N LEU B 176 14.83 -9.35 -4.63
CA LEU B 176 15.95 -9.10 -3.73
C LEU B 176 15.53 -8.87 -2.28
N GLY B 177 14.25 -8.59 -2.04
CA GLY B 177 13.80 -8.36 -0.68
C GLY B 177 13.71 -6.91 -0.27
N TYR B 178 14.03 -5.99 -1.18
CA TYR B 178 13.97 -4.56 -0.87
C TYR B 178 12.54 -4.05 -0.80
N ALA B 179 11.71 -4.51 -1.73
CA ALA B 179 10.31 -4.07 -1.80
C ALA B 179 9.33 -5.19 -1.48
N GLU B 180 8.15 -4.79 -0.98
CA GLU B 180 7.10 -5.73 -0.63
C GLU B 180 6.22 -6.00 -1.84
N ALA B 181 5.27 -6.92 -1.69
CA ALA B 181 4.36 -7.27 -2.78
C ALA B 181 3.77 -6.04 -3.46
N ASP B 182 3.33 -5.08 -2.65
CA ASP B 182 2.79 -3.84 -3.20
C ASP B 182 3.69 -2.71 -2.72
N PRO B 183 4.62 -2.27 -3.58
CA PRO B 183 5.57 -1.20 -3.28
C PRO B 183 5.01 0.19 -3.57
N THR B 184 3.69 0.33 -3.60
CA THR B 184 3.08 1.62 -3.90
C THR B 184 3.54 2.74 -2.98
N LEU B 185 3.66 2.45 -1.68
CA LEU B 185 4.10 3.45 -0.71
C LEU B 185 5.49 3.94 -1.07
N ASP B 186 6.33 3.00 -1.47
CA ASP B 186 7.71 3.29 -1.83
C ASP B 186 7.87 4.12 -3.08
N VAL B 187 7.27 3.66 -4.18
CA VAL B 187 7.41 4.37 -5.45
C VAL B 187 6.69 5.71 -5.53
N GLU B 188 5.71 5.94 -4.66
CA GLU B 188 5.00 7.20 -4.64
C GLU B 188 5.65 8.18 -3.69
N GLY B 189 6.75 7.74 -3.09
CA GLY B 189 7.50 8.61 -2.18
C GLY B 189 6.90 8.76 -0.80
N ILE B 190 5.88 7.97 -0.48
CA ILE B 190 5.23 8.06 0.82
C ILE B 190 6.08 7.47 1.94
N ASP B 191 6.78 6.39 1.65
CA ASP B 191 7.64 5.76 2.65
C ASP B 191 8.76 6.73 3.02
N ALA B 192 9.30 7.42 2.03
CA ALA B 192 10.38 8.38 2.29
C ALA B 192 9.79 9.53 3.12
N ALA B 193 8.54 9.89 2.83
CA ALA B 193 7.86 10.95 3.57
C ALA B 193 7.66 10.53 5.04
N HIS B 194 7.37 9.25 5.26
CA HIS B 194 7.19 8.73 6.61
C HIS B 194 8.49 8.93 7.40
N LYS B 195 9.60 8.50 6.79
CA LYS B 195 10.90 8.60 7.44
C LYS B 195 11.35 10.04 7.66
N LEU B 196 11.17 10.89 6.65
CA LEU B 196 11.57 12.28 6.78
C LEU B 196 10.87 12.92 7.97
N THR B 197 9.58 12.60 8.14
CA THR B 197 8.80 13.13 9.26
C THR B 197 9.42 12.73 10.59
N LEU B 198 9.88 11.48 10.66
CA LEU B 198 10.51 10.97 11.88
C LEU B 198 11.81 11.71 12.16
N LEU B 199 12.56 12.02 11.11
CA LEU B 199 13.83 12.73 11.32
C LEU B 199 13.56 14.16 11.76
N ALA B 200 12.56 14.79 11.15
CA ALA B 200 12.23 16.16 11.51
C ALA B 200 11.81 16.22 12.98
N ARG B 201 11.06 15.22 13.44
CA ARG B 201 10.60 15.20 14.82
C ARG B 201 11.69 15.01 15.86
N LEU B 202 12.73 14.26 15.49
CA LEU B 202 13.81 13.98 16.39
C LEU B 202 14.76 15.17 16.48
N LEU B 203 14.88 15.92 15.39
CA LEU B 203 15.81 17.03 15.37
C LEU B 203 15.32 18.47 15.55
N VAL B 204 14.26 18.87 14.85
CA VAL B 204 13.81 20.26 14.95
C VAL B 204 12.38 20.56 15.44
N ASP B 205 11.47 19.59 15.38
CA ASP B 205 10.10 19.85 15.79
C ASP B 205 9.41 18.56 16.21
N PRO B 206 9.27 18.36 17.53
CA PRO B 206 8.65 17.16 18.10
C PRO B 206 7.23 16.85 17.61
N GLY B 207 6.53 17.87 17.11
CA GLY B 207 5.18 17.66 16.65
C GLY B 207 5.00 17.81 15.14
N PHE B 208 6.11 17.77 14.40
CA PHE B 208 6.05 17.93 12.96
C PHE B 208 4.99 17.01 12.38
N PRO B 209 4.02 17.57 11.64
CA PRO B 209 2.95 16.77 11.05
C PRO B 209 3.31 16.09 9.74
N PHE B 210 3.07 14.78 9.68
CA PHE B 210 3.32 14.01 8.47
C PHE B 210 2.58 14.62 7.27
N ALA B 211 1.38 15.14 7.53
CA ALA B 211 0.57 15.73 6.46
C ALA B 211 1.18 16.97 5.81
N GLU B 212 2.19 17.56 6.44
CA GLU B 212 2.81 18.76 5.86
C GLU B 212 3.92 18.44 4.87
N VAL B 213 4.32 17.18 4.82
CA VAL B 213 5.38 16.77 3.91
C VAL B 213 4.78 16.69 2.50
N GLU B 214 5.39 17.37 1.55
CA GLU B 214 4.92 17.33 0.16
C GLU B 214 5.68 16.19 -0.49
N ALA B 215 4.98 15.18 -0.97
CA ALA B 215 5.66 14.05 -1.55
C ALA B 215 5.23 13.61 -2.94
N GLN B 216 6.22 13.28 -3.75
CA GLN B 216 5.99 12.78 -5.10
C GLN B 216 7.00 11.67 -5.32
N GLY B 217 6.63 10.70 -6.16
CA GLY B 217 7.50 9.57 -6.41
C GLY B 217 8.29 9.59 -7.70
N ILE B 218 8.68 8.40 -8.15
CA ILE B 218 9.49 8.23 -9.35
C ILE B 218 8.72 7.75 -10.57
N ALA B 219 7.40 7.65 -10.46
CA ALA B 219 6.56 7.15 -11.56
C ALA B 219 6.74 7.75 -12.94
N ARG B 220 7.26 8.97 -13.05
CA ARG B 220 7.42 9.59 -14.36
C ARG B 220 8.84 9.42 -14.92
N LEU B 221 9.71 8.78 -14.13
CA LEU B 221 11.09 8.59 -14.54
C LEU B 221 11.27 7.38 -15.45
N THR B 222 12.19 7.50 -16.40
CA THR B 222 12.48 6.45 -17.35
C THR B 222 13.99 6.41 -17.60
N PRO B 223 14.49 5.34 -18.23
CA PRO B 223 15.92 5.25 -18.50
C PRO B 223 16.36 6.42 -19.38
N GLU B 224 15.44 6.90 -20.21
CA GLU B 224 15.72 8.03 -21.09
C GLU B 224 15.97 9.32 -20.28
N VAL B 225 15.10 9.60 -19.32
CA VAL B 225 15.28 10.80 -18.50
C VAL B 225 16.60 10.73 -17.75
N LEU B 226 16.90 9.56 -17.20
CA LEU B 226 18.13 9.38 -16.44
C LEU B 226 19.39 9.49 -17.28
N GLN B 227 19.34 8.98 -18.52
CA GLN B 227 20.51 9.06 -19.39
C GLN B 227 20.73 10.50 -19.85
N LYS B 228 19.65 11.24 -20.06
CA LYS B 228 19.79 12.64 -20.47
C LYS B 228 20.40 13.44 -19.31
N ALA B 229 20.06 13.06 -18.08
CA ALA B 229 20.60 13.75 -16.91
C ALA B 229 22.10 13.46 -16.83
N GLU B 230 22.47 12.20 -17.06
CA GLU B 230 23.87 11.82 -17.03
C GLU B 230 24.69 12.61 -18.04
N ALA B 231 24.06 12.97 -19.16
CA ALA B 231 24.72 13.73 -20.21
C ALA B 231 25.05 15.15 -19.76
N ARG B 232 24.36 15.62 -18.72
CA ARG B 232 24.58 16.96 -18.20
C ARG B 232 25.45 16.88 -16.95
N GLY B 233 25.90 15.69 -16.62
CA GLY B 233 26.72 15.49 -15.44
C GLY B 233 25.93 15.50 -14.14
N GLU B 234 24.67 15.07 -14.22
CA GLU B 234 23.82 15.04 -13.04
C GLU B 234 23.23 13.64 -12.85
N ARG B 235 22.73 13.37 -11.65
CA ARG B 235 22.09 12.09 -11.39
C ARG B 235 20.72 12.41 -10.78
N VAL B 236 19.71 11.63 -11.14
CA VAL B 236 18.38 11.88 -10.59
C VAL B 236 18.16 10.91 -9.45
N ARG B 237 17.72 11.43 -8.32
CA ARG B 237 17.46 10.62 -7.15
C ARG B 237 16.24 11.16 -6.43
N LEU B 238 15.51 10.27 -5.77
CA LEU B 238 14.33 10.68 -5.00
C LEU B 238 14.91 11.19 -3.68
N VAL B 239 14.85 12.51 -3.49
CA VAL B 239 15.40 13.13 -2.28
C VAL B 239 14.35 13.63 -1.31
N ALA B 240 14.58 13.35 -0.03
CA ALA B 240 13.70 13.77 1.06
C ALA B 240 14.44 14.95 1.69
N SER B 241 13.85 16.15 1.63
CA SER B 241 14.51 17.35 2.15
C SER B 241 13.81 18.05 3.30
N LEU B 242 14.64 18.60 4.20
CA LEU B 242 14.18 19.35 5.37
C LEU B 242 14.97 20.65 5.30
N PHE B 243 14.30 21.77 5.07
CA PHE B 243 14.99 23.05 4.95
C PHE B 243 14.11 24.23 5.32
N GLY B 244 14.72 25.38 5.61
CA GLY B 244 13.98 26.56 5.99
C GLY B 244 13.40 27.35 4.84
N GLU B 245 12.20 27.89 5.04
CA GLU B 245 11.55 28.69 4.03
C GLU B 245 10.53 29.60 4.72
N GLY B 246 10.66 30.90 4.48
CA GLY B 246 9.77 31.85 5.10
C GLY B 246 9.83 31.79 6.62
N GLY B 247 10.94 31.30 7.16
CA GLY B 247 11.09 31.21 8.60
C GLY B 247 10.49 29.96 9.24
N ARG B 248 10.07 29.01 8.41
CA ARG B 248 9.49 27.77 8.92
C ARG B 248 10.12 26.57 8.23
N TRP B 249 10.13 25.44 8.93
CA TRP B 249 10.70 24.23 8.37
C TRP B 249 9.79 23.66 7.31
N ARG B 250 10.36 23.34 6.15
CA ARG B 250 9.61 22.77 5.04
C ARG B 250 10.21 21.40 4.69
N ALA B 251 9.34 20.41 4.53
CA ALA B 251 9.77 19.07 4.19
C ALA B 251 9.12 18.63 2.89
N ALA B 252 9.92 18.04 2.01
CA ALA B 252 9.42 17.58 0.73
C ALA B 252 10.21 16.38 0.23
N VAL B 253 9.53 15.55 -0.54
CA VAL B 253 10.13 14.37 -1.12
C VAL B 253 9.87 14.52 -2.61
N ALA B 254 10.93 14.48 -3.41
CA ALA B 254 10.77 14.62 -4.85
C ALA B 254 12.04 14.25 -5.61
N PRO B 255 11.90 13.90 -6.89
CA PRO B 255 13.10 13.55 -7.65
C PRO B 255 13.88 14.84 -7.82
N ARG B 256 15.19 14.77 -7.67
CA ARG B 256 16.01 15.97 -7.80
C ARG B 256 17.19 15.68 -8.68
N ARG B 257 17.62 16.69 -9.43
CA ARG B 257 18.78 16.55 -10.28
C ARG B 257 19.97 16.92 -9.41
N LEU B 258 20.85 15.96 -9.17
CA LEU B 258 22.02 16.18 -8.32
C LEU B 258 23.33 16.11 -9.08
N PRO B 259 24.31 16.92 -8.66
CA PRO B 259 25.59 16.87 -9.39
C PRO B 259 26.10 15.44 -9.21
N GLN B 260 26.63 14.86 -10.28
CA GLN B 260 27.13 13.50 -10.24
C GLN B 260 28.11 13.16 -9.11
N ASP B 261 28.85 14.15 -8.62
CA ASP B 261 29.81 13.88 -7.55
C ASP B 261 29.31 14.15 -6.14
N HIS B 262 28.07 14.58 -6.02
CA HIS B 262 27.51 14.87 -4.71
C HIS B 262 27.42 13.59 -3.90
N PRO B 263 27.73 13.66 -2.59
CA PRO B 263 27.67 12.48 -1.73
C PRO B 263 26.40 11.66 -1.93
N LEU B 264 25.26 12.34 -2.04
CA LEU B 264 23.98 11.66 -2.23
C LEU B 264 23.89 10.96 -3.58
N ALA B 265 24.64 11.46 -4.55
CA ALA B 265 24.62 10.87 -5.88
C ALA B 265 25.57 9.68 -6.02
N ARG B 266 26.63 9.64 -5.22
CA ARG B 266 27.61 8.57 -5.32
C ARG B 266 27.58 7.56 -4.18
N ALA B 267 26.57 7.68 -3.32
CA ALA B 267 26.46 6.80 -2.16
C ALA B 267 26.23 5.33 -2.46
N ARG B 268 26.75 4.47 -1.58
CA ARG B 268 26.54 3.04 -1.70
C ARG B 268 25.41 2.78 -0.71
N GLY B 269 24.21 2.53 -1.23
CA GLY B 269 23.08 2.31 -0.36
C GLY B 269 22.37 3.62 -0.10
N ASN B 270 21.41 3.62 0.82
CA ASN B 270 20.71 4.85 1.11
C ASN B 270 21.62 5.77 1.89
N ALA B 271 21.23 7.03 1.99
CA ALA B 271 22.10 7.99 2.68
C ALA B 271 21.36 9.19 3.27
N LEU B 272 21.95 9.75 4.32
CA LEU B 272 21.41 10.91 5.02
C LEU B 272 22.55 11.93 5.09
N TRP B 273 22.29 13.12 4.54
CA TRP B 273 23.30 14.18 4.49
C TRP B 273 22.80 15.42 5.22
N VAL B 274 23.67 16.07 5.97
CA VAL B 274 23.28 17.27 6.70
C VAL B 274 24.36 18.35 6.74
N ARG B 275 23.91 19.58 6.92
CA ARG B 275 24.81 20.72 7.08
C ARG B 275 24.27 21.32 8.36
N ALA B 276 25.14 21.53 9.35
CA ALA B 276 24.71 22.07 10.63
C ALA B 276 25.82 22.94 11.21
N ARG B 277 25.44 23.91 12.04
CA ARG B 277 26.39 24.84 12.66
C ARG B 277 26.63 24.47 14.12
N PRO B 278 27.91 24.37 14.54
CA PRO B 278 29.17 24.57 13.83
C PRO B 278 29.86 23.33 13.26
N LEU B 279 29.28 22.14 13.42
CA LEU B 279 29.92 20.94 12.90
C LEU B 279 30.37 21.05 11.45
N GLY B 280 29.44 21.42 10.57
CA GLY B 280 29.76 21.51 9.15
C GLY B 280 28.89 20.56 8.36
N GLU B 281 29.49 19.82 7.43
CA GLU B 281 28.75 18.85 6.60
C GLU B 281 29.15 17.42 6.95
N ALA B 282 28.16 16.56 7.16
CA ALA B 282 28.43 15.17 7.47
C ALA B 282 27.35 14.30 6.87
N PHE B 283 27.63 13.02 6.69
CA PHE B 283 26.62 12.13 6.15
C PHE B 283 26.90 10.67 6.45
N VAL B 284 25.85 9.86 6.44
CA VAL B 284 25.98 8.46 6.74
C VAL B 284 25.25 7.67 5.65
N THR B 285 25.74 6.47 5.36
CA THR B 285 25.14 5.63 4.34
C THR B 285 25.12 4.17 4.77
N GLY B 286 24.22 3.42 4.14
CA GLY B 286 24.08 2.00 4.45
C GLY B 286 22.81 1.46 3.83
N PRO B 287 22.50 0.18 4.06
CA PRO B 287 21.28 -0.41 3.49
C PRO B 287 20.02 0.29 4.02
N GLY B 288 19.01 0.46 3.17
CA GLY B 288 17.80 1.13 3.60
C GLY B 288 16.62 0.16 3.73
N ALA B 289 16.87 -1.10 3.44
CA ALA B 289 15.83 -2.12 3.52
C ALA B 289 16.42 -3.52 3.63
N GLY B 290 15.56 -4.51 3.84
CA GLY B 290 16.02 -5.88 3.95
C GLY B 290 15.74 -6.47 5.32
N GLY B 291 15.50 -7.77 5.36
CA GLY B 291 15.21 -8.44 6.62
C GLY B 291 16.38 -8.39 7.58
N GLY B 292 17.55 -8.82 7.13
CA GLY B 292 18.72 -8.81 7.99
C GLY B 292 19.11 -7.42 8.44
N ALA B 293 19.10 -6.47 7.50
CA ALA B 293 19.47 -5.10 7.79
C ALA B 293 18.52 -4.50 8.82
N THR B 294 17.23 -4.72 8.64
CA THR B 294 16.26 -4.19 9.60
C THR B 294 16.38 -4.88 10.96
N ALA B 295 16.60 -6.19 10.96
CA ALA B 295 16.75 -6.93 12.21
C ALA B 295 17.91 -6.34 13.02
N SER B 296 18.99 -5.97 12.32
CA SER B 296 20.16 -5.41 12.99
C SER B 296 19.76 -4.14 13.76
N GLY B 297 18.87 -3.35 13.17
CA GLY B 297 18.45 -2.12 13.84
C GLY B 297 17.63 -2.42 15.08
N LEU B 298 16.72 -3.40 14.98
CA LEU B 298 15.89 -3.75 16.12
C LEU B 298 16.73 -4.33 17.24
N PHE B 299 17.74 -5.12 16.87
CA PHE B 299 18.59 -5.73 17.88
C PHE B 299 19.47 -4.67 18.53
N ALA B 300 19.90 -3.70 17.72
CA ALA B 300 20.73 -2.60 18.23
C ALA B 300 19.97 -1.86 19.33
N ASP B 301 18.67 -1.65 19.11
CA ASP B 301 17.82 -0.96 20.10
C ASP B 301 17.58 -1.82 21.34
N LEU B 302 17.55 -3.13 21.16
CA LEU B 302 17.36 -4.02 22.29
C LEU B 302 18.58 -3.90 23.20
N LEU B 303 19.77 -3.83 22.58
CA LEU B 303 20.99 -3.70 23.37
C LEU B 303 21.03 -2.31 24.02
N ARG B 304 20.52 -1.30 23.31
CA ARG B 304 20.49 0.06 23.84
C ARG B 304 19.60 0.04 25.08
N PHE B 305 18.49 -0.67 25.00
CA PHE B 305 17.59 -0.77 26.14
C PHE B 305 18.26 -1.46 27.32
N LEU B 306 18.95 -2.57 27.06
CA LEU B 306 19.63 -3.32 28.11
C LEU B 306 20.76 -2.53 28.76
N SER B 307 21.29 -1.54 28.06
CA SER B 307 22.38 -0.72 28.60
C SER B 307 21.88 0.35 29.57
N GLY B 308 20.56 0.50 29.66
CA GLY B 308 19.99 1.49 30.55
C GLY B 308 19.68 2.82 29.88
N ALA B 309 19.82 2.88 28.57
CA ALA B 309 19.55 4.11 27.84
C ALA B 309 18.09 4.19 27.42
N PRO B 310 17.51 5.39 27.39
CA PRO B 310 16.11 5.60 26.98
C PRO B 310 15.95 5.42 25.48
N GLY B 311 14.71 5.39 25.02
CA GLY B 311 14.45 5.26 23.60
C GLY B 311 14.79 6.56 22.89
N HIS B 312 14.38 6.67 21.63
CA HIS B 312 14.64 7.87 20.88
C HIS B 312 13.62 8.92 21.27
N LEU B 313 14.13 10.05 21.74
CA LEU B 313 13.26 11.12 22.19
C LEU B 313 13.02 12.18 21.14
N PRO B 314 11.81 12.76 21.13
CA PRO B 314 11.52 13.81 20.16
C PRO B 314 12.35 15.01 20.58
N ALA B 315 12.53 15.97 19.68
CA ALA B 315 13.31 17.17 20.00
C ALA B 315 12.66 17.80 21.23
N PRO B 316 13.48 18.40 22.11
CA PRO B 316 13.00 19.04 23.35
C PRO B 316 11.92 20.08 23.10
N ARG B 317 12.12 20.90 22.07
CA ARG B 317 11.15 21.93 21.72
C ARG B 317 11.27 22.22 20.24
N ALA B 318 10.27 22.87 19.66
CA ALA B 318 10.35 23.19 18.24
C ALA B 318 11.23 24.43 18.08
N ARG B 319 12.10 24.40 17.08
CA ARG B 319 12.98 25.54 16.81
C ARG B 319 12.94 25.87 15.32
N PRO B 320 12.87 27.16 14.98
CA PRO B 320 12.83 27.60 13.58
C PRO B 320 14.19 27.43 12.91
N PRO B 321 14.22 27.44 11.58
CA PRO B 321 15.48 27.28 10.86
C PRO B 321 16.34 28.53 10.98
N LEU B 322 17.65 28.35 10.95
CA LEU B 322 18.60 29.46 11.04
C LEU B 322 18.75 30.18 9.71
N GLU B 323 18.29 29.55 8.63
CA GLU B 323 18.42 30.17 7.33
C GLU B 323 17.54 29.51 6.28
N GLU B 324 17.06 30.32 5.34
CA GLU B 324 16.24 29.81 4.25
C GLU B 324 17.09 28.84 3.45
N GLY B 325 16.55 27.67 3.19
CA GLY B 325 17.28 26.69 2.43
C GLY B 325 16.91 26.81 0.98
N SER B 326 17.86 26.44 0.13
CA SER B 326 17.67 26.47 -1.31
C SER B 326 17.45 25.03 -1.72
N PRO B 327 16.27 24.71 -2.25
CA PRO B 327 15.95 23.35 -2.67
C PRO B 327 16.75 22.97 -3.91
N TRP B 328 16.94 21.68 -4.12
CA TRP B 328 17.66 21.24 -5.30
C TRP B 328 16.72 21.34 -6.49
N PRO B 329 17.26 21.46 -7.71
CA PRO B 329 16.39 21.55 -8.88
C PRO B 329 15.59 20.27 -9.07
N GLY B 330 14.28 20.41 -9.23
CA GLY B 330 13.44 19.25 -9.43
C GLY B 330 13.56 18.74 -10.85
N VAL B 331 13.04 17.54 -11.10
CA VAL B 331 13.06 16.96 -12.43
C VAL B 331 11.77 17.38 -13.13
N MET C 1 -9.37 -26.18 -34.75
CA MET C 1 -9.18 -25.39 -33.50
C MET C 1 -7.91 -24.54 -33.58
N GLU C 2 -8.05 -23.24 -33.34
CA GLU C 2 -6.89 -22.36 -33.37
C GLU C 2 -6.56 -21.97 -31.93
N ALA C 3 -5.29 -21.67 -31.67
CA ALA C 3 -4.90 -21.32 -30.31
C ALA C 3 -5.33 -19.93 -29.85
N LEU C 4 -5.68 -19.83 -28.58
CA LEU C 4 -6.03 -18.55 -27.96
C LEU C 4 -4.82 -18.34 -27.05
N LYS C 5 -3.90 -17.50 -27.50
CA LYS C 5 -2.67 -17.23 -26.77
C LYS C 5 -2.88 -16.20 -25.68
N ILE C 6 -2.59 -16.61 -24.44
CA ILE C 6 -2.78 -15.75 -23.29
C ILE C 6 -1.50 -15.45 -22.52
N ALA C 7 -1.22 -14.16 -22.30
CA ALA C 7 -0.06 -13.75 -21.51
C ALA C 7 -0.67 -13.36 -20.17
N LEU C 8 -0.28 -14.05 -19.10
CA LEU C 8 -0.81 -13.76 -17.78
C LEU C 8 0.19 -12.99 -16.93
N LEU C 9 -0.20 -11.83 -16.42
CA LEU C 9 0.68 -11.02 -15.59
C LEU C 9 0.18 -11.12 -14.16
N GLY C 10 0.92 -11.88 -13.34
CA GLY C 10 0.54 -12.07 -11.95
C GLY C 10 0.30 -13.54 -11.72
N GLY C 11 1.08 -14.12 -10.81
CA GLY C 11 0.93 -15.54 -10.53
C GLY C 11 0.48 -15.79 -9.10
N GLY C 12 -0.12 -14.78 -8.48
CA GLY C 12 -0.61 -14.90 -7.12
C GLY C 12 -1.90 -15.68 -7.00
N THR C 13 -2.65 -15.44 -5.92
CA THR C 13 -3.90 -16.17 -5.69
C THR C 13 -4.88 -16.04 -6.86
N VAL C 14 -5.00 -14.84 -7.42
CA VAL C 14 -5.90 -14.62 -8.54
C VAL C 14 -5.34 -15.23 -9.82
N GLY C 15 -4.06 -14.96 -10.11
CA GLY C 15 -3.45 -15.50 -11.31
C GLY C 15 -3.52 -17.02 -11.35
N SER C 16 -3.16 -17.65 -10.24
CA SER C 16 -3.18 -19.10 -10.16
C SER C 16 -4.61 -19.61 -10.35
N ALA C 17 -5.56 -18.94 -9.71
CA ALA C 17 -6.96 -19.34 -9.82
C ALA C 17 -7.43 -19.21 -11.27
N PHE C 18 -7.04 -18.11 -11.92
CA PHE C 18 -7.43 -17.89 -13.30
C PHE C 18 -6.83 -18.96 -14.23
N TYR C 19 -5.53 -19.18 -14.10
CA TYR C 19 -4.83 -20.16 -14.93
C TYR C 19 -5.53 -21.52 -14.86
N ASN C 20 -5.82 -21.97 -13.65
CA ASN C 20 -6.46 -23.25 -13.47
C ASN C 20 -7.91 -23.29 -13.91
N LEU C 21 -8.61 -22.17 -13.79
CA LEU C 21 -10.00 -22.13 -14.24
C LEU C 21 -10.05 -22.25 -15.76
N VAL C 22 -9.13 -21.57 -16.44
CA VAL C 22 -9.06 -21.61 -17.90
C VAL C 22 -8.82 -23.02 -18.39
N LEU C 23 -7.89 -23.73 -17.76
CA LEU C 23 -7.59 -25.10 -18.16
C LEU C 23 -8.76 -26.03 -17.86
N GLU C 24 -9.34 -25.87 -16.67
CA GLU C 24 -10.46 -26.70 -16.27
C GLU C 24 -11.65 -26.56 -17.21
N ARG C 25 -11.86 -25.36 -17.73
CA ARG C 25 -12.99 -25.09 -18.61
C ARG C 25 -12.60 -24.93 -20.08
N ALA C 26 -11.53 -25.59 -20.49
CA ALA C 26 -11.07 -25.51 -21.87
C ALA C 26 -12.19 -25.98 -22.81
N GLU C 27 -13.05 -26.85 -22.31
CA GLU C 27 -14.16 -27.40 -23.07
C GLU C 27 -15.12 -26.31 -23.55
N GLU C 28 -15.41 -25.35 -22.68
CA GLU C 28 -16.31 -24.27 -23.07
C GLU C 28 -15.68 -23.46 -24.19
N LEU C 29 -14.35 -23.32 -24.15
CA LEU C 29 -13.64 -22.57 -25.17
C LEU C 29 -13.67 -23.27 -26.53
N SER C 30 -13.74 -24.60 -26.50
CA SER C 30 -13.82 -25.37 -27.73
C SER C 30 -15.06 -24.91 -28.49
N ALA C 31 -16.09 -24.54 -27.74
CA ALA C 31 -17.34 -24.09 -28.33
C ALA C 31 -17.15 -22.85 -29.21
N PHE C 32 -16.06 -22.10 -29.01
CA PHE C 32 -15.77 -20.92 -29.82
C PHE C 32 -14.66 -21.25 -30.83
N GLY C 33 -14.29 -22.52 -30.90
CA GLY C 33 -13.26 -22.95 -31.84
C GLY C 33 -11.82 -22.65 -31.46
N VAL C 34 -11.55 -22.47 -30.18
CA VAL C 34 -10.19 -22.20 -29.75
C VAL C 34 -9.75 -23.07 -28.59
N VAL C 35 -8.43 -23.19 -28.43
CA VAL C 35 -7.83 -23.97 -27.36
C VAL C 35 -6.90 -22.99 -26.63
N PRO C 36 -7.06 -22.87 -25.30
CA PRO C 36 -6.22 -21.95 -24.55
C PRO C 36 -4.77 -22.39 -24.44
N ARG C 37 -3.85 -21.44 -24.61
CA ARG C 37 -2.43 -21.73 -24.49
C ARG C 37 -1.76 -20.51 -23.85
N PHE C 38 -1.18 -20.72 -22.67
CA PHE C 38 -0.52 -19.63 -21.99
C PHE C 38 0.90 -19.49 -22.52
N LEU C 39 1.25 -18.27 -22.89
CA LEU C 39 2.57 -17.96 -23.42
C LEU C 39 3.57 -17.83 -22.28
N GLY C 40 3.05 -17.52 -21.10
CA GLY C 40 3.90 -17.37 -19.94
C GLY C 40 3.14 -16.68 -18.81
N VAL C 41 3.70 -16.74 -17.61
CA VAL C 41 3.06 -16.12 -16.46
C VAL C 41 4.08 -15.34 -15.67
N LEU C 42 3.94 -14.03 -15.66
CA LEU C 42 4.87 -13.17 -14.92
C LEU C 42 4.60 -13.30 -13.43
N VAL C 43 5.61 -13.65 -12.65
CA VAL C 43 5.41 -13.82 -11.20
C VAL C 43 6.35 -12.95 -10.39
N ARG C 44 5.83 -12.35 -9.32
CA ARG C 44 6.64 -11.49 -8.46
C ARG C 44 7.58 -12.33 -7.59
N ASP C 45 7.06 -13.39 -6.95
CA ASP C 45 7.89 -14.27 -6.11
C ASP C 45 8.05 -15.64 -6.79
N PRO C 46 9.13 -15.82 -7.56
CA PRO C 46 9.46 -17.04 -8.31
C PRO C 46 9.67 -18.33 -7.51
N ARG C 47 10.08 -18.19 -6.25
CA ARG C 47 10.34 -19.37 -5.41
C ARG C 47 9.08 -19.90 -4.73
N LYS C 48 8.03 -19.09 -4.69
CA LYS C 48 6.79 -19.50 -4.06
C LYS C 48 6.06 -20.61 -4.79
N PRO C 49 5.88 -21.78 -4.16
CA PRO C 49 5.18 -22.85 -4.86
C PRO C 49 3.79 -22.43 -5.31
N ARG C 50 3.41 -22.83 -6.51
CA ARG C 50 2.09 -22.50 -7.06
C ARG C 50 1.60 -23.57 -8.00
N ALA C 51 0.28 -23.64 -8.16
CA ALA C 51 -0.37 -24.61 -9.02
C ALA C 51 -0.32 -24.18 -10.47
N ILE C 52 0.88 -23.86 -10.94
CA ILE C 52 1.10 -23.46 -12.32
C ILE C 52 2.43 -24.11 -12.70
N PRO C 53 2.47 -24.81 -13.86
CA PRO C 53 3.70 -25.47 -14.31
C PRO C 53 4.91 -24.54 -14.27
N GLN C 54 6.00 -25.03 -13.71
CA GLN C 54 7.23 -24.25 -13.60
C GLN C 54 7.70 -23.69 -14.93
N GLU C 55 7.55 -24.45 -16.00
CA GLU C 55 8.00 -24.00 -17.31
C GLU C 55 7.30 -22.75 -17.85
N LEU C 56 6.14 -22.41 -17.27
CA LEU C 56 5.38 -21.25 -17.71
C LEU C 56 5.71 -19.97 -16.97
N LEU C 57 6.33 -20.12 -15.81
CA LEU C 57 6.68 -18.99 -14.97
C LEU C 57 7.84 -18.16 -15.52
N ARG C 58 7.68 -16.84 -15.44
CA ARG C 58 8.70 -15.90 -15.90
C ARG C 58 8.96 -14.90 -14.78
N ALA C 59 10.20 -14.82 -14.32
CA ALA C 59 10.54 -13.89 -13.25
C ALA C 59 10.74 -12.49 -13.81
N GLU C 60 11.00 -12.40 -15.11
CA GLU C 60 11.23 -11.11 -15.74
C GLU C 60 10.25 -10.86 -16.88
N PRO C 61 9.97 -9.58 -17.17
CA PRO C 61 9.04 -9.22 -18.25
C PRO C 61 9.37 -9.91 -19.58
N PHE C 62 8.35 -10.46 -20.23
CA PHE C 62 8.52 -11.14 -21.50
C PHE C 62 7.66 -10.50 -22.58
N ASP C 63 8.02 -10.73 -23.84
CA ASP C 63 7.31 -10.19 -24.98
C ASP C 63 5.84 -10.62 -24.97
N LEU C 64 4.93 -9.67 -25.11
CA LEU C 64 3.50 -9.96 -25.09
C LEU C 64 2.83 -9.77 -26.45
N LEU C 65 3.57 -9.27 -27.43
CA LEU C 65 3.01 -9.00 -28.74
C LEU C 65 2.44 -10.17 -29.54
N GLU C 66 2.71 -11.40 -29.11
CA GLU C 66 2.18 -12.57 -29.81
C GLU C 66 0.93 -13.11 -29.11
N ALA C 67 0.51 -12.43 -28.05
CA ALA C 67 -0.65 -12.86 -27.30
C ALA C 67 -1.93 -12.38 -27.95
N ASP C 68 -3.01 -13.14 -27.78
CA ASP C 68 -4.30 -12.76 -28.31
C ASP C 68 -4.97 -11.95 -27.19
N LEU C 69 -4.58 -12.26 -25.95
CA LEU C 69 -5.11 -11.58 -24.78
C LEU C 69 -4.06 -11.47 -23.70
N VAL C 70 -4.05 -10.34 -23.00
CA VAL C 70 -3.15 -10.15 -21.87
C VAL C 70 -4.10 -10.08 -20.68
N VAL C 71 -3.90 -10.96 -19.70
CA VAL C 71 -4.71 -10.97 -18.49
C VAL C 71 -3.80 -10.51 -17.35
N GLU C 72 -4.22 -9.47 -16.64
CA GLU C 72 -3.39 -8.91 -15.58
C GLU C 72 -4.08 -8.73 -14.22
N ALA C 73 -3.38 -9.18 -13.17
CA ALA C 73 -3.88 -9.07 -11.81
C ALA C 73 -2.66 -9.06 -10.91
N MET C 74 -1.73 -8.16 -11.17
CA MET C 74 -0.54 -8.12 -10.36
C MET C 74 -0.53 -7.03 -9.31
N GLY C 75 -1.54 -6.17 -9.31
CA GLY C 75 -1.59 -5.09 -8.34
C GLY C 75 -0.62 -3.98 -8.72
N GLY C 76 -0.69 -2.85 -8.06
CA GLY C 76 0.21 -1.76 -8.38
C GLY C 76 -0.24 -0.98 -9.61
N VAL C 77 0.44 0.12 -9.89
CA VAL C 77 0.05 0.96 -11.01
C VAL C 77 1.10 1.11 -12.11
N GLU C 78 2.21 1.77 -11.81
CA GLU C 78 3.23 2.03 -12.81
C GLU C 78 3.83 0.84 -13.54
N ALA C 79 4.21 -0.20 -12.81
CA ALA C 79 4.80 -1.36 -13.47
C ALA C 79 3.80 -2.01 -14.42
N PRO C 80 2.60 -2.37 -13.92
CA PRO C 80 1.62 -2.99 -14.81
C PRO C 80 1.33 -2.10 -16.02
N LEU C 81 1.23 -0.78 -15.79
CA LEU C 81 0.97 0.16 -16.86
C LEU C 81 1.98 0.08 -17.99
N ARG C 82 3.26 0.14 -17.64
CA ARG C 82 4.31 0.08 -18.65
C ARG C 82 4.40 -1.27 -19.34
N LEU C 83 3.88 -2.31 -18.67
CA LEU C 83 3.89 -3.65 -19.24
C LEU C 83 2.74 -3.89 -20.22
N VAL C 84 1.55 -3.36 -19.91
CA VAL C 84 0.40 -3.57 -20.78
C VAL C 84 0.25 -2.57 -21.91
N LEU C 85 0.86 -1.40 -21.77
CA LEU C 85 0.73 -0.40 -22.82
C LEU C 85 1.15 -0.88 -24.20
N PRO C 86 2.33 -1.52 -24.32
CA PRO C 86 2.73 -1.98 -25.66
C PRO C 86 1.70 -2.93 -26.29
N ALA C 87 1.09 -3.78 -25.46
CA ALA C 87 0.11 -4.73 -25.95
C ALA C 87 -1.13 -3.98 -26.43
N LEU C 88 -1.61 -3.02 -25.65
CA LEU C 88 -2.79 -2.25 -26.02
C LEU C 88 -2.54 -1.46 -27.30
N GLU C 89 -1.33 -0.94 -27.44
CA GLU C 89 -0.96 -0.17 -28.62
C GLU C 89 -0.94 -1.08 -29.84
N ALA C 90 -0.74 -2.37 -29.61
CA ALA C 90 -0.71 -3.35 -30.69
C ALA C 90 -2.12 -3.89 -30.98
N GLY C 91 -3.11 -3.34 -30.30
CA GLY C 91 -4.48 -3.78 -30.51
C GLY C 91 -4.82 -5.07 -29.80
N ILE C 92 -4.04 -5.44 -28.78
CA ILE C 92 -4.29 -6.65 -28.02
C ILE C 92 -5.10 -6.27 -26.79
N PRO C 93 -6.28 -6.91 -26.59
CA PRO C 93 -7.11 -6.60 -25.43
C PRO C 93 -6.46 -6.91 -24.09
N LEU C 94 -6.89 -6.17 -23.07
CA LEU C 94 -6.41 -6.37 -21.73
C LEU C 94 -7.62 -6.74 -20.88
N ILE C 95 -7.51 -7.86 -20.17
CA ILE C 95 -8.55 -8.30 -19.25
C ILE C 95 -7.85 -8.13 -17.92
N THR C 96 -8.34 -7.19 -17.12
CA THR C 96 -7.70 -6.90 -15.85
C THR C 96 -8.62 -6.81 -14.64
N ALA C 97 -8.02 -7.03 -13.46
CA ALA C 97 -8.76 -6.95 -12.21
C ALA C 97 -8.11 -5.85 -11.38
N ASN C 98 -7.13 -5.17 -11.97
CA ASN C 98 -6.39 -4.12 -11.27
C ASN C 98 -7.10 -2.77 -11.21
N LYS C 99 -7.90 -2.57 -10.17
CA LYS C 99 -8.63 -1.32 -10.02
C LYS C 99 -7.74 -0.12 -9.73
N ALA C 100 -6.60 -0.35 -9.11
CA ALA C 100 -5.68 0.74 -8.80
C ALA C 100 -5.11 1.29 -10.11
N LEU C 101 -4.69 0.40 -10.99
CA LEU C 101 -4.13 0.77 -12.29
C LEU C 101 -5.12 1.58 -13.11
N LEU C 102 -6.35 1.10 -13.20
CA LEU C 102 -7.38 1.81 -13.96
C LEU C 102 -7.76 3.15 -13.36
N ALA C 103 -7.82 3.21 -12.04
CA ALA C 103 -8.19 4.44 -11.35
C ALA C 103 -7.13 5.54 -11.46
N GLU C 104 -5.87 5.14 -11.27
CA GLU C 104 -4.78 6.12 -11.28
C GLU C 104 -4.01 6.33 -12.58
N ALA C 105 -4.21 5.45 -13.56
CA ALA C 105 -3.49 5.60 -14.82
C ALA C 105 -4.46 5.77 -15.98
N TRP C 106 -5.60 6.39 -15.69
CA TRP C 106 -6.64 6.60 -16.70
C TRP C 106 -6.19 7.50 -17.86
N GLU C 107 -5.36 8.50 -17.60
CA GLU C 107 -4.90 9.36 -18.68
C GLU C 107 -4.31 8.53 -19.80
N SER C 108 -3.60 7.48 -19.42
CA SER C 108 -2.95 6.58 -20.39
C SER C 108 -3.87 5.49 -20.93
N LEU C 109 -4.72 4.95 -20.07
CA LEU C 109 -5.59 3.85 -20.44
C LEU C 109 -6.94 4.18 -21.07
N ARG C 110 -7.47 5.36 -20.78
CA ARG C 110 -8.77 5.70 -21.34
C ARG C 110 -8.90 5.56 -22.85
N PRO C 111 -7.92 6.07 -23.62
CA PRO C 111 -8.02 5.94 -25.08
C PRO C 111 -8.31 4.50 -25.51
N PHE C 112 -7.65 3.56 -24.87
CA PHE C 112 -7.83 2.15 -25.19
C PHE C 112 -9.17 1.63 -24.69
N ALA C 113 -9.58 2.10 -23.52
CA ALA C 113 -10.87 1.67 -22.98
C ALA C 113 -11.96 2.14 -23.94
N GLU C 114 -11.80 3.34 -24.47
CA GLU C 114 -12.78 3.88 -25.39
C GLU C 114 -12.86 3.09 -26.70
N GLU C 115 -11.81 2.34 -27.04
CA GLU C 115 -11.87 1.55 -28.26
C GLU C 115 -12.25 0.10 -27.96
N GLY C 116 -12.77 -0.12 -26.75
CA GLY C 116 -13.23 -1.44 -26.33
C GLY C 116 -12.17 -2.49 -26.10
N LEU C 117 -10.94 -2.06 -25.83
CA LEU C 117 -9.85 -2.99 -25.61
C LEU C 117 -9.63 -3.41 -24.17
N ILE C 118 -10.31 -2.78 -23.23
CA ILE C 118 -10.11 -3.15 -21.82
C ILE C 118 -11.36 -3.77 -21.21
N TYR C 119 -11.20 -4.97 -20.68
CA TYR C 119 -12.27 -5.70 -20.01
C TYR C 119 -11.91 -5.73 -18.53
N HIS C 120 -12.76 -5.20 -17.67
CA HIS C 120 -12.42 -5.22 -16.25
C HIS C 120 -13.55 -5.48 -15.27
N GLU C 121 -14.38 -6.48 -15.56
CA GLU C 121 -15.46 -6.79 -14.64
C GLU C 121 -14.86 -7.19 -13.29
N ALA C 122 -13.75 -7.92 -13.33
CA ALA C 122 -13.11 -8.39 -12.11
C ALA C 122 -12.51 -7.29 -11.23
N SER C 123 -12.47 -6.06 -11.71
CA SER C 123 -11.87 -4.96 -10.94
C SER C 123 -12.82 -4.34 -9.90
N VAL C 124 -14.11 -4.65 -10.00
CA VAL C 124 -15.07 -4.13 -9.05
C VAL C 124 -15.97 -5.27 -8.56
N MET C 125 -15.86 -5.62 -7.28
CA MET C 125 -16.64 -6.70 -6.71
C MET C 125 -16.36 -8.05 -7.38
N ALA C 126 -15.09 -8.29 -7.67
CA ALA C 126 -14.64 -9.54 -8.27
C ALA C 126 -15.57 -10.03 -9.36
N GLY C 127 -15.90 -11.32 -9.32
CA GLY C 127 -16.77 -11.92 -10.32
C GLY C 127 -18.24 -11.53 -10.21
N THR C 128 -18.61 -10.83 -9.15
CA THR C 128 -20.02 -10.42 -9.03
C THR C 128 -20.32 -9.40 -10.13
N PRO C 129 -21.49 -9.50 -10.76
CA PRO C 129 -21.79 -8.52 -11.81
C PRO C 129 -21.91 -7.12 -11.22
N ALA C 130 -21.02 -6.23 -11.62
CA ALA C 130 -21.06 -4.85 -11.13
C ALA C 130 -20.98 -3.94 -12.34
N LEU C 131 -20.01 -4.19 -13.22
CA LEU C 131 -19.88 -3.36 -14.40
C LEU C 131 -21.01 -3.67 -15.38
N SER C 132 -21.33 -4.95 -15.55
CA SER C 132 -22.42 -5.32 -16.47
C SER C 132 -23.75 -4.82 -15.90
N PHE C 133 -23.83 -4.81 -14.56
CA PHE C 133 -25.02 -4.36 -13.87
C PHE C 133 -25.25 -2.90 -14.26
N LEU C 134 -24.19 -2.09 -14.16
CA LEU C 134 -24.32 -0.69 -14.51
C LEU C 134 -24.49 -0.49 -16.02
N GLU C 135 -23.95 -1.40 -16.83
CA GLU C 135 -24.12 -1.26 -18.27
C GLU C 135 -25.61 -1.29 -18.59
N THR C 136 -26.35 -2.16 -17.89
CA THR C 136 -27.80 -2.25 -18.11
C THR C 136 -28.50 -1.04 -17.49
N LEU C 137 -27.96 -0.52 -16.39
CA LEU C 137 -28.58 0.66 -15.77
C LEU C 137 -28.49 1.89 -16.66
N ARG C 138 -27.67 1.82 -17.71
CA ARG C 138 -27.53 2.93 -18.65
C ARG C 138 -28.86 3.27 -19.31
N GLY C 139 -29.79 2.32 -19.27
CA GLY C 139 -31.09 2.56 -19.87
C GLY C 139 -31.81 3.67 -19.14
N SER C 140 -31.35 3.97 -17.93
CA SER C 140 -31.93 5.02 -17.12
C SER C 140 -30.90 6.10 -16.84
N GLU C 141 -31.31 7.14 -16.13
CA GLU C 141 -30.43 8.24 -15.74
C GLU C 141 -30.21 8.07 -14.25
N LEU C 142 -28.93 8.04 -13.85
CA LEU C 142 -28.61 7.83 -12.45
C LEU C 142 -29.06 8.96 -11.54
N LEU C 143 -29.66 8.57 -10.42
CA LEU C 143 -30.10 9.53 -9.40
C LEU C 143 -29.02 9.51 -8.33
N GLU C 144 -28.73 8.31 -7.81
CA GLU C 144 -27.70 8.12 -6.80
C GLU C 144 -27.23 6.68 -6.74
N LEU C 145 -25.95 6.51 -6.40
CA LEU C 145 -25.34 5.19 -6.29
C LEU C 145 -24.60 5.08 -4.97
N HIS C 146 -24.75 3.95 -4.30
CA HIS C 146 -24.08 3.69 -3.03
C HIS C 146 -23.66 2.23 -3.02
N GLY C 147 -22.41 1.98 -2.66
CA GLY C 147 -21.95 0.60 -2.62
C GLY C 147 -21.05 0.31 -1.44
N ILE C 148 -20.97 -0.96 -1.09
CA ILE C 148 -20.09 -1.45 -0.04
C ILE C 148 -19.21 -2.29 -0.94
N LEU C 149 -18.09 -1.71 -1.37
CA LEU C 149 -17.20 -2.36 -2.33
C LEU C 149 -16.01 -3.16 -1.85
N ASN C 150 -15.50 -2.86 -0.66
CA ASN C 150 -14.34 -3.58 -0.17
C ASN C 150 -14.68 -4.76 0.74
N GLY C 151 -14.20 -5.94 0.36
CA GLY C 151 -14.45 -7.13 1.13
C GLY C 151 -13.77 -7.17 2.49
N THR C 152 -12.56 -6.63 2.56
CA THR C 152 -11.81 -6.65 3.81
C THR C 152 -12.50 -5.82 4.88
N THR C 153 -12.84 -4.59 4.53
CA THR C 153 -13.49 -3.69 5.49
C THR C 153 -14.89 -4.16 5.86
N LEU C 154 -15.58 -4.82 4.93
CA LEU C 154 -16.92 -5.33 5.22
C LEU C 154 -16.75 -6.44 6.25
N TYR C 155 -15.76 -7.29 6.04
CA TYR C 155 -15.54 -8.39 6.97
C TYR C 155 -15.16 -7.88 8.36
N ILE C 156 -14.25 -6.90 8.41
CA ILE C 156 -13.82 -6.35 9.69
C ILE C 156 -15.00 -5.78 10.47
N LEU C 157 -15.84 -5.02 9.78
CA LEU C 157 -17.00 -4.40 10.42
C LEU C 157 -18.00 -5.46 10.88
N GLN C 158 -18.26 -6.45 10.04
CA GLN C 158 -19.19 -7.51 10.44
C GLN C 158 -18.71 -8.24 11.68
N GLU C 159 -17.40 -8.41 11.80
CA GLU C 159 -16.82 -9.09 12.95
C GLU C 159 -16.81 -8.23 14.21
N MET C 160 -16.58 -6.92 14.04
CA MET C 160 -16.58 -6.01 15.18
C MET C 160 -17.98 -5.88 15.76
N GLU C 161 -19.00 -6.08 14.93
CA GLU C 161 -20.38 -6.01 15.42
C GLU C 161 -20.61 -7.19 16.35
N LYS C 162 -19.91 -8.29 16.09
CA LYS C 162 -20.05 -9.50 16.88
C LYS C 162 -19.22 -9.48 18.17
N GLY C 163 -18.34 -8.50 18.31
CA GLY C 163 -17.53 -8.43 19.52
C GLY C 163 -16.03 -8.58 19.34
N ARG C 164 -15.62 -8.98 18.14
CA ARG C 164 -14.20 -9.15 17.84
C ARG C 164 -13.57 -7.76 17.78
N THR C 165 -12.29 -7.67 18.13
CA THR C 165 -11.61 -6.39 18.10
C THR C 165 -11.16 -6.11 16.67
N TYR C 166 -10.80 -4.85 16.41
CA TYR C 166 -10.34 -4.44 15.10
C TYR C 166 -9.17 -5.33 14.65
N ALA C 167 -8.17 -5.46 15.51
CA ALA C 167 -6.99 -6.26 15.20
C ALA C 167 -7.33 -7.73 14.95
N GLU C 168 -8.17 -8.29 15.82
CA GLU C 168 -8.58 -9.68 15.70
C GLU C 168 -9.28 -9.88 14.37
N ALA C 169 -10.21 -8.99 14.05
CA ALA C 169 -10.95 -9.07 12.80
C ALA C 169 -10.02 -8.96 11.61
N LEU C 170 -9.14 -7.94 11.61
CA LEU C 170 -8.22 -7.75 10.50
C LEU C 170 -7.30 -8.95 10.27
N LEU C 171 -6.68 -9.45 11.33
CA LEU C 171 -5.79 -10.60 11.19
C LEU C 171 -6.50 -11.78 10.55
N GLU C 172 -7.76 -12.02 10.93
CA GLU C 172 -8.50 -13.13 10.36
C GLU C 172 -8.90 -12.83 8.91
N ALA C 173 -9.16 -11.56 8.62
CA ALA C 173 -9.53 -11.17 7.27
C ALA C 173 -8.41 -11.51 6.29
N GLN C 174 -7.17 -11.44 6.78
CA GLN C 174 -6.02 -11.75 5.94
C GLN C 174 -5.92 -13.26 5.77
N ARG C 175 -6.11 -14.01 6.85
CA ARG C 175 -6.04 -15.47 6.76
C ARG C 175 -7.09 -16.01 5.78
N LEU C 176 -8.27 -15.41 5.80
CA LEU C 176 -9.36 -15.83 4.90
C LEU C 176 -9.09 -15.34 3.48
N GLY C 177 -7.98 -14.62 3.29
CA GLY C 177 -7.61 -14.14 1.98
C GLY C 177 -8.30 -12.91 1.42
N TYR C 178 -9.07 -12.23 2.26
CA TYR C 178 -9.78 -11.03 1.80
C TYR C 178 -8.80 -9.87 1.58
N ALA C 179 -7.76 -9.81 2.40
CA ALA C 179 -6.78 -8.73 2.28
C ALA C 179 -5.34 -9.24 2.16
N GLU C 180 -4.50 -8.43 1.52
CA GLU C 180 -3.08 -8.77 1.37
C GLU C 180 -2.38 -8.48 2.69
N ALA C 181 -1.05 -8.61 2.71
CA ALA C 181 -0.25 -8.39 3.91
C ALA C 181 -0.35 -6.96 4.44
N ASP C 182 -0.37 -5.98 3.55
CA ASP C 182 -0.49 -4.58 3.98
C ASP C 182 -1.85 -4.12 3.49
N PRO C 183 -2.86 -4.19 4.37
CA PRO C 183 -4.26 -3.83 4.14
C PRO C 183 -4.55 -2.32 4.08
N THR C 184 -3.50 -1.51 4.14
CA THR C 184 -3.66 -0.06 4.11
C THR C 184 -4.66 0.46 3.07
N LEU C 185 -4.46 0.11 1.80
CA LEU C 185 -5.36 0.58 0.76
C LEU C 185 -6.82 0.27 1.08
N ASP C 186 -7.03 -0.90 1.67
CA ASP C 186 -8.36 -1.34 2.03
C ASP C 186 -8.95 -0.62 3.25
N VAL C 187 -8.23 -0.66 4.37
CA VAL C 187 -8.74 -0.04 5.59
C VAL C 187 -8.89 1.49 5.58
N GLU C 188 -8.16 2.16 4.69
CA GLU C 188 -8.24 3.61 4.57
C GLU C 188 -9.31 3.99 3.55
N GLY C 189 -9.95 2.97 2.97
CA GLY C 189 -11.00 3.19 1.99
C GLY C 189 -10.51 3.62 0.63
N ILE C 190 -9.23 3.41 0.34
CA ILE C 190 -8.70 3.81 -0.96
C ILE C 190 -9.09 2.82 -2.05
N ASP C 191 -9.13 1.53 -1.71
CA ASP C 191 -9.52 0.53 -2.69
C ASP C 191 -10.97 0.79 -3.09
N ALA C 192 -11.80 1.11 -2.10
CA ALA C 192 -13.21 1.40 -2.38
C ALA C 192 -13.29 2.65 -3.25
N ALA C 193 -12.35 3.58 -3.06
CA ALA C 193 -12.31 4.82 -3.84
C ALA C 193 -11.94 4.51 -5.29
N HIS C 194 -11.01 3.57 -5.48
CA HIS C 194 -10.57 3.15 -6.80
C HIS C 194 -11.77 2.63 -7.57
N LYS C 195 -12.49 1.71 -6.94
CA LYS C 195 -13.67 1.10 -7.53
C LYS C 195 -14.78 2.10 -7.78
N LEU C 196 -15.02 3.00 -6.84
CA LEU C 196 -16.06 4.00 -7.03
C LEU C 196 -15.77 4.83 -8.29
N THR C 197 -14.50 5.17 -8.49
CA THR C 197 -14.09 5.95 -9.63
C THR C 197 -14.42 5.22 -10.93
N LEU C 198 -14.17 3.93 -10.94
CA LEU C 198 -14.45 3.13 -12.14
C LEU C 198 -15.95 3.14 -12.43
N LEU C 199 -16.77 3.00 -11.39
CA LEU C 199 -18.22 3.00 -11.58
C LEU C 199 -18.70 4.35 -12.12
N ALA C 200 -18.10 5.43 -11.65
CA ALA C 200 -18.48 6.78 -12.09
C ALA C 200 -18.13 7.00 -13.56
N ARG C 201 -16.99 6.49 -13.98
CA ARG C 201 -16.54 6.65 -15.36
C ARG C 201 -17.37 5.84 -16.34
N LEU C 202 -17.84 4.69 -15.89
CA LEU C 202 -18.64 3.84 -16.76
C LEU C 202 -20.04 4.42 -16.94
N LEU C 203 -20.59 5.00 -15.88
CA LEU C 203 -21.95 5.52 -15.94
C LEU C 203 -22.21 6.99 -16.23
N VAL C 204 -21.53 7.92 -15.57
CA VAL C 204 -21.82 9.34 -15.82
C VAL C 204 -20.73 10.31 -16.26
N ASP C 205 -19.46 9.94 -16.13
CA ASP C 205 -18.39 10.84 -16.55
C ASP C 205 -17.19 10.01 -16.93
N PRO C 206 -16.93 9.87 -18.24
CA PRO C 206 -15.80 9.09 -18.77
C PRO C 206 -14.42 9.58 -18.36
N GLY C 207 -14.36 10.78 -17.79
CA GLY C 207 -13.07 11.32 -17.38
C GLY C 207 -12.98 11.58 -15.90
N PHE C 208 -13.97 11.13 -15.14
CA PHE C 208 -13.99 11.36 -13.69
C PHE C 208 -12.63 11.10 -13.04
N PRO C 209 -12.06 12.14 -12.41
CA PRO C 209 -10.77 12.05 -11.74
C PRO C 209 -10.79 11.28 -10.42
N PHE C 210 -9.83 10.38 -10.26
CA PHE C 210 -9.71 9.60 -9.03
C PHE C 210 -9.43 10.57 -7.90
N ALA C 211 -8.62 11.58 -8.21
CA ALA C 211 -8.20 12.59 -7.24
C ALA C 211 -9.39 13.31 -6.59
N GLU C 212 -10.55 13.29 -7.24
CA GLU C 212 -11.71 13.97 -6.69
C GLU C 212 -12.60 13.17 -5.75
N VAL C 213 -12.24 11.92 -5.50
CA VAL C 213 -13.02 11.09 -4.58
C VAL C 213 -12.56 11.30 -3.15
N GLU C 214 -13.43 11.88 -2.32
CA GLU C 214 -13.08 12.08 -0.91
C GLU C 214 -13.24 10.77 -0.20
N ALA C 215 -12.13 10.21 0.29
CA ALA C 215 -12.19 8.93 0.96
C ALA C 215 -11.58 8.92 2.35
N GLN C 216 -12.18 8.12 3.22
CA GLN C 216 -11.70 7.95 4.57
C GLN C 216 -12.13 6.56 4.98
N GLY C 217 -11.29 5.88 5.75
CA GLY C 217 -11.60 4.53 6.15
C GLY C 217 -12.36 4.27 7.43
N ILE C 218 -12.04 3.12 8.02
CA ILE C 218 -12.68 2.65 9.23
C ILE C 218 -11.74 2.73 10.44
N ALA C 219 -10.64 3.46 10.28
CA ALA C 219 -9.64 3.60 11.32
C ALA C 219 -10.18 4.13 12.65
N ARG C 220 -11.29 4.87 12.61
CA ARG C 220 -11.89 5.42 13.83
C ARG C 220 -12.91 4.49 14.49
N LEU C 221 -13.36 3.46 13.77
CA LEU C 221 -14.38 2.57 14.29
C LEU C 221 -13.93 1.56 15.33
N THR C 222 -14.86 1.19 16.22
CA THR C 222 -14.60 0.23 17.29
C THR C 222 -15.86 -0.58 17.52
N PRO C 223 -15.74 -1.72 18.23
CA PRO C 223 -16.95 -2.51 18.46
C PRO C 223 -18.02 -1.67 19.16
N GLU C 224 -17.60 -0.85 20.12
CA GLU C 224 -18.54 0.00 20.85
C GLU C 224 -19.30 0.97 19.96
N VAL C 225 -18.62 1.57 18.99
CA VAL C 225 -19.28 2.50 18.08
C VAL C 225 -20.36 1.72 17.35
N LEU C 226 -20.03 0.50 16.94
CA LEU C 226 -20.95 -0.35 16.21
C LEU C 226 -22.15 -0.87 17.02
N GLN C 227 -21.98 -1.04 18.33
CA GLN C 227 -23.09 -1.51 19.16
C GLN C 227 -24.10 -0.39 19.35
N LYS C 228 -23.59 0.82 19.60
CA LYS C 228 -24.43 2.00 19.78
C LYS C 228 -25.33 2.07 18.56
N ALA C 229 -24.74 1.72 17.41
CA ALA C 229 -25.46 1.71 16.15
C ALA C 229 -26.56 0.67 16.16
N GLU C 230 -26.19 -0.57 16.47
CA GLU C 230 -27.16 -1.67 16.54
C GLU C 230 -28.28 -1.30 17.51
N ALA C 231 -27.94 -0.53 18.54
CA ALA C 231 -28.91 -0.11 19.54
C ALA C 231 -29.95 0.83 18.95
N ARG C 232 -29.51 1.67 18.00
CA ARG C 232 -30.39 2.62 17.33
C ARG C 232 -31.06 1.97 16.12
N GLY C 233 -30.93 0.66 15.99
CA GLY C 233 -31.50 -0.02 14.84
C GLY C 233 -30.79 0.39 13.56
N GLU C 234 -29.51 0.73 13.70
CA GLU C 234 -28.67 1.16 12.57
C GLU C 234 -27.55 0.14 12.32
N ARG C 235 -26.75 0.42 11.29
CA ARG C 235 -25.61 -0.42 10.95
C ARG C 235 -24.56 0.47 10.33
N VAL C 236 -23.31 0.25 10.71
CA VAL C 236 -22.23 1.06 10.16
C VAL C 236 -21.49 0.25 9.12
N ARG C 237 -21.32 0.84 7.95
CA ARG C 237 -20.62 0.20 6.85
C ARG C 237 -19.82 1.26 6.14
N LEU C 238 -18.75 0.87 5.46
CA LEU C 238 -17.94 1.82 4.70
C LEU C 238 -18.66 1.91 3.35
N VAL C 239 -19.24 3.06 3.07
CA VAL C 239 -20.01 3.26 1.84
C VAL C 239 -19.35 4.17 0.81
N ALA C 240 -19.39 3.73 -0.45
CA ALA C 240 -18.85 4.50 -1.56
C ALA C 240 -20.08 5.10 -2.22
N SER C 241 -20.18 6.43 -2.24
CA SER C 241 -21.35 7.09 -2.80
C SER C 241 -21.09 8.03 -3.98
N LEU C 242 -22.03 8.05 -4.93
CA LEU C 242 -21.94 8.92 -6.10
C LEU C 242 -23.30 9.60 -6.22
N PHE C 243 -23.32 10.93 -6.11
CA PHE C 243 -24.57 11.68 -6.21
C PHE C 243 -24.37 13.16 -6.52
N GLY C 244 -25.48 13.87 -6.64
CA GLY C 244 -25.40 15.28 -6.97
C GLY C 244 -25.25 16.24 -5.81
N GLU C 245 -24.41 17.26 -6.04
CA GLU C 245 -24.18 18.32 -5.07
C GLU C 245 -23.93 19.52 -5.98
N GLY C 246 -24.86 20.48 -5.95
CA GLY C 246 -24.73 21.63 -6.81
C GLY C 246 -25.06 21.08 -8.19
N GLY C 247 -24.26 21.42 -9.19
CA GLY C 247 -24.51 20.89 -10.51
C GLY C 247 -23.37 19.99 -10.92
N ARG C 248 -22.81 19.28 -9.94
CA ARG C 248 -21.69 18.39 -10.18
C ARG C 248 -21.81 17.06 -9.43
N TRP C 249 -21.15 16.03 -9.96
CA TRP C 249 -21.17 14.72 -9.33
C TRP C 249 -20.20 14.68 -8.15
N ARG C 250 -20.71 14.26 -7.00
CA ARG C 250 -19.87 14.15 -5.80
C ARG C 250 -19.60 12.67 -5.54
N ALA C 251 -18.34 12.34 -5.32
CA ALA C 251 -17.95 10.95 -5.03
C ALA C 251 -17.26 10.94 -3.68
N ALA C 252 -17.74 10.10 -2.77
CA ALA C 252 -17.17 10.02 -1.45
C ALA C 252 -17.23 8.63 -0.84
N VAL C 253 -16.21 8.31 -0.05
CA VAL C 253 -16.12 7.03 0.62
C VAL C 253 -15.96 7.33 2.10
N ALA C 254 -16.79 6.71 2.94
CA ALA C 254 -16.71 6.95 4.37
C ALA C 254 -17.71 6.12 5.16
N PRO C 255 -17.39 5.87 6.43
CA PRO C 255 -18.33 5.09 7.23
C PRO C 255 -19.64 5.88 7.25
N ARG C 256 -20.76 5.16 7.17
CA ARG C 256 -22.07 5.79 7.17
C ARG C 256 -22.96 4.95 8.08
N ARG C 257 -23.99 5.58 8.64
CA ARG C 257 -24.96 4.90 9.51
C ARG C 257 -26.14 4.51 8.62
N LEU C 258 -26.44 3.21 8.55
CA LEU C 258 -27.54 2.73 7.70
C LEU C 258 -28.66 2.00 8.42
N PRO C 259 -29.91 2.25 7.99
CA PRO C 259 -31.05 1.57 8.63
C PRO C 259 -30.71 0.09 8.49
N GLN C 260 -30.90 -0.68 9.56
CA GLN C 260 -30.57 -2.10 9.55
C GLN C 260 -31.29 -2.99 8.55
N ASP C 261 -32.39 -2.50 7.97
CA ASP C 261 -33.11 -3.31 7.01
C ASP C 261 -32.79 -2.94 5.57
N HIS C 262 -32.06 -1.84 5.41
CA HIS C 262 -31.69 -1.36 4.07
C HIS C 262 -30.89 -2.44 3.35
N PRO C 263 -31.09 -2.55 2.03
CA PRO C 263 -30.34 -3.58 1.27
C PRO C 263 -28.85 -3.62 1.60
N LEU C 264 -28.21 -2.46 1.65
CA LEU C 264 -26.78 -2.41 1.94
C LEU C 264 -26.47 -2.95 3.34
N ALA C 265 -27.32 -2.61 4.31
CA ALA C 265 -27.12 -3.05 5.68
C ALA C 265 -27.13 -4.57 5.89
N ARG C 266 -28.07 -5.28 5.28
CA ARG C 266 -28.12 -6.72 5.47
C ARG C 266 -27.61 -7.57 4.33
N ALA C 267 -27.01 -6.90 3.35
CA ALA C 267 -26.48 -7.57 2.17
C ALA C 267 -25.56 -8.75 2.49
N ARG C 268 -25.73 -9.83 1.73
CA ARG C 268 -24.88 -11.01 1.88
C ARG C 268 -23.70 -10.76 0.92
N GLY C 269 -22.59 -10.25 1.44
CA GLY C 269 -21.42 -9.97 0.61
C GLY C 269 -21.36 -8.49 0.27
N ASN C 270 -20.47 -8.08 -0.63
CA ASN C 270 -20.42 -6.67 -0.97
C ASN C 270 -21.62 -6.34 -1.85
N ALA C 271 -21.94 -5.07 -1.97
CA ALA C 271 -23.12 -4.70 -2.74
C ALA C 271 -23.09 -3.34 -3.40
N LEU C 272 -23.89 -3.23 -4.46
CA LEU C 272 -23.99 -2.00 -5.22
C LEU C 272 -25.48 -1.69 -5.34
N TRP C 273 -25.89 -0.57 -4.77
CA TRP C 273 -27.28 -0.13 -4.78
C TRP C 273 -27.46 1.09 -5.67
N VAL C 274 -28.53 1.11 -6.44
CA VAL C 274 -28.75 2.22 -7.34
C VAL C 274 -30.21 2.67 -7.47
N ARG C 275 -30.38 3.96 -7.69
CA ARG C 275 -31.69 4.55 -7.94
C ARG C 275 -31.51 5.32 -9.24
N ALA C 276 -32.35 5.01 -10.22
CA ALA C 276 -32.27 5.67 -11.51
C ALA C 276 -33.66 5.87 -12.11
N ARG C 277 -33.75 6.79 -13.06
CA ARG C 277 -35.00 7.13 -13.73
C ARG C 277 -34.96 6.71 -15.21
N PRO C 278 -36.00 6.01 -15.68
CA PRO C 278 -37.21 5.56 -15.00
C PRO C 278 -37.20 4.18 -14.33
N LEU C 279 -36.09 3.45 -14.41
CA LEU C 279 -36.03 2.12 -13.82
C LEU C 279 -36.56 2.00 -12.39
N GLY C 280 -35.99 2.79 -11.49
CA GLY C 280 -36.38 2.73 -10.10
C GLY C 280 -35.18 2.39 -9.24
N GLU C 281 -35.39 1.49 -8.28
CA GLU C 281 -34.35 1.04 -7.35
C GLU C 281 -33.91 -0.40 -7.61
N ALA C 282 -32.61 -0.59 -7.82
CA ALA C 282 -32.09 -1.93 -8.07
C ALA C 282 -30.76 -2.10 -7.36
N PHE C 283 -30.38 -3.35 -7.12
CA PHE C 283 -29.09 -3.60 -6.51
C PHE C 283 -28.60 -5.03 -6.71
N VAL C 284 -27.31 -5.22 -6.54
CA VAL C 284 -26.70 -6.52 -6.74
C VAL C 284 -25.70 -6.77 -5.62
N THR C 285 -25.52 -8.03 -5.30
CA THR C 285 -24.58 -8.40 -4.24
C THR C 285 -23.86 -9.70 -4.55
N GLY C 286 -22.71 -9.89 -3.93
CA GLY C 286 -21.93 -11.09 -4.14
C GLY C 286 -20.56 -10.90 -3.54
N PRO C 287 -19.66 -11.89 -3.67
CA PRO C 287 -18.30 -11.79 -3.13
C PRO C 287 -17.55 -10.58 -3.70
N GLY C 288 -16.75 -9.92 -2.87
CA GLY C 288 -16.03 -8.76 -3.35
C GLY C 288 -14.55 -9.00 -3.48
N ALA C 289 -14.10 -10.19 -3.11
CA ALA C 289 -12.68 -10.54 -3.15
C ALA C 289 -12.53 -12.06 -3.20
N GLY C 290 -11.28 -12.52 -3.25
CA GLY C 290 -11.04 -13.94 -3.30
C GLY C 290 -10.48 -14.41 -4.62
N GLY C 291 -9.56 -15.37 -4.57
CA GLY C 291 -8.97 -15.89 -5.79
C GLY C 291 -9.96 -16.44 -6.79
N GLY C 292 -10.84 -17.33 -6.34
CA GLY C 292 -11.83 -17.90 -7.22
C GLY C 292 -12.89 -16.92 -7.68
N ALA C 293 -13.31 -16.04 -6.78
CA ALA C 293 -14.32 -15.04 -7.10
C ALA C 293 -13.80 -14.09 -8.18
N THR C 294 -12.54 -13.70 -8.06
CA THR C 294 -11.93 -12.79 -9.01
C THR C 294 -11.66 -13.47 -10.35
N ALA C 295 -11.26 -14.75 -10.30
CA ALA C 295 -10.98 -15.50 -11.52
C ALA C 295 -12.26 -15.68 -12.32
N SER C 296 -13.39 -15.80 -11.64
CA SER C 296 -14.65 -15.96 -12.33
C SER C 296 -14.91 -14.71 -13.16
N GLY C 297 -14.58 -13.55 -12.61
CA GLY C 297 -14.79 -12.32 -13.34
C GLY C 297 -13.88 -12.23 -14.55
N LEU C 298 -12.62 -12.62 -14.36
CA LEU C 298 -11.66 -12.57 -15.46
C LEU C 298 -12.12 -13.51 -16.59
N PHE C 299 -12.54 -14.71 -16.22
CA PHE C 299 -12.97 -15.68 -17.21
C PHE C 299 -14.24 -15.22 -17.90
N ALA C 300 -15.10 -14.54 -17.15
CA ALA C 300 -16.34 -14.04 -17.72
C ALA C 300 -16.00 -13.05 -18.84
N ASP C 301 -14.98 -12.22 -18.63
CA ASP C 301 -14.57 -11.26 -19.64
C ASP C 301 -13.91 -11.96 -20.83
N LEU C 302 -13.27 -13.09 -20.58
CA LEU C 302 -12.63 -13.84 -21.66
C LEU C 302 -13.74 -14.36 -22.58
N LEU C 303 -14.80 -14.90 -21.99
CA LEU C 303 -15.92 -15.42 -22.77
C LEU C 303 -16.60 -14.27 -23.51
N ARG C 304 -16.68 -13.12 -22.85
CA ARG C 304 -17.30 -11.94 -23.46
C ARG C 304 -16.50 -11.56 -24.70
N PHE C 305 -15.18 -11.59 -24.58
CA PHE C 305 -14.34 -11.25 -25.71
C PHE C 305 -14.54 -12.24 -26.86
N LEU C 306 -14.56 -13.53 -26.54
CA LEU C 306 -14.73 -14.56 -27.56
C LEU C 306 -16.09 -14.47 -28.25
N SER C 307 -17.07 -13.87 -27.59
CA SER C 307 -18.41 -13.74 -28.16
C SER C 307 -18.47 -12.59 -29.17
N GLY C 308 -17.39 -11.82 -29.29
CA GLY C 308 -17.39 -10.72 -30.23
C GLY C 308 -17.88 -9.41 -29.62
N ALA C 309 -17.99 -9.39 -28.30
CA ALA C 309 -18.45 -8.21 -27.60
C ALA C 309 -17.25 -7.38 -27.15
N PRO C 310 -17.33 -6.05 -27.28
CA PRO C 310 -16.21 -5.20 -26.85
C PRO C 310 -16.05 -5.16 -25.33
N GLY C 311 -14.95 -4.55 -24.89
CA GLY C 311 -14.71 -4.46 -23.46
C GLY C 311 -15.65 -3.44 -22.84
N HIS C 312 -15.38 -3.07 -21.60
CA HIS C 312 -16.22 -2.10 -20.93
C HIS C 312 -15.84 -0.70 -21.36
N LEU C 313 -16.78 -0.03 -22.00
CA LEU C 313 -16.56 1.32 -22.50
C LEU C 313 -16.92 2.37 -21.46
N PRO C 314 -16.23 3.51 -21.50
CA PRO C 314 -16.52 4.58 -20.55
C PRO C 314 -17.82 5.21 -21.03
N ALA C 315 -18.44 6.02 -20.18
CA ALA C 315 -19.68 6.69 -20.57
C ALA C 315 -19.41 7.42 -21.89
N PRO C 316 -20.38 7.37 -22.81
CA PRO C 316 -20.24 8.03 -24.12
C PRO C 316 -20.04 9.55 -24.04
N ARG C 317 -20.38 10.12 -22.89
CA ARG C 317 -20.25 11.56 -22.67
C ARG C 317 -20.47 11.88 -21.19
N ALA C 318 -19.99 13.05 -20.75
CA ALA C 318 -20.16 13.46 -19.37
C ALA C 318 -21.45 14.29 -19.28
N ARG C 319 -22.27 13.96 -18.30
CA ARG C 319 -23.52 14.68 -18.09
C ARG C 319 -23.71 14.91 -16.61
N PRO C 320 -24.25 16.08 -16.24
CA PRO C 320 -24.50 16.43 -14.84
C PRO C 320 -25.65 15.63 -14.22
N PRO C 321 -25.72 15.60 -12.89
CA PRO C 321 -26.75 14.89 -12.15
C PRO C 321 -28.14 15.49 -12.32
N LEU C 322 -29.16 14.65 -12.21
CA LEU C 322 -30.54 15.10 -12.34
C LEU C 322 -31.02 15.80 -11.09
N GLU C 323 -30.91 15.10 -9.96
CA GLU C 323 -31.34 15.66 -8.68
C GLU C 323 -30.19 15.71 -7.68
N GLU C 324 -30.33 16.60 -6.71
CA GLU C 324 -29.33 16.75 -5.67
C GLU C 324 -29.55 15.56 -4.75
N GLY C 325 -28.45 14.97 -4.27
CA GLY C 325 -28.56 13.84 -3.37
C GLY C 325 -28.37 14.27 -1.94
N SER C 326 -28.48 13.33 -1.02
CA SER C 326 -28.31 13.58 0.41
C SER C 326 -27.72 12.29 0.96
N PRO C 327 -26.41 12.26 1.21
CA PRO C 327 -25.68 11.10 1.74
C PRO C 327 -26.21 10.54 3.04
N TRP C 328 -25.74 9.34 3.37
CA TRP C 328 -26.13 8.67 4.59
C TRP C 328 -25.44 9.38 5.74
N PRO C 329 -26.03 9.30 6.95
CA PRO C 329 -25.40 9.97 8.11
C PRO C 329 -24.03 9.36 8.42
N GLY C 330 -23.01 10.22 8.49
CA GLY C 330 -21.67 9.75 8.81
C GLY C 330 -21.57 9.34 10.28
N VAL C 331 -20.42 8.83 10.69
CA VAL C 331 -20.27 8.42 12.09
C VAL C 331 -19.85 9.61 12.96
N MET D 1 -25.70 14.26 -38.70
CA MET D 1 -25.15 12.99 -38.14
C MET D 1 -25.62 11.84 -39.02
N GLU D 2 -26.35 10.92 -38.42
CA GLU D 2 -26.89 9.78 -39.14
C GLU D 2 -28.12 9.33 -38.41
N ALA D 3 -29.11 8.86 -39.17
CA ALA D 3 -30.33 8.41 -38.56
C ALA D 3 -30.22 6.99 -38.05
N LEU D 4 -30.86 6.74 -36.93
CA LEU D 4 -30.95 5.40 -36.37
C LEU D 4 -32.44 5.18 -36.59
N LYS D 5 -32.76 4.41 -37.62
CA LYS D 5 -34.16 4.14 -37.96
C LYS D 5 -34.77 3.03 -37.13
N ILE D 6 -35.79 3.40 -36.36
CA ILE D 6 -36.47 2.46 -35.48
C ILE D 6 -37.91 2.16 -35.88
N ALA D 7 -38.25 0.88 -35.95
CA ALA D 7 -39.61 0.45 -36.24
C ALA D 7 -40.10 -0.07 -34.89
N LEU D 8 -41.17 0.53 -34.37
CA LEU D 8 -41.70 0.11 -33.08
C LEU D 8 -43.01 -0.64 -33.21
N LEU D 9 -43.06 -1.83 -32.63
CA LEU D 9 -44.26 -2.66 -32.65
C LEU D 9 -44.85 -2.62 -31.24
N GLY D 10 -45.91 -1.84 -31.10
CA GLY D 10 -46.56 -1.71 -29.79
C GLY D 10 -46.50 -0.27 -29.33
N GLY D 11 -47.66 0.33 -29.14
CA GLY D 11 -47.70 1.71 -28.70
C GLY D 11 -48.39 1.83 -27.36
N GLY D 12 -48.42 0.73 -26.63
CA GLY D 12 -49.06 0.69 -25.33
C GLY D 12 -48.22 1.30 -24.23
N THR D 13 -48.42 0.83 -23.01
CA THR D 13 -47.68 1.35 -21.87
C THR D 13 -46.17 1.30 -22.08
N VAL D 14 -45.67 0.14 -22.49
CA VAL D 14 -44.23 -0.02 -22.70
C VAL D 14 -43.77 0.73 -23.95
N GLY D 15 -44.45 0.48 -25.07
CA GLY D 15 -44.09 1.14 -26.31
C GLY D 15 -44.02 2.65 -26.20
N SER D 16 -45.03 3.25 -25.58
CA SER D 16 -45.05 4.69 -25.41
C SER D 16 -43.91 5.16 -24.51
N ALA D 17 -43.69 4.43 -23.42
CA ALA D 17 -42.61 4.76 -22.50
C ALA D 17 -41.29 4.72 -23.24
N PHE D 18 -41.10 3.70 -24.08
CA PHE D 18 -39.86 3.59 -24.86
C PHE D 18 -39.71 4.73 -25.84
N TYR D 19 -40.76 4.97 -26.63
CA TYR D 19 -40.75 6.03 -27.63
C TYR D 19 -40.28 7.35 -27.03
N ASN D 20 -40.89 7.74 -25.92
CA ASN D 20 -40.53 9.00 -25.28
C ASN D 20 -39.16 9.01 -24.64
N LEU D 21 -38.74 7.86 -24.13
CA LEU D 21 -37.42 7.77 -23.50
C LEU D 21 -36.34 8.02 -24.55
N VAL D 22 -36.48 7.35 -25.70
CA VAL D 22 -35.52 7.51 -26.79
C VAL D 22 -35.35 8.95 -27.21
N LEU D 23 -36.46 9.65 -27.43
CA LEU D 23 -36.40 11.04 -27.85
C LEU D 23 -35.91 11.96 -26.75
N GLU D 24 -36.29 11.68 -25.50
CA GLU D 24 -35.86 12.50 -24.38
C GLU D 24 -34.35 12.38 -24.19
N ARG D 25 -33.81 11.19 -24.45
CA ARG D 25 -32.38 10.92 -24.29
C ARG D 25 -31.62 11.00 -25.62
N ALA D 26 -32.13 11.82 -26.54
CA ALA D 26 -31.50 11.97 -27.85
C ALA D 26 -30.03 12.38 -27.76
N GLU D 27 -29.68 13.17 -26.76
CA GLU D 27 -28.30 13.64 -26.60
C GLU D 27 -27.36 12.47 -26.35
N GLU D 28 -27.87 11.43 -25.71
CA GLU D 28 -27.09 10.22 -25.42
C GLU D 28 -26.78 9.51 -26.75
N LEU D 29 -27.75 9.51 -27.67
CA LEU D 29 -27.54 8.86 -28.95
C LEU D 29 -26.62 9.67 -29.87
N SER D 30 -26.68 10.99 -29.74
CA SER D 30 -25.84 11.84 -30.56
C SER D 30 -24.38 11.55 -30.21
N ALA D 31 -24.15 11.02 -29.01
CA ALA D 31 -22.80 10.68 -28.58
C ALA D 31 -22.30 9.53 -29.46
N PHE D 32 -23.23 8.80 -30.07
CA PHE D 32 -22.87 7.68 -30.96
C PHE D 32 -22.96 8.11 -32.42
N GLY D 33 -23.24 9.39 -32.64
CA GLY D 33 -23.34 9.92 -33.99
C GLY D 33 -24.62 9.58 -34.73
N VAL D 34 -25.70 9.37 -33.99
CA VAL D 34 -26.98 9.05 -34.62
C VAL D 34 -28.13 9.86 -34.03
N VAL D 35 -29.16 10.06 -34.83
CA VAL D 35 -30.36 10.78 -34.41
C VAL D 35 -31.50 9.79 -34.60
N PRO D 36 -32.29 9.54 -33.55
CA PRO D 36 -33.39 8.59 -33.66
C PRO D 36 -34.49 9.05 -34.59
N ARG D 37 -34.96 8.14 -35.44
CA ARG D 37 -36.04 8.44 -36.39
C ARG D 37 -36.96 7.22 -36.37
N PHE D 38 -38.21 7.40 -35.96
CA PHE D 38 -39.15 6.29 -35.94
C PHE D 38 -39.84 6.16 -37.29
N LEU D 39 -39.71 4.99 -37.90
CA LEU D 39 -40.32 4.75 -39.21
C LEU D 39 -41.83 4.59 -39.04
N GLY D 40 -42.23 4.13 -37.87
CA GLY D 40 -43.65 3.93 -37.58
C GLY D 40 -43.83 3.22 -36.24
N VAL D 41 -45.05 3.28 -35.71
CA VAL D 41 -45.39 2.64 -34.44
C VAL D 41 -46.68 1.84 -34.61
N LEU D 42 -46.58 0.52 -34.63
CA LEU D 42 -47.74 -0.35 -34.79
C LEU D 42 -48.63 -0.26 -33.55
N VAL D 43 -49.87 0.21 -33.71
CA VAL D 43 -50.77 0.33 -32.57
C VAL D 43 -51.97 -0.62 -32.63
N ARG D 44 -52.24 -1.28 -31.51
CA ARG D 44 -53.33 -2.24 -31.42
C ARG D 44 -54.40 -1.80 -30.43
N ASP D 45 -54.15 -0.72 -29.69
CA ASP D 45 -55.10 -0.24 -28.69
C ASP D 45 -56.34 0.41 -29.33
N PRO D 46 -57.50 0.28 -28.66
CA PRO D 46 -58.70 0.90 -29.23
C PRO D 46 -58.53 2.42 -29.35
N ARG D 47 -57.64 2.98 -28.53
CA ARG D 47 -57.39 4.42 -28.53
C ARG D 47 -55.95 4.79 -28.90
N LYS D 48 -55.77 5.88 -29.63
CA LYS D 48 -54.42 6.30 -30.01
C LYS D 48 -53.60 6.68 -28.78
N PRO D 49 -52.31 6.28 -28.70
CA PRO D 49 -51.49 6.65 -27.53
C PRO D 49 -51.28 8.16 -27.44
N ARG D 50 -51.46 8.71 -26.25
CA ARG D 50 -51.32 10.15 -26.05
C ARG D 50 -49.91 10.71 -26.19
N ALA D 51 -48.91 9.84 -26.01
CA ALA D 51 -47.54 10.30 -26.08
C ALA D 51 -46.87 10.02 -27.41
N ILE D 52 -47.64 9.67 -28.43
CA ILE D 52 -47.04 9.38 -29.72
C ILE D 52 -47.71 10.12 -30.87
N PRO D 53 -46.93 10.85 -31.68
CA PRO D 53 -47.42 11.61 -32.83
C PRO D 53 -48.36 10.82 -33.73
N GLN D 54 -49.46 11.45 -34.13
CA GLN D 54 -50.43 10.81 -35.00
C GLN D 54 -49.78 10.34 -36.31
N GLU D 55 -48.86 11.14 -36.83
CA GLU D 55 -48.17 10.83 -38.08
C GLU D 55 -47.35 9.53 -38.08
N LEU D 56 -46.98 9.05 -36.90
CA LEU D 56 -46.19 7.83 -36.80
C LEU D 56 -47.02 6.58 -36.53
N LEU D 57 -48.30 6.77 -36.24
CA LEU D 57 -49.14 5.63 -35.95
C LEU D 57 -49.50 4.80 -37.17
N ARG D 58 -49.43 3.47 -37.01
CA ARG D 58 -49.75 2.54 -38.09
C ARG D 58 -50.79 1.54 -37.61
N ALA D 59 -51.95 1.54 -38.28
CA ALA D 59 -53.05 0.64 -37.91
C ALA D 59 -52.85 -0.80 -38.38
N GLU D 60 -51.95 -1.01 -39.33
CA GLU D 60 -51.69 -2.36 -39.80
C GLU D 60 -50.21 -2.52 -40.11
N PRO D 61 -49.73 -3.77 -40.19
CA PRO D 61 -48.32 -4.03 -40.47
C PRO D 61 -47.73 -3.14 -41.56
N PHE D 62 -46.51 -2.67 -41.35
CA PHE D 62 -45.83 -1.82 -42.31
C PHE D 62 -44.44 -2.37 -42.57
N ASP D 63 -43.88 -2.03 -43.72
CA ASP D 63 -42.55 -2.48 -44.13
C ASP D 63 -41.49 -2.16 -43.09
N LEU D 64 -40.79 -3.18 -42.63
CA LEU D 64 -39.75 -3.02 -41.61
C LEU D 64 -38.34 -3.08 -42.17
N LEU D 65 -38.21 -3.45 -43.44
CA LEU D 65 -36.91 -3.62 -44.08
C LEU D 65 -35.93 -2.46 -44.15
N GLU D 66 -36.37 -1.22 -43.94
CA GLU D 66 -35.44 -0.11 -43.99
C GLU D 66 -35.03 0.33 -42.58
N ALA D 67 -35.48 -0.42 -41.58
CA ALA D 67 -35.16 -0.09 -40.19
C ALA D 67 -33.79 -0.59 -39.79
N ASP D 68 -33.17 0.13 -38.86
CA ASP D 68 -31.86 -0.27 -38.35
C ASP D 68 -32.13 -1.19 -37.15
N LEU D 69 -33.25 -0.93 -36.48
CA LEU D 69 -33.67 -1.71 -35.32
C LEU D 69 -35.18 -1.89 -35.29
N VAL D 70 -35.62 -3.05 -34.82
CA VAL D 70 -37.04 -3.30 -34.64
C VAL D 70 -37.18 -3.47 -33.13
N VAL D 71 -38.07 -2.69 -32.52
CA VAL D 71 -38.28 -2.80 -31.09
C VAL D 71 -39.70 -3.32 -30.96
N GLU D 72 -39.86 -4.43 -30.28
CA GLU D 72 -41.16 -5.06 -30.12
C GLU D 72 -41.59 -5.21 -28.68
N ALA D 73 -42.82 -4.80 -28.40
CA ALA D 73 -43.38 -4.89 -27.06
C ALA D 73 -44.88 -5.02 -27.21
N MET D 74 -45.34 -6.08 -27.87
CA MET D 74 -46.78 -6.23 -28.06
C MET D 74 -47.44 -7.47 -27.46
N GLY D 75 -46.70 -8.23 -26.66
CA GLY D 75 -47.30 -9.42 -26.07
C GLY D 75 -47.82 -10.39 -27.12
N GLY D 76 -48.20 -11.59 -26.69
CA GLY D 76 -48.69 -12.57 -27.64
C GLY D 76 -47.53 -13.18 -28.39
N VAL D 77 -47.74 -14.37 -28.96
CA VAL D 77 -46.67 -15.05 -29.67
C VAL D 77 -46.70 -14.99 -31.19
N GLU D 78 -47.71 -15.60 -31.77
CA GLU D 78 -47.82 -15.68 -33.23
C GLU D 78 -47.76 -14.40 -34.05
N ALA D 79 -48.54 -13.39 -33.67
CA ALA D 79 -48.53 -12.15 -34.45
C ALA D 79 -47.14 -11.50 -34.46
N PRO D 80 -46.56 -11.29 -33.26
CA PRO D 80 -45.23 -10.67 -33.21
C PRO D 80 -44.22 -11.50 -34.01
N LEU D 81 -44.29 -12.81 -33.85
CA LEU D 81 -43.39 -13.71 -34.56
C LEU D 81 -43.43 -13.49 -36.08
N ARG D 82 -44.64 -13.47 -36.64
CA ARG D 82 -44.75 -13.28 -38.09
C ARG D 82 -44.29 -11.92 -38.55
N LEU D 83 -44.35 -10.94 -37.64
CA LEU D 83 -43.93 -9.59 -37.98
C LEU D 83 -42.42 -9.39 -37.93
N VAL D 84 -41.75 -10.02 -36.97
CA VAL D 84 -40.31 -9.83 -36.82
C VAL D 84 -39.42 -10.72 -37.67
N LEU D 85 -39.90 -11.90 -38.06
CA LEU D 85 -39.08 -12.81 -38.85
C LEU D 85 -38.52 -12.17 -40.11
N PRO D 86 -39.36 -11.48 -40.90
CA PRO D 86 -38.86 -10.84 -42.12
C PRO D 86 -37.70 -9.87 -41.85
N ALA D 87 -37.74 -9.18 -40.71
CA ALA D 87 -36.68 -8.23 -40.37
C ALA D 87 -35.42 -8.97 -39.96
N LEU D 88 -35.58 -9.98 -39.10
CA LEU D 88 -34.45 -10.78 -38.64
C LEU D 88 -33.78 -11.46 -39.82
N GLU D 89 -34.58 -11.91 -40.79
CA GLU D 89 -34.02 -12.56 -41.98
C GLU D 89 -33.22 -11.61 -42.84
N ALA D 90 -33.47 -10.31 -42.71
CA ALA D 90 -32.77 -9.29 -43.48
C ALA D 90 -31.55 -8.79 -42.71
N GLY D 91 -31.31 -9.38 -41.54
CA GLY D 91 -30.17 -8.99 -40.72
C GLY D 91 -30.44 -7.80 -39.82
N ILE D 92 -31.72 -7.48 -39.62
CA ILE D 92 -32.08 -6.36 -38.76
C ILE D 92 -32.28 -6.84 -37.33
N PRO D 93 -31.55 -6.25 -36.37
CA PRO D 93 -31.71 -6.68 -34.97
C PRO D 93 -33.09 -6.41 -34.39
N LEU D 94 -33.47 -7.26 -33.45
CA LEU D 94 -34.74 -7.13 -32.75
C LEU D 94 -34.46 -6.90 -31.27
N ILE D 95 -35.06 -5.86 -30.71
CA ILE D 95 -34.92 -5.58 -29.29
C ILE D 95 -36.33 -5.83 -28.79
N THR D 96 -36.49 -6.72 -27.82
CA THR D 96 -37.83 -7.06 -27.36
C THR D 96 -37.95 -7.32 -25.87
N ALA D 97 -39.19 -7.24 -25.39
CA ALA D 97 -39.48 -7.49 -24.00
C ALA D 97 -40.45 -8.66 -23.93
N ASN D 98 -40.76 -9.22 -25.10
CA ASN D 98 -41.72 -10.31 -25.18
C ASN D 98 -41.19 -11.70 -24.80
N LYS D 99 -41.27 -12.04 -23.52
CA LYS D 99 -40.79 -13.34 -23.04
C LYS D 99 -41.61 -14.52 -23.57
N ALA D 100 -42.90 -14.30 -23.78
CA ALA D 100 -43.77 -15.35 -24.28
C ALA D 100 -43.32 -15.75 -25.69
N LEU D 101 -43.06 -14.76 -26.52
CA LEU D 101 -42.61 -14.98 -27.91
C LEU D 101 -41.31 -15.76 -27.93
N LEU D 102 -40.33 -15.33 -27.14
CA LEU D 102 -39.04 -16.01 -27.12
C LEU D 102 -39.12 -17.42 -26.54
N ALA D 103 -39.97 -17.59 -25.52
CA ALA D 103 -40.11 -18.88 -24.88
C ALA D 103 -40.80 -19.93 -25.73
N GLU D 104 -41.88 -19.51 -26.40
CA GLU D 104 -42.67 -20.46 -27.20
C GLU D 104 -42.39 -20.55 -28.70
N ALA D 105 -41.58 -19.65 -29.24
CA ALA D 105 -41.27 -19.68 -30.66
C ALA D 105 -39.76 -19.78 -30.87
N TRP D 106 -39.09 -20.43 -29.93
CA TRP D 106 -37.63 -20.58 -29.97
C TRP D 106 -37.16 -21.33 -31.21
N GLU D 107 -37.99 -22.24 -31.72
CA GLU D 107 -37.60 -22.98 -32.90
C GLU D 107 -37.34 -22.04 -34.06
N SER D 108 -38.14 -20.98 -34.14
CA SER D 108 -38.01 -20.00 -35.22
C SER D 108 -36.99 -18.88 -34.94
N LEU D 109 -36.83 -18.53 -33.68
CA LEU D 109 -35.94 -17.43 -33.30
C LEU D 109 -34.53 -17.77 -32.86
N ARG D 110 -34.32 -19.00 -32.38
CA ARG D 110 -32.99 -19.38 -31.92
C ARG D 110 -31.91 -19.11 -32.97
N PRO D 111 -32.13 -19.53 -34.23
CA PRO D 111 -31.08 -19.27 -35.23
C PRO D 111 -30.62 -17.82 -35.23
N PHE D 112 -31.55 -16.90 -35.02
CA PHE D 112 -31.22 -15.47 -35.02
C PHE D 112 -30.55 -15.03 -33.72
N ALA D 113 -30.98 -15.59 -32.61
CA ALA D 113 -30.39 -15.25 -31.33
C ALA D 113 -28.91 -15.68 -31.35
N GLU D 114 -28.65 -16.84 -31.95
CA GLU D 114 -27.28 -17.35 -32.00
C GLU D 114 -26.37 -16.50 -32.88
N GLU D 115 -26.96 -15.63 -33.68
CA GLU D 115 -26.21 -14.72 -34.54
C GLU D 115 -26.08 -13.34 -33.88
N GLY D 116 -26.56 -13.24 -32.64
CA GLY D 116 -26.50 -11.99 -31.90
C GLY D 116 -27.46 -10.93 -32.37
N LEU D 117 -28.56 -11.34 -33.00
CA LEU D 117 -29.55 -10.40 -33.50
C LEU D 117 -30.71 -10.07 -32.56
N ILE D 118 -30.82 -10.79 -31.46
CA ILE D 118 -31.92 -10.54 -30.53
C ILE D 118 -31.44 -10.03 -29.18
N TYR D 119 -31.91 -8.84 -28.82
CA TYR D 119 -31.58 -8.19 -27.55
C TYR D 119 -32.87 -8.28 -26.73
N HIS D 120 -32.82 -8.93 -25.58
CA HIS D 120 -34.03 -9.05 -24.77
C HIS D 120 -33.84 -8.93 -23.26
N GLU D 121 -33.05 -7.94 -22.84
CA GLU D 121 -32.85 -7.75 -21.40
C GLU D 121 -34.22 -7.46 -20.76
N ALA D 122 -35.05 -6.68 -21.45
CA ALA D 122 -36.35 -6.31 -20.91
C ALA D 122 -37.35 -7.47 -20.77
N SER D 123 -37.01 -8.63 -21.31
CA SER D 123 -37.90 -9.79 -21.25
C SER D 123 -37.89 -10.52 -19.91
N VAL D 124 -36.90 -10.24 -19.07
CA VAL D 124 -36.82 -10.86 -17.74
C VAL D 124 -36.50 -9.76 -16.73
N MET D 125 -37.39 -9.58 -15.75
CA MET D 125 -37.19 -8.56 -14.73
C MET D 125 -37.02 -7.14 -15.29
N ALA D 126 -37.75 -6.87 -16.37
CA ALA D 126 -37.72 -5.57 -17.03
C ALA D 126 -36.31 -4.99 -17.16
N GLY D 127 -36.15 -3.72 -16.81
CA GLY D 127 -34.85 -3.08 -16.93
C GLY D 127 -33.84 -3.48 -15.88
N THR D 128 -34.26 -4.34 -14.96
CA THR D 128 -33.35 -4.80 -13.93
C THR D 128 -32.37 -5.76 -14.58
N PRO D 129 -31.08 -5.64 -14.26
CA PRO D 129 -30.12 -6.55 -14.88
C PRO D 129 -30.36 -8.01 -14.51
N ALA D 130 -30.78 -8.80 -15.48
CA ALA D 130 -31.02 -10.22 -15.25
C ALA D 130 -30.18 -10.99 -16.25
N LEU D 131 -30.34 -10.67 -17.53
CA LEU D 131 -29.57 -11.36 -18.55
C LEU D 131 -28.10 -10.99 -18.44
N SER D 132 -27.82 -9.70 -18.25
CA SER D 132 -26.43 -9.26 -18.15
C SER D 132 -25.80 -9.90 -16.92
N PHE D 133 -26.60 -10.03 -15.86
CA PHE D 133 -26.17 -10.65 -14.61
C PHE D 133 -25.71 -12.07 -14.92
N LEU D 134 -26.53 -12.82 -15.65
CA LEU D 134 -26.18 -14.19 -15.98
C LEU D 134 -25.01 -14.26 -16.95
N GLU D 135 -24.88 -13.27 -17.82
CA GLU D 135 -23.77 -13.27 -18.77
C GLU D 135 -22.45 -13.23 -18.01
N THR D 136 -22.41 -12.45 -16.94
CA THR D 136 -21.20 -12.35 -16.13
C THR D 136 -21.02 -13.63 -15.32
N LEU D 137 -22.13 -14.22 -14.90
CA LEU D 137 -22.08 -15.46 -14.13
C LEU D 137 -21.50 -16.60 -14.97
N ARG D 138 -21.41 -16.41 -16.28
CA ARG D 138 -20.86 -17.43 -17.16
C ARG D 138 -19.42 -17.73 -16.78
N GLY D 139 -18.82 -16.83 -15.99
CA GLY D 139 -17.46 -17.01 -15.56
C GLY D 139 -17.35 -18.28 -14.71
N SER D 140 -18.46 -18.64 -14.09
CA SER D 140 -18.51 -19.83 -13.27
C SER D 140 -19.45 -20.87 -13.88
N GLU D 141 -19.58 -22.00 -13.20
CA GLU D 141 -20.47 -23.07 -13.64
C GLU D 141 -21.62 -23.06 -12.65
N LEU D 142 -22.83 -22.94 -13.16
CA LEU D 142 -24.02 -22.86 -12.33
C LEU D 142 -24.24 -24.08 -11.43
N LEU D 143 -24.55 -23.83 -10.17
CA LEU D 143 -24.84 -24.90 -9.23
C LEU D 143 -26.36 -24.96 -9.11
N GLU D 144 -26.97 -23.80 -8.84
CA GLU D 144 -28.42 -23.69 -8.74
C GLU D 144 -28.89 -22.26 -8.95
N LEU D 145 -30.09 -22.10 -9.48
CA LEU D 145 -30.66 -20.79 -9.73
C LEU D 145 -32.10 -20.76 -9.24
N HIS D 146 -32.43 -19.70 -8.50
CA HIS D 146 -33.78 -19.53 -7.98
C HIS D 146 -34.16 -18.07 -8.10
N GLY D 147 -35.37 -17.80 -8.58
CA GLY D 147 -35.76 -16.42 -8.71
C GLY D 147 -37.25 -16.16 -8.54
N ILE D 148 -37.57 -14.93 -8.20
CA ILE D 148 -38.96 -14.48 -8.05
C ILE D 148 -39.05 -13.57 -9.26
N LEU D 149 -39.59 -14.12 -10.34
CA LEU D 149 -39.66 -13.43 -11.63
C LEU D 149 -40.96 -12.78 -12.07
N ASN D 150 -41.96 -12.75 -11.22
CA ASN D 150 -43.21 -12.13 -11.63
C ASN D 150 -43.65 -11.06 -10.64
N GLY D 151 -43.81 -9.84 -11.15
CA GLY D 151 -44.20 -8.73 -10.31
C GLY D 151 -45.59 -8.87 -9.70
N THR D 152 -46.53 -9.36 -10.49
CA THR D 152 -47.91 -9.52 -10.03
C THR D 152 -48.04 -10.50 -8.85
N THR D 153 -47.52 -11.71 -9.00
CA THR D 153 -47.62 -12.69 -7.93
C THR D 153 -46.80 -12.27 -6.70
N LEU D 154 -45.70 -11.55 -6.91
CA LEU D 154 -44.91 -11.10 -5.79
C LEU D 154 -45.77 -10.13 -4.98
N TYR D 155 -46.34 -9.15 -5.67
CA TYR D 155 -47.19 -8.14 -5.04
C TYR D 155 -48.34 -8.79 -4.27
N ILE D 156 -49.00 -9.77 -4.88
CA ILE D 156 -50.12 -10.43 -4.22
C ILE D 156 -49.73 -11.14 -2.93
N LEU D 157 -48.63 -11.88 -2.95
CA LEU D 157 -48.20 -12.58 -1.74
C LEU D 157 -47.77 -11.62 -0.63
N GLN D 158 -47.12 -10.51 -1.01
CA GLN D 158 -46.68 -9.52 -0.04
C GLN D 158 -47.88 -8.91 0.68
N GLU D 159 -48.92 -8.60 -0.09
CA GLU D 159 -50.13 -7.99 0.48
C GLU D 159 -50.95 -9.01 1.28
N MET D 160 -50.96 -10.26 0.83
CA MET D 160 -51.70 -11.28 1.56
C MET D 160 -51.05 -11.63 2.89
N GLU D 161 -49.72 -11.54 2.97
CA GLU D 161 -49.08 -11.86 4.24
C GLU D 161 -49.32 -10.72 5.24
N LYS D 162 -49.79 -9.58 4.75
CA LYS D 162 -50.13 -8.45 5.62
C LYS D 162 -51.58 -8.62 6.06
N GLY D 163 -52.23 -9.68 5.58
CA GLY D 163 -53.61 -9.94 5.95
C GLY D 163 -54.67 -9.63 4.90
N ARG D 164 -54.28 -9.09 3.75
CA ARG D 164 -55.27 -8.77 2.73
C ARG D 164 -55.68 -10.04 1.99
N THR D 165 -56.94 -10.11 1.57
CA THR D 165 -57.40 -11.31 0.85
C THR D 165 -56.80 -11.33 -0.56
N TYR D 166 -56.91 -12.50 -1.19
CA TYR D 166 -56.42 -12.70 -2.55
C TYR D 166 -57.07 -11.68 -3.49
N ALA D 167 -58.39 -11.56 -3.40
CA ALA D 167 -59.11 -10.63 -4.27
C ALA D 167 -58.74 -9.17 -4.03
N GLU D 168 -58.60 -8.77 -2.77
CA GLU D 168 -58.25 -7.39 -2.45
C GLU D 168 -56.87 -7.06 -3.02
N ALA D 169 -55.96 -8.01 -2.81
CA ALA D 169 -54.58 -7.85 -3.29
C ALA D 169 -54.54 -7.79 -4.81
N LEU D 170 -55.21 -8.73 -5.46
CA LEU D 170 -55.22 -8.77 -6.94
C LEU D 170 -55.81 -7.50 -7.52
N LEU D 171 -56.95 -7.05 -6.99
CA LEU D 171 -57.61 -5.85 -7.47
C LEU D 171 -56.73 -4.62 -7.34
N GLU D 172 -56.03 -4.51 -6.21
CA GLU D 172 -55.17 -3.34 -5.99
C GLU D 172 -54.02 -3.37 -7.00
N ALA D 173 -53.45 -4.56 -7.22
CA ALA D 173 -52.36 -4.71 -8.16
C ALA D 173 -52.80 -4.18 -9.53
N GLN D 174 -54.00 -4.54 -9.95
CA GLN D 174 -54.50 -4.09 -11.24
C GLN D 174 -54.76 -2.59 -11.27
N ARG D 175 -55.34 -2.06 -10.21
CA ARG D 175 -55.64 -0.64 -10.13
C ARG D 175 -54.39 0.22 -10.17
N LEU D 176 -53.36 -0.20 -9.43
CA LEU D 176 -52.11 0.54 -9.38
C LEU D 176 -51.19 0.28 -10.57
N GLY D 177 -51.49 -0.77 -11.34
CA GLY D 177 -50.68 -1.06 -12.52
C GLY D 177 -49.77 -2.26 -12.46
N TYR D 178 -49.68 -2.90 -11.29
CA TYR D 178 -48.81 -4.07 -11.09
C TYR D 178 -49.37 -5.36 -11.67
N ALA D 179 -50.54 -5.28 -12.30
CA ALA D 179 -51.17 -6.46 -12.89
C ALA D 179 -52.10 -6.08 -14.03
N GLU D 180 -52.20 -6.94 -15.03
CA GLU D 180 -53.05 -6.70 -16.20
C GLU D 180 -54.51 -7.04 -16.00
N ALA D 181 -55.33 -6.65 -16.97
CA ALA D 181 -56.77 -6.91 -16.94
C ALA D 181 -57.02 -8.39 -16.66
N ASP D 182 -56.31 -9.23 -17.40
CA ASP D 182 -56.39 -10.68 -17.24
C ASP D 182 -55.01 -11.15 -16.77
N PRO D 183 -54.85 -11.38 -15.46
CA PRO D 183 -53.59 -11.83 -14.87
C PRO D 183 -53.39 -13.34 -14.84
N THR D 184 -54.25 -14.08 -15.52
CA THR D 184 -54.18 -15.54 -15.56
C THR D 184 -52.76 -16.11 -15.74
N LEU D 185 -52.09 -15.74 -16.83
CA LEU D 185 -50.75 -16.23 -17.11
C LEU D 185 -49.77 -15.93 -15.98
N ASP D 186 -50.03 -14.85 -15.25
CA ASP D 186 -49.15 -14.48 -14.14
C ASP D 186 -49.44 -15.33 -12.92
N VAL D 187 -50.69 -15.31 -12.47
CA VAL D 187 -51.09 -16.07 -11.30
C VAL D 187 -50.93 -17.58 -11.41
N GLU D 188 -50.85 -18.10 -12.63
CA GLU D 188 -50.69 -19.53 -12.83
C GLU D 188 -49.22 -19.90 -12.98
N GLY D 189 -48.35 -18.90 -12.84
CA GLY D 189 -46.92 -19.13 -12.92
C GLY D 189 -46.35 -19.33 -14.31
N ILE D 190 -47.16 -19.06 -15.34
CA ILE D 190 -46.71 -19.23 -16.71
C ILE D 190 -45.69 -18.18 -17.11
N ASP D 191 -45.91 -16.93 -16.67
CA ASP D 191 -45.00 -15.86 -16.99
C ASP D 191 -43.63 -16.14 -16.38
N ALA D 192 -43.65 -16.71 -15.17
CA ALA D 192 -42.41 -17.06 -14.50
C ALA D 192 -41.75 -18.18 -15.30
N ALA D 193 -42.55 -19.13 -15.77
CA ALA D 193 -42.04 -20.24 -16.55
C ALA D 193 -41.39 -19.74 -17.83
N HIS D 194 -42.00 -18.76 -18.47
CA HIS D 194 -41.46 -18.19 -19.70
C HIS D 194 -40.06 -17.66 -19.42
N LYS D 195 -39.98 -16.80 -18.42
CA LYS D 195 -38.73 -16.16 -18.04
C LYS D 195 -37.66 -17.15 -17.62
N LEU D 196 -38.05 -18.15 -16.84
CA LEU D 196 -37.09 -19.15 -16.38
C LEU D 196 -36.48 -19.89 -17.58
N THR D 197 -37.30 -20.13 -18.59
CA THR D 197 -36.82 -20.82 -19.79
C THR D 197 -35.71 -20.01 -20.45
N LEU D 198 -35.93 -18.71 -20.56
CA LEU D 198 -34.95 -17.80 -21.15
C LEU D 198 -33.64 -17.82 -20.36
N LEU D 199 -33.73 -17.82 -19.04
CA LEU D 199 -32.52 -17.84 -18.22
C LEU D 199 -31.76 -19.13 -18.45
N ALA D 200 -32.47 -20.24 -18.52
CA ALA D 200 -31.86 -21.55 -18.72
C ALA D 200 -31.10 -21.62 -20.04
N ARG D 201 -31.70 -21.07 -21.09
CA ARG D 201 -31.09 -21.07 -22.42
C ARG D 201 -29.84 -20.21 -22.50
N LEU D 202 -29.86 -19.10 -21.78
CA LEU D 202 -28.71 -18.20 -21.81
C LEU D 202 -27.52 -18.81 -21.09
N LEU D 203 -27.78 -19.52 -20.00
CA LEU D 203 -26.71 -20.08 -19.20
C LEU D 203 -26.31 -21.55 -19.34
N VAL D 204 -27.26 -22.48 -19.36
CA VAL D 204 -26.91 -23.90 -19.41
C VAL D 204 -27.29 -24.80 -20.60
N ASP D 205 -28.32 -24.42 -21.35
CA ASP D 205 -28.75 -25.23 -22.48
C ASP D 205 -29.44 -24.31 -23.48
N PRO D 206 -28.77 -24.01 -24.60
CA PRO D 206 -29.35 -23.13 -25.61
C PRO D 206 -30.67 -23.62 -26.18
N GLY D 207 -30.95 -24.90 -25.99
CA GLY D 207 -32.19 -25.47 -26.51
C GLY D 207 -33.21 -25.88 -25.46
N PHE D 208 -33.06 -25.40 -24.23
CA PHE D 208 -34.00 -25.78 -23.17
C PHE D 208 -35.44 -25.49 -23.61
N PRO D 209 -36.26 -26.54 -23.67
CA PRO D 209 -37.66 -26.37 -24.09
C PRO D 209 -38.60 -25.86 -23.00
N PHE D 210 -39.39 -24.85 -23.36
CA PHE D 210 -40.36 -24.27 -22.45
C PHE D 210 -41.30 -25.33 -21.90
N ALA D 211 -41.71 -26.26 -22.75
CA ALA D 211 -42.62 -27.34 -22.34
C ALA D 211 -42.09 -28.22 -21.21
N GLU D 212 -40.79 -28.14 -20.93
CA GLU D 212 -40.23 -28.95 -19.86
C GLU D 212 -40.27 -28.30 -18.48
N VAL D 213 -40.65 -27.03 -18.43
CA VAL D 213 -40.74 -26.34 -17.16
C VAL D 213 -42.05 -26.81 -16.50
N GLU D 214 -41.98 -27.20 -15.23
CA GLU D 214 -43.18 -27.63 -14.50
C GLU D 214 -43.65 -26.41 -13.72
N ALA D 215 -44.82 -25.87 -14.06
CA ALA D 215 -45.31 -24.68 -13.39
C ALA D 215 -46.60 -24.87 -12.60
N GLN D 216 -46.67 -24.16 -11.48
CA GLN D 216 -47.82 -24.16 -10.58
C GLN D 216 -47.91 -22.73 -10.07
N GLY D 217 -49.13 -22.20 -9.96
CA GLY D 217 -49.31 -20.84 -9.49
C GLY D 217 -49.66 -20.68 -8.02
N ILE D 218 -50.20 -19.52 -7.67
CA ILE D 218 -50.54 -19.20 -6.29
C ILE D 218 -52.03 -19.31 -5.98
N ALA D 219 -52.81 -19.88 -6.88
CA ALA D 219 -54.26 -20.00 -6.68
C ALA D 219 -54.70 -20.71 -5.40
N ARG D 220 -53.84 -21.53 -4.82
CA ARG D 220 -54.20 -22.25 -3.60
C ARG D 220 -53.88 -21.46 -2.33
N LEU D 221 -53.00 -20.48 -2.46
CA LEU D 221 -52.56 -19.69 -1.30
C LEU D 221 -53.63 -18.80 -0.69
N THR D 222 -53.56 -18.69 0.65
CA THR D 222 -54.48 -17.89 1.45
C THR D 222 -53.66 -17.12 2.50
N PRO D 223 -54.23 -16.02 3.04
CA PRO D 223 -53.55 -15.20 4.06
C PRO D 223 -53.22 -16.06 5.27
N GLU D 224 -54.09 -17.00 5.57
CA GLU D 224 -53.87 -17.89 6.70
C GLU D 224 -52.59 -18.70 6.47
N VAL D 225 -52.45 -19.24 5.27
CA VAL D 225 -51.28 -20.04 4.91
C VAL D 225 -49.99 -19.22 5.02
N LEU D 226 -50.02 -17.98 4.55
CA LEU D 226 -48.85 -17.11 4.59
C LEU D 226 -48.45 -16.71 6.01
N GLN D 227 -49.45 -16.30 6.79
CA GLN D 227 -49.21 -15.89 8.17
C GLN D 227 -48.81 -17.07 9.05
N LYS D 228 -49.12 -18.29 8.59
CA LYS D 228 -48.75 -19.49 9.33
C LYS D 228 -47.33 -19.88 8.97
N ALA D 229 -46.81 -19.25 7.92
CA ALA D 229 -45.46 -19.50 7.49
C ALA D 229 -44.60 -18.49 8.22
N GLU D 230 -45.10 -17.25 8.30
CA GLU D 230 -44.39 -16.16 8.96
C GLU D 230 -44.14 -16.44 10.44
N ALA D 231 -45.17 -16.86 11.14
CA ALA D 231 -45.06 -17.16 12.55
C ALA D 231 -44.05 -18.30 12.73
N ARG D 232 -43.66 -18.93 11.62
CA ARG D 232 -42.70 -20.03 11.68
C ARG D 232 -41.35 -19.65 11.06
N GLY D 233 -41.12 -18.34 10.93
CA GLY D 233 -39.87 -17.86 10.34
C GLY D 233 -39.74 -18.09 8.86
N GLU D 234 -40.82 -18.52 8.21
CA GLU D 234 -40.78 -18.77 6.76
C GLU D 234 -41.64 -17.75 6.03
N ARG D 235 -41.37 -17.58 4.74
CA ARG D 235 -42.12 -16.68 3.88
C ARG D 235 -42.43 -17.48 2.62
N VAL D 236 -43.66 -17.41 2.14
CA VAL D 236 -44.02 -18.12 0.92
C VAL D 236 -43.87 -17.19 -0.28
N ARG D 237 -43.23 -17.69 -1.33
CA ARG D 237 -43.03 -16.92 -2.56
C ARG D 237 -43.07 -17.86 -3.75
N LEU D 238 -43.49 -17.34 -4.91
CA LEU D 238 -43.52 -18.15 -6.13
C LEU D 238 -42.10 -18.11 -6.66
N VAL D 239 -41.40 -19.23 -6.55
CA VAL D 239 -40.02 -19.33 -6.98
C VAL D 239 -39.82 -20.15 -8.26
N ALA D 240 -39.00 -19.61 -9.18
CA ALA D 240 -38.66 -20.29 -10.43
C ALA D 240 -37.27 -20.85 -10.18
N SER D 241 -37.13 -22.17 -10.27
CA SER D 241 -35.85 -22.82 -10.00
C SER D 241 -35.27 -23.62 -11.16
N LEU D 242 -33.94 -23.61 -11.25
CA LEU D 242 -33.19 -24.35 -12.26
C LEU D 242 -32.15 -25.11 -11.44
N PHE D 243 -32.27 -26.43 -11.40
CA PHE D 243 -31.33 -27.22 -10.61
C PHE D 243 -31.14 -28.63 -11.17
N GLY D 244 -30.04 -29.26 -10.77
CA GLY D 244 -29.75 -30.59 -11.26
C GLY D 244 -30.45 -31.71 -10.52
N GLU D 245 -30.89 -32.71 -11.28
CA GLU D 245 -31.55 -33.87 -10.72
C GLU D 245 -31.31 -35.03 -11.69
N GLY D 246 -30.64 -36.06 -11.20
CA GLY D 246 -30.36 -37.22 -12.04
C GLY D 246 -29.53 -36.88 -13.26
N GLY D 247 -28.49 -36.07 -13.05
CA GLY D 247 -27.61 -35.69 -14.13
C GLY D 247 -28.18 -34.75 -15.18
N ARG D 248 -29.41 -34.27 -14.98
CA ARG D 248 -30.04 -33.36 -15.93
C ARG D 248 -30.59 -32.11 -15.26
N TRP D 249 -30.70 -31.04 -16.03
CA TRP D 249 -31.22 -29.78 -15.52
C TRP D 249 -32.74 -29.86 -15.41
N ARG D 250 -33.25 -29.42 -14.27
CA ARG D 250 -34.69 -29.40 -14.02
C ARG D 250 -35.14 -27.95 -13.80
N ALA D 251 -36.27 -27.59 -14.39
CA ALA D 251 -36.82 -26.25 -14.24
C ALA D 251 -38.21 -26.38 -13.65
N ALA D 252 -38.50 -25.61 -12.61
CA ALA D 252 -39.81 -25.67 -11.99
C ALA D 252 -40.21 -24.33 -11.37
N VAL D 253 -41.50 -24.02 -11.45
CA VAL D 253 -42.05 -22.81 -10.85
C VAL D 253 -43.11 -23.30 -9.88
N ALA D 254 -43.01 -22.90 -8.62
CA ALA D 254 -43.98 -23.33 -7.61
C ALA D 254 -43.85 -22.55 -6.32
N PRO D 255 -44.93 -22.47 -5.54
CA PRO D 255 -44.87 -21.74 -4.27
C PRO D 255 -43.82 -22.45 -3.41
N ARG D 256 -42.99 -21.69 -2.72
CA ARG D 256 -41.94 -22.26 -1.87
C ARG D 256 -41.89 -21.58 -0.51
N ARG D 257 -41.54 -22.34 0.52
CA ARG D 257 -41.40 -21.81 1.86
C ARG D 257 -39.92 -21.45 2.02
N LEU D 258 -39.61 -20.16 2.08
CA LEU D 258 -38.24 -19.69 2.21
C LEU D 258 -37.94 -19.16 3.61
N PRO D 259 -36.72 -19.40 4.11
CA PRO D 259 -36.39 -18.90 5.45
C PRO D 259 -36.57 -17.39 5.31
N GLN D 260 -37.17 -16.75 6.31
CA GLN D 260 -37.39 -15.31 6.23
C GLN D 260 -36.11 -14.50 6.05
N ASP D 261 -34.98 -15.10 6.42
CA ASP D 261 -33.70 -14.43 6.33
C ASP D 261 -33.08 -14.47 4.94
N HIS D 262 -33.51 -15.44 4.14
CA HIS D 262 -32.97 -15.58 2.79
C HIS D 262 -33.21 -14.36 1.92
N PRO D 263 -32.21 -13.98 1.11
CA PRO D 263 -32.26 -12.83 0.20
C PRO D 263 -33.51 -12.76 -0.67
N LEU D 264 -33.99 -13.91 -1.12
CA LEU D 264 -35.19 -13.93 -1.96
C LEU D 264 -36.40 -13.52 -1.14
N ALA D 265 -36.46 -13.95 0.12
CA ALA D 265 -37.58 -13.61 1.00
C ALA D 265 -37.61 -12.15 1.43
N ARG D 266 -36.47 -11.47 1.36
CA ARG D 266 -36.35 -10.06 1.76
C ARG D 266 -36.44 -9.00 0.67
N ALA D 267 -36.20 -9.38 -0.59
CA ALA D 267 -36.25 -8.42 -1.67
C ALA D 267 -37.62 -7.76 -1.86
N ARG D 268 -37.66 -6.45 -2.06
CA ARG D 268 -38.93 -5.74 -2.26
C ARG D 268 -39.40 -5.91 -3.70
N GLY D 269 -38.45 -6.05 -4.62
CA GLY D 269 -38.80 -6.23 -6.01
C GLY D 269 -38.49 -7.64 -6.43
N ASN D 270 -38.58 -7.92 -7.73
CA ASN D 270 -38.28 -9.25 -8.19
C ASN D 270 -36.80 -9.52 -7.99
N ALA D 271 -36.42 -10.79 -7.99
CA ALA D 271 -35.03 -11.11 -7.73
C ALA D 271 -34.53 -12.42 -8.32
N LEU D 272 -33.22 -12.44 -8.55
CA LEU D 272 -32.54 -13.59 -9.10
C LEU D 272 -31.38 -13.94 -8.16
N TRP D 273 -31.37 -15.18 -7.68
CA TRP D 273 -30.35 -15.66 -6.74
C TRP D 273 -29.65 -16.86 -7.36
N VAL D 274 -28.32 -16.87 -7.29
CA VAL D 274 -27.56 -17.96 -7.88
C VAL D 274 -26.34 -18.40 -7.08
N ARG D 275 -25.99 -19.67 -7.20
CA ARG D 275 -24.78 -20.23 -6.59
C ARG D 275 -24.02 -20.85 -7.77
N ALA D 276 -22.75 -20.51 -7.92
CA ALA D 276 -21.94 -21.02 -9.01
C ALA D 276 -20.51 -21.24 -8.56
N ARG D 277 -19.80 -22.11 -9.26
CA ARG D 277 -18.41 -22.42 -8.93
C ARG D 277 -17.48 -21.78 -9.96
N PRO D 278 -16.45 -21.03 -9.51
CA PRO D 278 -16.03 -20.71 -8.14
C PRO D 278 -16.49 -19.35 -7.59
N LEU D 279 -17.35 -18.63 -8.30
CA LEU D 279 -17.77 -17.33 -7.79
C LEU D 279 -18.36 -17.37 -6.36
N GLY D 280 -19.31 -18.25 -6.16
CA GLY D 280 -19.99 -18.38 -4.88
C GLY D 280 -21.46 -18.05 -5.03
N GLU D 281 -22.00 -17.24 -4.11
CA GLU D 281 -23.40 -16.85 -4.11
C GLU D 281 -23.58 -15.38 -4.53
N ALA D 282 -24.36 -15.16 -5.59
CA ALA D 282 -24.60 -13.80 -6.07
C ALA D 282 -26.10 -13.56 -6.17
N PHE D 283 -26.49 -12.30 -6.12
CA PHE D 283 -27.91 -11.93 -6.09
C PHE D 283 -28.19 -10.58 -6.75
N VAL D 284 -29.33 -10.45 -7.42
CA VAL D 284 -29.67 -9.17 -8.04
C VAL D 284 -31.17 -8.95 -7.89
N THR D 285 -31.57 -7.71 -7.66
CA THR D 285 -32.99 -7.41 -7.48
C THR D 285 -33.39 -6.05 -8.03
N GLY D 286 -34.65 -5.92 -8.39
CA GLY D 286 -35.15 -4.67 -8.93
C GLY D 286 -36.58 -4.83 -9.44
N PRO D 287 -37.13 -3.80 -10.08
CA PRO D 287 -38.50 -3.87 -10.62
C PRO D 287 -38.64 -5.05 -11.61
N GLY D 288 -39.77 -5.75 -11.54
CA GLY D 288 -39.97 -6.88 -12.43
C GLY D 288 -40.95 -6.57 -13.55
N ALA D 289 -41.47 -5.35 -13.55
CA ALA D 289 -42.45 -4.95 -14.56
C ALA D 289 -42.71 -3.44 -14.51
N GLY D 290 -43.61 -2.96 -15.35
CA GLY D 290 -43.91 -1.54 -15.38
C GLY D 290 -43.46 -0.89 -16.68
N GLY D 291 -44.17 0.15 -17.11
CA GLY D 291 -43.84 0.84 -18.33
C GLY D 291 -42.43 1.41 -18.33
N GLY D 292 -42.12 2.24 -17.34
CA GLY D 292 -40.81 2.84 -17.26
C GLY D 292 -39.70 1.81 -17.07
N ALA D 293 -39.87 0.90 -16.12
CA ALA D 293 -38.88 -0.13 -15.83
C ALA D 293 -38.55 -0.94 -17.08
N THR D 294 -39.58 -1.26 -17.86
CA THR D 294 -39.38 -2.05 -19.07
C THR D 294 -38.73 -1.23 -20.19
N ALA D 295 -39.14 0.02 -20.32
CA ALA D 295 -38.58 0.89 -21.35
C ALA D 295 -37.08 1.07 -21.08
N SER D 296 -36.71 1.08 -19.80
CA SER D 296 -35.31 1.25 -19.42
C SER D 296 -34.51 0.07 -19.96
N GLY D 297 -35.09 -1.12 -19.91
CA GLY D 297 -34.42 -2.31 -20.40
C GLY D 297 -34.29 -2.27 -21.92
N LEU D 298 -35.34 -1.81 -22.58
CA LEU D 298 -35.30 -1.74 -24.04
C LEU D 298 -34.27 -0.72 -24.50
N PHE D 299 -34.22 0.42 -23.82
CA PHE D 299 -33.27 1.46 -24.19
C PHE D 299 -31.84 1.05 -23.85
N ALA D 300 -31.69 0.23 -22.82
CA ALA D 300 -30.36 -0.25 -22.42
C ALA D 300 -29.84 -1.14 -23.54
N ASP D 301 -30.72 -1.95 -24.13
CA ASP D 301 -30.30 -2.81 -25.23
C ASP D 301 -29.98 -2.00 -26.47
N LEU D 302 -30.70 -0.90 -26.66
CA LEU D 302 -30.45 -0.06 -27.82
C LEU D 302 -29.03 0.50 -27.71
N LEU D 303 -28.67 0.95 -26.51
CA LEU D 303 -27.33 1.50 -26.27
C LEU D 303 -26.29 0.39 -26.41
N ARG D 304 -26.66 -0.81 -25.99
CA ARG D 304 -25.77 -1.95 -26.11
C ARG D 304 -25.50 -2.15 -27.61
N PHE D 305 -26.56 -2.08 -28.41
CA PHE D 305 -26.41 -2.25 -29.85
C PHE D 305 -25.51 -1.17 -30.46
N LEU D 306 -25.73 0.08 -30.06
CA LEU D 306 -24.94 1.18 -30.60
C LEU D 306 -23.46 1.12 -30.21
N SER D 307 -23.14 0.35 -29.18
CA SER D 307 -21.76 0.22 -28.71
C SER D 307 -20.98 -0.82 -29.51
N GLY D 308 -21.68 -1.56 -30.34
CA GLY D 308 -21.04 -2.58 -31.15
C GLY D 308 -21.16 -3.97 -30.57
N ALA D 309 -21.86 -4.10 -29.45
CA ALA D 309 -22.01 -5.37 -28.79
C ALA D 309 -23.18 -6.17 -29.38
N PRO D 310 -23.00 -7.48 -29.55
CA PRO D 310 -24.08 -8.29 -30.11
C PRO D 310 -25.21 -8.46 -29.10
N GLY D 311 -26.31 -9.08 -29.54
CA GLY D 311 -27.44 -9.28 -28.65
C GLY D 311 -27.14 -10.38 -27.64
N HIS D 312 -28.16 -10.83 -26.92
CA HIS D 312 -27.98 -11.88 -25.93
C HIS D 312 -27.89 -13.25 -26.59
N LEU D 313 -26.73 -13.86 -26.48
CA LEU D 313 -26.47 -15.15 -27.09
C LEU D 313 -26.87 -16.33 -26.22
N PRO D 314 -27.37 -17.40 -26.85
CA PRO D 314 -27.76 -18.59 -26.09
C PRO D 314 -26.45 -19.22 -25.60
N ALA D 315 -26.54 -20.13 -24.64
CA ALA D 315 -25.36 -20.80 -24.12
C ALA D 315 -24.65 -21.41 -25.33
N PRO D 316 -23.31 -21.39 -25.35
CA PRO D 316 -22.65 -21.95 -26.53
C PRO D 316 -22.82 -23.46 -26.69
N ARG D 317 -23.08 -24.15 -25.59
CA ARG D 317 -23.26 -25.60 -25.61
C ARG D 317 -24.10 -26.07 -24.41
N ALA D 318 -24.82 -27.17 -24.60
CA ALA D 318 -25.61 -27.72 -23.51
C ALA D 318 -24.64 -28.46 -22.60
N ARG D 319 -24.82 -28.30 -21.30
CA ARG D 319 -23.95 -28.96 -20.35
C ARG D 319 -24.77 -29.55 -19.22
N PRO D 320 -24.32 -30.68 -18.66
CA PRO D 320 -25.05 -31.33 -17.57
C PRO D 320 -24.73 -30.61 -16.27
N PRO D 321 -25.58 -30.77 -15.26
CA PRO D 321 -25.34 -30.11 -13.96
C PRO D 321 -24.18 -30.73 -13.17
N LEU D 322 -23.33 -29.87 -12.61
CA LEU D 322 -22.18 -30.30 -11.82
C LEU D 322 -22.61 -30.93 -10.49
N GLU D 323 -23.79 -30.55 -10.02
CA GLU D 323 -24.29 -31.06 -8.75
C GLU D 323 -25.82 -31.16 -8.70
N GLU D 324 -26.32 -32.21 -8.05
CA GLU D 324 -27.76 -32.40 -7.89
C GLU D 324 -28.21 -31.41 -6.80
N GLY D 325 -29.39 -30.82 -6.97
CA GLY D 325 -29.86 -29.88 -5.98
C GLY D 325 -31.19 -30.25 -5.34
N SER D 326 -31.35 -29.93 -4.06
CA SER D 326 -32.61 -30.22 -3.37
C SER D 326 -33.31 -28.87 -3.28
N PRO D 327 -34.50 -28.76 -3.89
CA PRO D 327 -35.24 -27.49 -3.86
C PRO D 327 -35.86 -27.24 -2.49
N TRP D 328 -36.36 -26.03 -2.27
CA TRP D 328 -36.97 -25.70 -0.99
C TRP D 328 -38.32 -26.39 -0.90
N PRO D 329 -38.84 -26.58 0.32
CA PRO D 329 -40.13 -27.23 0.52
C PRO D 329 -41.27 -26.43 -0.10
N GLY D 330 -42.34 -27.14 -0.45
CA GLY D 330 -43.50 -26.51 -1.05
C GLY D 330 -44.57 -26.17 -0.03
N VAL D 331 -45.81 -26.03 -0.49
CA VAL D 331 -46.93 -25.70 0.38
C VAL D 331 -47.85 -26.89 0.70
MG MG E . 32.71 11.75 16.97
MG MG F . 23.87 19.11 40.90
N NO3 G . 43.14 15.36 13.91
O1 NO3 G . 43.63 15.96 12.96
O2 NO3 G . 42.35 14.44 13.71
O3 NO3 G . 43.43 15.69 15.05
MG MG H . 10.02 16.12 24.85
MG MG I . 18.33 3.22 11.16
C1 GOL J . 18.67 -1.09 -1.78
O1 GOL J . 18.55 0.17 -2.44
C2 GOL J . 19.46 -0.92 -0.47
O2 GOL J . 18.75 -0.04 0.40
C3 GOL J . 19.63 -2.27 0.23
O3 GOL J . 20.90 -2.30 0.90
MG MG K . -17.32 -7.46 -10.99
MG MG L . -15.06 -29.18 -14.84
N NO3 M . -11.15 -6.63 -1.39
O1 NO3 M . -10.22 -6.82 -2.18
O2 NO3 M . -12.22 -6.17 -1.82
O3 NO3 M . -11.01 -6.89 -0.20
C1 GOL N . -22.53 -4.66 -22.66
O1 GOL N . -23.77 -5.37 -22.76
C2 GOL N . -22.53 -3.45 -23.59
O2 GOL N . -23.25 -2.38 -22.99
C3 GOL N . -21.08 -3.02 -23.86
O3 GOL N . -21.01 -1.63 -24.23
MG MG O . -33.90 -7.48 -17.36
N NO3 P . -44.84 -9.12 -14.36
O1 NO3 P . -45.17 -8.91 -15.52
O2 NO3 P . -45.66 -8.98 -13.46
O3 NO3 P . -43.70 -9.49 -14.10
#